data_7DTT
#
_entry.id   7DTT
#
_cell.length_a   1.00
_cell.length_b   1.00
_cell.length_c   1.00
_cell.angle_alpha   90.00
_cell.angle_beta   90.00
_cell.angle_gamma   90.00
#
_symmetry.space_group_name_H-M   'P 1'
#
loop_
_entity.id
_entity.type
_entity.pdbx_description
1 polymer 'Extracellular calcium-sensing receptor'
2 branched 2-acetamido-2-deoxy-beta-D-glucopyranose-(1-4)-2-acetamido-2-deoxy-beta-D-glucopyranose
3 branched 2-acetamido-2-deoxy-beta-D-glucopyranose-(1-4)-2-acetamido-2-deoxy-beta-D-glucopyranose-(1-4)-2-acetamido-2-deoxy-beta-D-glucopyranose
4 non-polymer 'CALCIUM ION'
5 non-polymer 2-acetamido-2-deoxy-beta-D-glucopyranose
#
_entity_poly.entity_id   1
_entity_poly.type   'polypeptide(L)'
_entity_poly.pdbx_seq_one_letter_code
;MKTIIALSYIFCLVFADYKDDDDENLYFQGYGPDQRAQKKGDIILGGLFPIHFGVAAKDQDLKSRPESVECIRYNFRGFR
WLQAMIFAIEEINSSPALLPNLTLGYRIFDTCNTVSKALEATLSFVAQNKIDSLNLDEFCNCSEHIPSTIAVVGATGSGV
STAVANLLGLFYIPQVSYASSSRLLSNKNQFKSFLRTIPNDEHQATAMADIIEYFRWNWVGTIAADDDYGRPGIEKFREE
AEERDICIDFSELISQYSDEEEIQHVVEVIQNSTAKVIVVFSSGPDLEPLIKEIVRRNITGKIWLASEAWASSSLIAMPQ
YFHVVGGTIGFALKAGQIPGFREFLKKVHPRKSVHNGFAKEFWEETFNCHLQEGAKGPLPVDTFLRGHEESGDRFSNSST
AFRPLCTGDENISSVETPYIDYTHLRISYNVYLAVYSIAHALQDIYTCLPGRGLFTNGSCADIKKVEAWQVLKHLRHLNF
TNNMGEQVTFDECGDLVGNYSIINWHLSPEDGSIVFKEVGYYNVYAKKGERLFINEEKILWSGFSREVPFSNCSRDCLAG
TRKGIIEGEPTCCFECVECPDGEYSDETDASACNKCPDDFWSNENHTSCIAKEIEFLSWTEPFGIALTLFAVLGIFLTAF
VLGVFIKFRNTPIVKATNRELSYLLLFSLLCCFSSSLFFIGEPQDWTCRLRQPAFGISFVLCISCILVKTNRVLLVFEAK
IPTSFHRKWWGLNLQFLLVFLCTFMQIVICVIWLYTAPPSSYRNQELEDEIIFITCHEGSLMALGFLIGYTCLLAAICFF
FAFKSRKLPENFNEAKFITFSMLIFFIVWISFIPAYASTYGKFVSAVEVIAILAASFGLLACIFFNKIYIILFKPSRNTI
EEVRCSTAAHAFKVAARATLRRSNVSRKRSSSLGGSTGSTPSSSISSKSNSEDPFPQPERQKQQQPLALTQQEQQQQPLT
LPQQQRSQQQPRCKQKVIFGSGTVTFSLSFDEPQKNAMAHRNSTHQNSLEAQKSSDTLTRHEPLLPLQCGETDLDLTVQE
TGLQGPVGGDQRPEVEDPEELSPALVVSSSQSFVISGGGSTVTENVVNSHHHHHHHHHH
;
_entity_poly.pdbx_strand_id   A,B
#
# COMPACT_ATOMS: atom_id res chain seq x y z
N TYR A 31 12.09 -20.63 52.81
CA TYR A 31 12.12 -19.28 53.36
C TYR A 31 11.50 -18.29 52.38
N GLY A 32 11.87 -17.02 52.51
CA GLY A 32 11.33 -15.98 51.68
C GLY A 32 9.86 -15.75 51.95
N PRO A 33 9.01 -16.14 51.00
CA PRO A 33 7.56 -16.17 51.26
C PRO A 33 7.19 -17.32 52.17
N ASP A 34 6.05 -17.17 52.83
CA ASP A 34 5.59 -18.15 53.80
C ASP A 34 4.45 -19.01 53.26
N GLN A 35 4.28 -19.03 51.94
CA GLN A 35 3.30 -19.91 51.30
C GLN A 35 4.06 -20.78 50.32
N ARG A 36 4.60 -21.87 50.82
CA ARG A 36 5.37 -22.79 50.01
C ARG A 36 4.57 -24.05 49.78
N ALA A 37 5.21 -25.02 49.14
CA ALA A 37 4.73 -26.39 49.15
C ALA A 37 5.99 -27.25 49.24
N GLN A 38 6.38 -27.56 50.45
CA GLN A 38 7.73 -28.04 50.72
C GLN A 38 7.69 -29.51 51.12
N LYS A 39 8.66 -30.25 50.61
CA LYS A 39 8.81 -31.66 50.95
C LYS A 39 10.26 -32.03 50.74
N LYS A 40 10.85 -32.74 51.69
CA LYS A 40 12.27 -33.03 51.64
C LYS A 40 12.57 -34.10 50.59
N GLY A 41 13.85 -34.39 50.46
CA GLY A 41 14.31 -35.36 49.49
C GLY A 41 15.81 -35.29 49.39
N ASP A 42 16.36 -36.30 48.72
CA ASP A 42 17.80 -36.30 48.49
C ASP A 42 18.19 -35.22 47.50
N ILE A 43 17.32 -34.96 46.53
CA ILE A 43 17.55 -33.94 45.52
C ILE A 43 16.25 -33.17 45.40
N ILE A 44 16.34 -31.84 45.49
CA ILE A 44 15.17 -30.98 45.57
C ILE A 44 15.04 -30.22 44.26
N LEU A 45 13.83 -30.19 43.70
CA LEU A 45 13.61 -29.53 42.42
C LEU A 45 13.31 -28.04 42.54
N GLY A 46 12.16 -27.69 43.10
CA GLY A 46 11.71 -26.32 43.08
C GLY A 46 10.99 -25.95 41.79
N GLY A 47 10.03 -25.05 41.92
CA GLY A 47 9.21 -24.68 40.77
C GLY A 47 8.37 -23.47 41.09
N LEU A 48 7.83 -22.86 40.04
CA LEU A 48 7.11 -21.59 40.17
C LEU A 48 5.78 -21.73 39.45
N PHE A 49 4.74 -21.12 40.00
CA PHE A 49 3.39 -21.36 39.51
C PHE A 49 2.52 -20.14 39.76
N PRO A 50 1.56 -19.86 38.90
CA PRO A 50 0.66 -18.71 39.09
C PRO A 50 -0.61 -19.01 39.88
N ILE A 51 -0.48 -19.15 41.21
CA ILE A 51 -1.67 -19.49 41.99
C ILE A 51 -2.63 -18.33 42.04
N HIS A 52 -2.13 -17.11 42.04
CA HIS A 52 -2.99 -15.95 41.93
C HIS A 52 -2.91 -15.43 40.50
N PHE A 53 -3.58 -14.30 40.27
CA PHE A 53 -3.61 -13.73 38.93
C PHE A 53 -2.87 -12.41 38.82
N GLY A 54 -2.40 -11.88 39.93
CA GLY A 54 -1.78 -10.57 39.91
C GLY A 54 -1.83 -10.00 41.30
N VAL A 55 -1.15 -8.88 41.48
CA VAL A 55 -1.00 -8.31 42.81
C VAL A 55 -2.07 -7.26 43.03
N ALA A 56 -2.20 -6.82 44.28
CA ALA A 56 -3.16 -5.78 44.64
C ALA A 56 -2.84 -4.47 43.92
N ALA A 57 -3.88 -3.81 43.48
CA ALA A 57 -3.77 -2.61 42.65
C ALA A 57 -3.38 -1.37 43.43
N LYS A 58 -3.18 -1.46 44.73
CA LYS A 58 -2.78 -0.32 45.53
C LYS A 58 -1.36 0.08 45.19
N ASP A 59 -1.06 1.37 45.30
CA ASP A 59 0.25 1.88 44.97
C ASP A 59 0.93 2.40 46.23
N GLN A 60 2.24 2.23 46.30
CA GLN A 60 3.01 2.84 47.37
C GLN A 60 3.26 4.31 47.06
N ASP A 61 2.80 5.15 47.95
CA ASP A 61 3.18 6.55 47.97
C ASP A 61 4.54 6.75 48.61
N LEU A 62 5.09 5.69 49.20
CA LEU A 62 6.39 5.68 49.89
C LEU A 62 6.45 6.67 51.03
N LYS A 63 5.33 6.89 51.70
CA LYS A 63 5.37 7.62 52.96
C LYS A 63 5.96 6.74 54.06
N SER A 64 5.44 5.52 54.20
CA SER A 64 5.99 4.61 55.17
C SER A 64 7.04 3.72 54.53
N ARG A 65 7.59 2.84 55.36
CA ARG A 65 8.48 1.80 54.87
C ARG A 65 7.70 0.83 54.01
N PRO A 66 8.13 0.57 52.78
CA PRO A 66 7.29 -0.19 51.85
C PRO A 66 7.30 -1.67 52.18
N GLU A 67 6.11 -2.25 52.24
CA GLU A 67 5.94 -3.61 52.70
C GLU A 67 5.48 -4.50 51.55
N SER A 68 5.35 -5.79 51.83
CA SER A 68 5.11 -6.77 50.80
C SER A 68 3.70 -6.67 50.26
N VAL A 69 3.58 -6.60 48.94
CA VAL A 69 2.27 -6.46 48.30
C VAL A 69 1.54 -7.79 48.32
N GLU A 70 0.24 -7.74 48.48
CA GLU A 70 -0.59 -8.92 48.49
C GLU A 70 -1.21 -9.20 47.13
N CYS A 71 -1.24 -10.47 46.74
CA CYS A 71 -1.82 -10.80 45.44
C CYS A 71 -3.31 -10.93 45.69
N ILE A 72 -4.06 -10.99 44.58
CA ILE A 72 -5.48 -10.66 44.77
C ILE A 72 -6.41 -11.75 44.24
N ARG A 73 -6.40 -12.03 42.94
CA ARG A 73 -7.39 -12.95 42.41
C ARG A 73 -6.87 -14.37 42.62
N TYR A 74 -7.66 -15.38 42.25
CA TYR A 74 -7.27 -16.76 42.47
C TYR A 74 -7.39 -17.54 41.18
N ASN A 75 -6.43 -18.45 40.95
CA ASN A 75 -6.32 -19.17 39.68
C ASN A 75 -6.36 -20.68 39.93
N PHE A 76 -7.55 -21.25 39.77
CA PHE A 76 -7.73 -22.68 40.01
C PHE A 76 -6.98 -23.52 39.00
N ARG A 77 -6.86 -23.04 37.77
CA ARG A 77 -6.08 -23.76 36.77
C ARG A 77 -4.60 -23.78 37.15
N GLY A 78 -4.12 -22.68 37.74
CA GLY A 78 -2.76 -22.68 38.23
C GLY A 78 -2.55 -23.64 39.37
N PHE A 79 -3.54 -23.75 40.24
CA PHE A 79 -3.42 -24.74 41.31
C PHE A 79 -3.46 -26.17 40.77
N ARG A 80 -4.23 -26.41 39.71
CA ARG A 80 -4.23 -27.72 39.08
C ARG A 80 -2.87 -28.04 38.47
N TRP A 81 -2.21 -27.02 37.90
CA TRP A 81 -0.87 -27.23 37.36
C TRP A 81 0.11 -27.59 38.46
N LEU A 82 -0.03 -26.95 39.61
CA LEU A 82 0.80 -27.30 40.76
C LEU A 82 0.57 -28.73 41.20
N GLN A 83 -0.70 -29.16 41.21
CA GLN A 83 -1.01 -30.54 41.53
C GLN A 83 -0.42 -31.49 40.50
N ALA A 84 -0.34 -31.06 39.25
CA ALA A 84 0.25 -31.91 38.23
C ALA A 84 1.74 -32.07 38.43
N MET A 85 2.42 -31.05 38.94
CA MET A 85 3.83 -31.23 39.27
C MET A 85 3.99 -32.19 40.44
N ILE A 86 3.19 -31.97 41.49
CA ILE A 86 3.27 -32.79 42.70
C ILE A 86 2.96 -34.25 42.38
N PHE A 87 1.98 -34.48 41.51
CA PHE A 87 1.55 -35.83 41.16
C PHE A 87 2.66 -36.65 40.55
N ALA A 88 3.36 -36.06 39.58
CA ALA A 88 4.43 -36.80 38.93
C ALA A 88 5.61 -36.96 39.86
N ILE A 89 5.80 -36.03 40.81
CA ILE A 89 6.86 -36.24 41.78
C ILE A 89 6.54 -37.44 42.68
N GLU A 90 5.29 -37.57 43.10
CA GLU A 90 4.92 -38.73 43.92
C GLU A 90 4.96 -40.02 43.13
N GLU A 91 4.62 -39.96 41.83
CA GLU A 91 4.66 -41.17 41.02
C GLU A 91 6.09 -41.64 40.78
N ILE A 92 7.01 -40.71 40.57
CA ILE A 92 8.42 -41.08 40.45
C ILE A 92 8.95 -41.63 41.77
N ASN A 93 8.57 -41.00 42.88
CA ASN A 93 9.03 -41.48 44.18
C ASN A 93 8.43 -42.83 44.55
N SER A 94 7.28 -43.18 43.98
CA SER A 94 6.71 -44.50 44.24
C SER A 94 7.29 -45.56 43.32
N SER A 95 7.56 -45.22 42.07
CA SER A 95 8.05 -46.23 41.13
C SER A 95 9.52 -46.54 41.38
N PRO A 96 9.89 -47.80 41.63
CA PRO A 96 11.29 -48.16 41.78
C PRO A 96 12.02 -48.37 40.46
N ALA A 97 11.27 -48.44 39.36
CA ALA A 97 11.85 -48.61 38.03
C ALA A 97 12.47 -47.33 37.50
N LEU A 98 12.29 -46.21 38.19
CA LEU A 98 12.92 -44.95 37.81
C LEU A 98 13.45 -44.32 39.08
N LEU A 99 14.77 -44.08 39.10
CA LEU A 99 15.49 -43.56 40.26
C LEU A 99 15.25 -44.36 41.54
N PRO A 100 15.76 -45.58 41.64
CA PRO A 100 15.57 -46.34 42.87
C PRO A 100 16.56 -45.91 43.94
N ASN A 101 16.17 -46.14 45.20
CA ASN A 101 16.98 -45.84 46.39
C ASN A 101 17.31 -44.36 46.52
N LEU A 102 16.48 -43.51 45.92
CA LEU A 102 16.74 -42.07 45.82
C LEU A 102 15.41 -41.37 45.68
N THR A 103 15.03 -40.56 46.65
CA THR A 103 13.77 -39.82 46.58
C THR A 103 14.03 -38.40 46.11
N LEU A 104 12.97 -37.73 45.67
CA LEU A 104 13.07 -36.36 45.16
C LEU A 104 12.23 -35.43 46.02
N GLY A 105 12.73 -34.21 46.22
CA GLY A 105 12.02 -33.20 46.96
C GLY A 105 11.66 -32.00 46.09
N TYR A 106 10.93 -31.07 46.68
CA TYR A 106 10.49 -29.90 45.94
C TYR A 106 10.16 -28.77 46.90
N ARG A 107 10.60 -27.56 46.54
CA ARG A 107 10.15 -26.34 47.20
C ARG A 107 9.43 -25.53 46.15
N ILE A 108 8.14 -25.73 46.05
CA ILE A 108 7.35 -25.02 45.07
C ILE A 108 6.89 -23.71 45.67
N PHE A 109 7.21 -22.62 45.02
CA PHE A 109 6.75 -21.32 45.43
C PHE A 109 5.58 -20.89 44.57
N ASP A 110 5.18 -19.65 44.74
CA ASP A 110 4.11 -19.07 43.95
C ASP A 110 4.46 -17.67 43.51
N THR A 111 4.64 -17.49 42.23
CA THR A 111 4.69 -16.17 41.63
C THR A 111 3.25 -15.77 41.45
N CYS A 112 2.88 -14.59 41.93
CA CYS A 112 1.52 -14.10 41.67
C CYS A 112 1.50 -13.37 40.32
N ASN A 113 2.01 -14.08 39.30
CA ASN A 113 2.14 -13.64 37.92
C ASN A 113 2.93 -12.35 37.78
N THR A 114 3.89 -12.10 38.67
CA THR A 114 4.67 -10.87 38.61
C THR A 114 6.15 -11.16 38.77
N VAL A 115 6.94 -10.26 38.19
CA VAL A 115 8.39 -10.40 38.18
C VAL A 115 8.95 -10.26 39.59
N SER A 116 8.36 -9.38 40.40
CA SER A 116 8.85 -9.19 41.76
C SER A 116 8.59 -10.41 42.62
N LYS A 117 7.38 -10.97 42.55
CA LYS A 117 7.08 -12.17 43.32
C LYS A 117 7.85 -13.37 42.81
N ALA A 118 8.21 -13.37 41.53
CA ALA A 118 9.06 -14.45 41.04
C ALA A 118 10.48 -14.33 41.53
N LEU A 119 11.02 -13.12 41.53
CA LEU A 119 12.39 -12.91 41.92
C LEU A 119 12.59 -13.10 43.40
N GLU A 120 11.57 -12.82 44.21
CA GLU A 120 11.62 -13.14 45.63
C GLU A 120 11.81 -14.63 45.86
N ALA A 121 11.20 -15.45 45.04
CA ALA A 121 11.35 -16.88 45.21
C ALA A 121 12.69 -17.37 44.65
N THR A 122 13.02 -16.97 43.44
CA THR A 122 14.24 -17.49 42.86
C THR A 122 15.48 -16.81 43.37
N LEU A 123 15.38 -15.89 44.32
CA LEU A 123 16.54 -15.56 45.11
C LEU A 123 16.75 -16.54 46.25
N SER A 124 15.68 -17.09 46.78
CA SER A 124 15.78 -18.14 47.78
C SER A 124 16.14 -19.48 47.18
N PHE A 125 15.90 -19.65 45.87
CA PHE A 125 16.43 -20.83 45.20
C PHE A 125 17.95 -20.85 45.21
N VAL A 126 18.57 -19.75 44.85
CA VAL A 126 20.02 -19.68 44.78
C VAL A 126 20.53 -19.10 46.09
N ALA A 127 20.66 -19.94 47.08
CA ALA A 127 21.29 -19.50 48.30
C ALA A 127 22.57 -20.25 48.59
N GLN A 128 22.54 -21.58 48.54
CA GLN A 128 23.74 -22.36 48.72
C GLN A 128 24.67 -22.23 47.52
N ASN A 129 24.17 -21.81 46.38
CA ASN A 129 24.99 -21.52 45.21
C ASN A 129 25.71 -20.20 45.32
N LYS A 130 25.36 -19.37 46.30
CA LYS A 130 25.93 -18.03 46.43
C LYS A 130 27.23 -18.11 47.22
N ILE A 131 28.21 -18.78 46.60
CA ILE A 131 29.52 -19.01 47.19
C ILE A 131 30.54 -18.47 46.19
N ASP A 132 30.17 -18.48 44.91
CA ASP A 132 31.13 -18.19 43.85
C ASP A 132 31.50 -16.71 43.82
N SER A 133 30.55 -15.83 43.58
CA SER A 133 30.83 -14.40 43.62
C SER A 133 30.88 -13.87 45.03
N LEU A 134 29.77 -13.92 45.75
CA LEU A 134 29.72 -13.54 47.15
C LEU A 134 30.23 -14.73 47.95
N ASN A 135 31.54 -14.77 48.20
CA ASN A 135 32.09 -15.76 49.12
C ASN A 135 31.85 -15.37 50.56
N LEU A 136 31.24 -14.21 50.81
CA LEU A 136 30.89 -13.72 52.13
C LEU A 136 29.57 -14.27 52.63
N ASP A 137 29.20 -15.47 52.20
CA ASP A 137 27.97 -16.09 52.65
C ASP A 137 28.09 -16.53 54.10
N GLU A 138 29.19 -17.22 54.40
CA GLU A 138 29.46 -17.69 55.76
C GLU A 138 28.47 -18.73 56.23
N PHE A 139 27.26 -18.71 55.67
CA PHE A 139 26.22 -19.65 56.05
C PHE A 139 25.64 -19.27 57.40
N CYS A 140 26.17 -19.86 58.46
CA CYS A 140 25.70 -19.57 59.82
C CYS A 140 24.18 -19.63 59.96
N ASN A 141 23.51 -20.44 59.14
CA ASN A 141 22.06 -20.52 59.21
C ASN A 141 21.51 -21.94 59.18
N CYS A 142 22.24 -22.91 58.62
CA CYS A 142 21.77 -24.28 58.55
C CYS A 142 22.94 -25.20 58.26
N SER A 143 22.86 -26.42 58.81
CA SER A 143 23.95 -27.39 58.66
C SER A 143 24.04 -27.88 57.22
N GLU A 144 22.91 -28.32 56.66
CA GLU A 144 22.87 -28.62 55.24
C GLU A 144 22.82 -27.37 54.40
N HIS A 145 22.59 -26.21 55.02
CA HIS A 145 22.67 -24.88 54.41
C HIS A 145 21.64 -24.72 53.28
N ILE A 146 20.44 -25.22 53.54
CA ILE A 146 19.31 -25.28 52.61
C ILE A 146 19.74 -25.99 51.34
N PRO A 147 19.72 -27.33 51.31
CA PRO A 147 20.28 -28.11 50.19
C PRO A 147 19.78 -27.67 48.82
N SER A 148 20.70 -27.63 47.87
CA SER A 148 20.55 -26.83 46.69
C SER A 148 19.51 -27.41 45.75
N THR A 149 18.72 -26.54 45.14
CA THR A 149 17.83 -26.96 44.08
C THR A 149 18.65 -27.35 42.86
N ILE A 150 18.13 -28.27 42.08
CA ILE A 150 18.90 -28.77 40.96
C ILE A 150 18.32 -28.30 39.63
N ALA A 151 17.03 -27.97 39.59
CA ALA A 151 16.37 -27.56 38.36
C ALA A 151 15.05 -26.94 38.73
N VAL A 152 14.81 -25.73 38.33
CA VAL A 152 13.51 -25.14 38.60
C VAL A 152 12.59 -25.52 37.47
N VAL A 153 11.30 -25.40 37.70
CA VAL A 153 10.29 -25.74 36.73
C VAL A 153 9.38 -24.54 36.59
N GLY A 154 9.51 -23.84 35.46
CA GLY A 154 8.33 -23.09 35.04
C GLY A 154 8.56 -21.63 34.78
N ALA A 155 7.85 -20.81 35.57
CA ALA A 155 7.54 -19.42 35.27
C ALA A 155 6.79 -19.31 33.95
N THR A 156 5.51 -19.67 34.00
CA THR A 156 4.59 -19.60 32.87
C THR A 156 4.59 -18.28 32.10
N GLY A 157 4.74 -17.15 32.76
CA GLY A 157 4.73 -15.90 32.04
C GLY A 157 6.03 -15.71 31.28
N SER A 158 5.93 -15.18 30.09
CA SER A 158 7.13 -15.02 29.31
C SER A 158 7.96 -13.83 29.75
N GLY A 159 7.37 -12.90 30.48
CA GLY A 159 8.14 -11.81 31.02
C GLY A 159 8.68 -12.21 32.37
N VAL A 160 8.08 -13.24 32.94
CA VAL A 160 8.52 -13.79 34.21
C VAL A 160 9.72 -14.70 34.02
N SER A 161 9.66 -15.56 33.01
CA SER A 161 10.76 -16.45 32.71
C SER A 161 11.98 -15.69 32.23
N THR A 162 11.78 -14.60 31.51
CA THR A 162 12.90 -13.78 31.07
C THR A 162 13.61 -13.15 32.24
N ALA A 163 12.89 -12.84 33.30
CA ALA A 163 13.52 -12.30 34.49
C ALA A 163 14.18 -13.36 35.33
N VAL A 164 13.59 -14.54 35.42
CA VAL A 164 14.19 -15.60 36.21
C VAL A 164 15.41 -16.23 35.53
N ALA A 165 15.33 -16.49 34.23
CA ALA A 165 16.42 -17.12 33.51
C ALA A 165 17.66 -16.26 33.42
N ASN A 166 17.53 -14.95 33.57
CA ASN A 166 18.71 -14.12 33.68
C ASN A 166 19.45 -14.41 34.96
N LEU A 167 18.73 -14.76 36.01
CA LEU A 167 19.34 -15.05 37.29
C LEU A 167 19.88 -16.46 37.36
N LEU A 168 19.19 -17.43 36.78
CA LEU A 168 19.62 -18.82 36.84
C LEU A 168 20.52 -19.20 35.69
N GLY A 169 21.22 -18.23 35.13
CA GLY A 169 22.15 -18.56 34.07
C GLY A 169 23.53 -18.29 34.61
N LEU A 170 23.57 -17.58 35.73
CA LEU A 170 24.84 -17.41 36.43
C LEU A 170 25.26 -18.72 37.08
N PHE A 171 24.32 -19.41 37.67
CA PHE A 171 24.61 -20.63 38.40
C PHE A 171 24.29 -21.87 37.59
N TYR A 172 23.89 -21.70 36.34
CA TYR A 172 23.72 -22.76 35.35
C TYR A 172 22.68 -23.77 35.76
N ILE A 173 21.76 -23.39 36.63
CA ILE A 173 20.65 -24.28 36.97
C ILE A 173 19.73 -24.38 35.77
N PRO A 174 19.34 -25.57 35.36
CA PRO A 174 18.44 -25.69 34.22
C PRO A 174 17.03 -25.29 34.59
N GLN A 175 16.46 -24.42 33.78
CA GLN A 175 15.08 -24.01 33.95
C GLN A 175 14.27 -24.67 32.84
N VAL A 176 13.25 -25.42 33.23
CA VAL A 176 12.40 -26.07 32.24
C VAL A 176 11.02 -25.46 32.30
N SER A 177 10.76 -24.45 31.49
CA SER A 177 9.46 -23.82 31.50
C SER A 177 8.42 -24.74 30.87
N TYR A 178 7.18 -24.61 31.31
CA TYR A 178 6.14 -25.42 30.74
C TYR A 178 5.21 -24.64 29.84
N ALA A 179 5.10 -23.33 30.02
CA ALA A 179 4.15 -22.55 29.24
C ALA A 179 4.67 -21.22 28.75
N SER A 180 5.88 -20.82 29.09
CA SER A 180 6.41 -19.59 28.53
C SER A 180 6.90 -19.88 27.13
N SER A 181 6.41 -19.15 26.14
CA SER A 181 6.58 -19.59 24.77
C SER A 181 6.84 -18.43 23.84
N SER A 182 7.81 -17.59 24.14
CA SER A 182 8.17 -16.56 23.19
C SER A 182 9.46 -16.93 22.51
N ARG A 183 9.75 -16.22 21.42
CA ARG A 183 10.94 -16.52 20.65
C ARG A 183 12.17 -15.83 21.19
N LEU A 184 12.03 -14.96 22.19
CA LEU A 184 13.21 -14.33 22.73
C LEU A 184 13.98 -15.28 23.62
N LEU A 185 13.28 -16.22 24.23
CA LEU A 185 13.92 -17.16 25.14
C LEU A 185 14.76 -18.18 24.43
N SER A 186 14.54 -18.39 23.14
CA SER A 186 15.41 -19.24 22.34
C SER A 186 16.59 -18.47 21.77
N ASN A 187 17.34 -17.80 22.63
CA ASN A 187 18.53 -17.05 22.24
C ASN A 187 19.61 -17.48 23.23
N LYS A 188 20.39 -18.46 22.85
CA LYS A 188 21.20 -19.17 23.83
C LYS A 188 22.51 -18.47 24.15
N ASN A 189 22.77 -17.31 23.58
CA ASN A 189 23.90 -16.51 24.07
C ASN A 189 23.59 -15.86 25.39
N GLN A 190 22.33 -15.59 25.67
CA GLN A 190 21.94 -14.90 26.88
C GLN A 190 21.27 -15.83 27.89
N PHE A 191 20.30 -16.62 27.45
CA PHE A 191 19.65 -17.59 28.31
C PHE A 191 20.35 -18.92 28.14
N LYS A 192 21.45 -19.08 28.86
CA LYS A 192 22.32 -20.22 28.62
C LYS A 192 21.77 -21.51 29.19
N SER A 193 20.84 -21.44 30.13
CA SER A 193 20.25 -22.63 30.72
C SER A 193 18.75 -22.48 30.69
N PHE A 194 18.13 -22.77 29.56
CA PHE A 194 16.68 -22.62 29.47
C PHE A 194 16.15 -23.63 28.47
N LEU A 195 15.26 -24.47 28.91
CA LEU A 195 14.61 -25.45 28.07
C LEU A 195 13.12 -25.27 28.22
N ARG A 196 12.33 -25.68 27.23
CA ARG A 196 10.90 -25.61 27.45
C ARG A 196 10.17 -26.70 26.69
N THR A 197 9.12 -27.20 27.31
CA THR A 197 8.30 -28.25 26.73
C THR A 197 7.01 -27.66 26.15
N ILE A 198 7.13 -26.48 25.56
CA ILE A 198 6.03 -25.89 24.82
C ILE A 198 6.62 -25.44 23.50
N PRO A 199 5.89 -25.52 22.39
CA PRO A 199 6.40 -24.99 21.13
C PRO A 199 6.71 -23.51 21.20
N ASN A 200 7.62 -23.08 20.33
CA ASN A 200 7.93 -21.69 20.11
C ASN A 200 6.71 -20.96 19.55
N ASP A 201 6.81 -19.64 19.46
CA ASP A 201 5.75 -18.87 18.83
C ASP A 201 6.15 -18.32 17.47
N GLU A 202 7.09 -18.96 16.80
CA GLU A 202 7.23 -18.66 15.39
C GLU A 202 6.31 -19.52 14.56
N HIS A 203 5.73 -20.55 15.13
CA HIS A 203 4.76 -21.36 14.42
C HIS A 203 3.35 -20.83 14.54
N GLN A 204 3.00 -20.30 15.69
CA GLN A 204 1.63 -19.85 15.91
C GLN A 204 1.34 -18.57 15.13
N ALA A 205 2.32 -17.68 15.04
CA ALA A 205 2.11 -16.48 14.25
C ALA A 205 2.10 -16.77 12.78
N THR A 206 2.75 -17.85 12.35
CA THR A 206 2.61 -18.27 10.96
C THR A 206 1.24 -18.88 10.71
N ALA A 207 0.74 -19.63 11.69
CA ALA A 207 -0.56 -20.26 11.54
C ALA A 207 -1.67 -19.23 11.48
N MET A 208 -1.53 -18.14 12.22
CA MET A 208 -2.57 -17.12 12.12
C MET A 208 -2.46 -16.29 10.87
N ALA A 209 -1.37 -16.39 10.12
CA ALA A 209 -1.36 -15.83 8.78
C ALA A 209 -1.95 -16.81 7.78
N ASP A 210 -1.70 -18.09 7.98
CA ASP A 210 -2.22 -19.10 7.06
C ASP A 210 -3.72 -19.23 7.18
N ILE A 211 -4.27 -18.95 8.35
CA ILE A 211 -5.73 -19.00 8.51
C ILE A 211 -6.40 -17.93 7.69
N ILE A 212 -5.88 -16.71 7.77
CA ILE A 212 -6.45 -15.59 7.01
C ILE A 212 -6.20 -15.78 5.53
N GLU A 213 -5.09 -16.40 5.16
CA GLU A 213 -4.85 -16.71 3.77
C GLU A 213 -5.81 -17.79 3.28
N TYR A 214 -6.22 -18.68 4.17
CA TYR A 214 -7.14 -19.74 3.78
C TYR A 214 -8.56 -19.22 3.64
N PHE A 215 -8.99 -18.34 4.52
CA PHE A 215 -10.33 -17.81 4.41
C PHE A 215 -10.42 -16.58 3.53
N ARG A 216 -9.28 -16.09 3.04
CA ARG A 216 -9.17 -15.00 2.06
C ARG A 216 -9.82 -13.71 2.56
N TRP A 217 -9.18 -13.14 3.58
CA TRP A 217 -9.40 -11.76 3.97
C TRP A 217 -8.13 -10.98 3.67
N ASN A 218 -8.24 -9.66 3.62
CA ASN A 218 -7.02 -8.89 3.46
C ASN A 218 -7.05 -7.63 4.28
N TRP A 219 -7.85 -7.59 5.33
CA TRP A 219 -8.00 -6.35 6.08
C TRP A 219 -8.32 -6.75 7.52
N VAL A 220 -7.27 -6.81 8.34
CA VAL A 220 -7.35 -7.34 9.69
C VAL A 220 -6.84 -6.30 10.67
N GLY A 221 -6.98 -6.61 11.95
CA GLY A 221 -6.47 -5.74 12.99
C GLY A 221 -5.76 -6.55 14.05
N THR A 222 -4.73 -5.96 14.64
CA THR A 222 -3.91 -6.65 15.61
C THR A 222 -3.93 -5.94 16.94
N ILE A 223 -4.01 -6.72 18.01
CA ILE A 223 -3.95 -6.21 19.37
C ILE A 223 -3.05 -7.16 20.16
N ALA A 224 -2.05 -6.64 20.82
CA ALA A 224 -1.12 -7.51 21.53
C ALA A 224 -0.93 -7.02 22.95
N ALA A 225 -0.68 -7.95 23.86
CA ALA A 225 -0.35 -7.57 25.22
C ALA A 225 1.06 -7.01 25.26
N ASP A 226 1.24 -5.91 25.98
CA ASP A 226 2.53 -5.23 25.96
C ASP A 226 3.46 -5.85 26.99
N ASP A 227 3.92 -7.06 26.66
CA ASP A 227 4.97 -7.72 27.43
C ASP A 227 5.73 -8.60 26.46
N ASP A 228 6.54 -9.49 26.97
CA ASP A 228 7.32 -10.26 26.01
C ASP A 228 6.59 -11.38 25.41
N TYR A 229 5.29 -11.56 25.58
CA TYR A 229 4.56 -12.61 24.88
C TYR A 229 3.89 -12.09 23.63
N GLY A 230 3.24 -10.94 23.71
CA GLY A 230 2.53 -10.42 22.57
C GLY A 230 3.38 -9.54 21.70
N ARG A 231 4.32 -8.81 22.29
CA ARG A 231 5.09 -7.85 21.52
C ARG A 231 6.02 -8.47 20.49
N PRO A 232 6.83 -9.48 20.78
CA PRO A 232 7.59 -10.09 19.68
C PRO A 232 6.79 -11.14 18.93
N GLY A 233 5.60 -11.47 19.39
CA GLY A 233 4.78 -12.44 18.70
C GLY A 233 3.95 -11.78 17.63
N ILE A 234 3.69 -10.48 17.78
CA ILE A 234 2.96 -9.79 16.74
C ILE A 234 3.90 -9.23 15.69
N GLU A 235 5.19 -9.10 16.00
CA GLU A 235 6.13 -8.70 14.96
C GLU A 235 6.35 -9.81 13.96
N LYS A 236 6.34 -11.06 14.42
CA LYS A 236 6.38 -12.19 13.52
C LYS A 236 5.13 -12.25 12.65
N PHE A 237 3.98 -11.91 13.21
CA PHE A 237 2.77 -11.92 12.40
C PHE A 237 2.76 -10.79 11.39
N ARG A 238 3.24 -9.62 11.77
CA ARG A 238 3.31 -8.52 10.82
C ARG A 238 4.30 -8.85 9.71
N GLU A 239 5.41 -9.48 10.04
CA GLU A 239 6.37 -9.84 9.00
C GLU A 239 5.85 -10.95 8.11
N GLU A 240 5.07 -11.89 8.65
CA GLU A 240 4.61 -13.01 7.86
C GLU A 240 3.19 -12.85 7.35
N ALA A 241 2.61 -11.67 7.49
CA ALA A 241 1.38 -11.35 6.77
C ALA A 241 1.58 -10.16 5.86
N GLU A 242 2.80 -9.92 5.44
CA GLU A 242 3.04 -9.04 4.31
C GLU A 242 3.57 -9.78 3.11
N GLU A 243 4.07 -10.98 3.28
CA GLU A 243 4.36 -11.83 2.14
C GLU A 243 3.09 -12.35 1.50
N ARG A 244 1.99 -12.41 2.23
CA ARG A 244 0.70 -12.77 1.67
C ARG A 244 -0.17 -11.57 1.39
N ASP A 245 0.38 -10.36 1.59
CA ASP A 245 -0.26 -9.08 1.32
C ASP A 245 -1.58 -8.90 2.05
N ILE A 246 -1.68 -9.41 3.27
CA ILE A 246 -2.77 -9.08 4.18
C ILE A 246 -2.39 -7.81 4.89
N CYS A 247 -2.79 -6.66 4.37
CA CYS A 247 -2.36 -5.42 4.99
C CYS A 247 -3.21 -5.13 6.22
N ILE A 248 -2.54 -4.66 7.27
CA ILE A 248 -3.07 -4.59 8.61
C ILE A 248 -3.64 -3.20 8.84
N ASP A 249 -4.83 -3.14 9.41
CA ASP A 249 -5.47 -1.85 9.62
C ASP A 249 -4.80 -1.09 10.75
N PHE A 250 -4.86 -1.64 11.96
CA PHE A 250 -4.42 -0.95 13.15
C PHE A 250 -3.59 -1.91 13.99
N SER A 251 -2.81 -1.35 14.90
CA SER A 251 -2.08 -2.16 15.85
C SER A 251 -2.01 -1.37 17.15
N GLU A 252 -2.61 -1.91 18.20
CA GLU A 252 -2.60 -1.25 19.48
C GLU A 252 -2.14 -2.22 20.55
N LEU A 253 -1.48 -1.70 21.57
CA LEU A 253 -0.93 -2.49 22.65
C LEU A 253 -1.73 -2.27 23.91
N ILE A 254 -2.10 -3.36 24.57
CA ILE A 254 -2.81 -3.25 25.84
C ILE A 254 -1.99 -3.88 26.93
N SER A 255 -2.49 -3.85 28.15
CA SER A 255 -1.84 -4.44 29.29
C SER A 255 -2.93 -4.92 30.23
N GLN A 256 -2.57 -5.14 31.48
CA GLN A 256 -3.57 -5.29 32.51
C GLN A 256 -3.49 -4.20 33.54
N TYR A 257 -2.48 -3.35 33.47
CA TYR A 257 -2.40 -2.18 34.32
C TYR A 257 -2.52 -0.90 33.50
N SER A 258 -3.33 -0.92 32.46
CA SER A 258 -3.54 0.28 31.69
C SER A 258 -4.73 1.04 32.26
N ASP A 259 -4.79 2.32 31.94
CA ASP A 259 -5.83 3.18 32.45
C ASP A 259 -6.98 3.33 31.47
N GLU A 260 -8.00 4.07 31.91
CA GLU A 260 -9.24 4.15 31.18
C GLU A 260 -9.10 4.97 29.90
N GLU A 261 -8.17 5.93 29.88
CA GLU A 261 -7.91 6.66 28.65
C GLU A 261 -7.30 5.75 27.60
N GLU A 262 -6.45 4.83 28.03
CA GLU A 262 -5.83 3.92 27.08
C GLU A 262 -6.84 2.92 26.54
N ILE A 263 -7.69 2.38 27.40
CA ILE A 263 -8.71 1.45 26.92
C ILE A 263 -9.73 2.18 26.06
N GLN A 264 -10.01 3.44 26.37
CA GLN A 264 -10.89 4.26 25.56
C GLN A 264 -10.31 4.47 24.17
N HIS A 265 -9.02 4.81 24.10
CA HIS A 265 -8.31 5.01 22.84
C HIS A 265 -8.34 3.75 22.00
N VAL A 266 -8.17 2.60 22.64
CA VAL A 266 -8.14 1.34 21.90
C VAL A 266 -9.51 1.01 21.33
N VAL A 267 -10.58 1.13 22.13
CA VAL A 267 -11.87 0.76 21.57
C VAL A 267 -12.40 1.80 20.61
N GLU A 268 -11.93 3.05 20.70
CA GLU A 268 -12.27 4.02 19.68
C GLU A 268 -11.57 3.68 18.38
N VAL A 269 -10.35 3.17 18.44
CA VAL A 269 -9.69 2.68 17.24
C VAL A 269 -10.42 1.47 16.68
N ILE A 270 -10.97 0.63 17.55
CA ILE A 270 -11.69 -0.55 17.09
C ILE A 270 -12.97 -0.19 16.37
N GLN A 271 -13.78 0.68 16.98
CA GLN A 271 -15.04 1.11 16.36
C GLN A 271 -14.79 1.95 15.11
N ASN A 272 -13.84 2.87 15.17
CA ASN A 272 -13.53 3.81 14.11
C ASN A 272 -13.00 3.15 12.86
N SER A 273 -12.65 1.88 12.91
CA SER A 273 -12.24 1.16 11.72
C SER A 273 -13.32 0.18 11.30
N THR A 274 -13.10 -0.40 10.13
CA THR A 274 -13.98 -1.42 9.57
C THR A 274 -13.12 -2.62 9.15
N ALA A 275 -12.81 -3.45 10.14
CA ALA A 275 -12.13 -4.70 9.90
C ALA A 275 -12.68 -5.69 10.91
N LYS A 276 -13.35 -6.72 10.43
CA LYS A 276 -14.02 -7.61 11.36
C LYS A 276 -13.11 -8.67 11.95
N VAL A 277 -12.00 -8.97 11.32
CA VAL A 277 -11.07 -9.96 11.82
C VAL A 277 -10.05 -9.26 12.69
N ILE A 278 -10.03 -9.59 13.97
CA ILE A 278 -9.10 -8.97 14.90
C ILE A 278 -8.22 -10.06 15.47
N VAL A 279 -6.92 -9.94 15.28
CA VAL A 279 -5.97 -10.93 15.74
C VAL A 279 -5.45 -10.47 17.09
N VAL A 280 -5.83 -11.17 18.15
CA VAL A 280 -5.41 -10.80 19.49
C VAL A 280 -4.34 -11.78 19.91
N PHE A 281 -3.16 -11.26 20.19
CA PHE A 281 -2.01 -12.03 20.62
C PHE A 281 -1.73 -11.62 22.06
N SER A 282 -2.41 -12.24 23.01
CA SER A 282 -2.31 -11.73 24.36
C SER A 282 -2.56 -12.84 25.35
N SER A 283 -2.33 -12.52 26.61
CA SER A 283 -2.45 -13.46 27.70
C SER A 283 -3.85 -13.39 28.26
N GLY A 284 -4.13 -14.21 29.27
CA GLY A 284 -5.44 -14.33 29.83
C GLY A 284 -5.96 -13.10 30.53
N PRO A 285 -5.36 -12.70 31.64
CA PRO A 285 -5.84 -11.54 32.39
C PRO A 285 -5.47 -10.19 31.80
N ASP A 286 -4.78 -10.12 30.67
CA ASP A 286 -4.54 -8.82 30.08
C ASP A 286 -5.60 -8.44 29.07
N LEU A 287 -6.33 -9.41 28.56
CA LEU A 287 -7.46 -9.11 27.71
C LEU A 287 -8.73 -8.81 28.48
N GLU A 288 -8.75 -9.14 29.77
CA GLU A 288 -9.90 -8.88 30.63
C GLU A 288 -10.35 -7.42 30.68
N PRO A 289 -9.50 -6.40 30.85
CA PRO A 289 -10.03 -5.04 30.88
C PRO A 289 -10.53 -4.56 29.55
N LEU A 290 -10.09 -5.14 28.46
CA LEU A 290 -10.61 -4.74 27.16
C LEU A 290 -11.95 -5.40 26.91
N ILE A 291 -12.10 -6.66 27.29
CA ILE A 291 -13.33 -7.37 27.00
C ILE A 291 -14.47 -6.87 27.88
N LYS A 292 -14.15 -6.54 29.14
CA LYS A 292 -15.11 -5.88 30.02
C LYS A 292 -15.66 -4.61 29.40
N GLU A 293 -14.77 -3.78 28.88
CA GLU A 293 -15.18 -2.50 28.35
C GLU A 293 -15.93 -2.65 27.03
N ILE A 294 -15.53 -3.58 26.19
CA ILE A 294 -16.19 -3.76 24.90
C ILE A 294 -17.59 -4.31 25.10
N VAL A 295 -17.76 -5.28 26.00
CA VAL A 295 -19.11 -5.78 26.23
C VAL A 295 -19.94 -4.77 27.00
N ARG A 296 -19.28 -3.83 27.69
CA ARG A 296 -20.03 -2.74 28.28
C ARG A 296 -20.45 -1.72 27.23
N ARG A 297 -19.76 -1.64 26.11
CA ARG A 297 -20.19 -0.77 25.02
C ARG A 297 -20.80 -1.50 23.84
N ASN A 298 -20.89 -2.83 23.90
CA ASN A 298 -21.73 -3.66 23.04
C ASN A 298 -21.34 -3.58 21.56
N ILE A 299 -20.04 -3.60 21.31
CA ILE A 299 -19.53 -3.52 19.94
C ILE A 299 -19.58 -4.94 19.40
N THR A 300 -20.72 -5.31 18.84
CA THR A 300 -20.88 -6.63 18.26
C THR A 300 -20.47 -6.60 16.80
N GLY A 301 -19.90 -7.69 16.32
CA GLY A 301 -19.63 -7.89 14.91
C GLY A 301 -18.24 -8.41 14.62
N LYS A 302 -17.25 -7.99 15.41
CA LYS A 302 -15.88 -8.40 15.15
C LYS A 302 -15.68 -9.86 15.51
N ILE A 303 -14.98 -10.58 14.65
CA ILE A 303 -14.61 -11.96 14.92
C ILE A 303 -13.16 -11.98 15.32
N TRP A 304 -12.85 -12.66 16.41
CA TRP A 304 -11.55 -12.62 17.02
C TRP A 304 -10.81 -13.87 16.63
N LEU A 305 -9.65 -13.72 16.02
CA LEU A 305 -8.69 -14.79 16.08
C LEU A 305 -8.06 -14.77 17.45
N ALA A 306 -7.75 -15.93 17.99
CA ALA A 306 -7.26 -16.01 19.35
C ALA A 306 -5.85 -16.56 19.37
N SER A 307 -5.02 -15.95 20.19
CA SER A 307 -3.74 -16.56 20.48
C SER A 307 -3.93 -17.77 21.37
N GLU A 308 -2.86 -18.53 21.54
CA GLU A 308 -2.92 -19.76 22.30
C GLU A 308 -3.16 -19.53 23.78
N ALA A 309 -2.80 -18.37 24.28
CA ALA A 309 -2.92 -18.14 25.71
C ALA A 309 -4.35 -17.99 26.15
N TRP A 310 -5.13 -17.16 25.48
CA TRP A 310 -6.48 -16.91 25.92
C TRP A 310 -7.54 -17.64 25.12
N ALA A 311 -7.15 -18.50 24.18
CA ALA A 311 -8.15 -19.26 23.44
C ALA A 311 -8.90 -20.24 24.29
N SER A 312 -8.35 -20.65 25.41
CA SER A 312 -9.05 -21.47 26.39
C SER A 312 -8.78 -20.82 27.73
N SER A 313 -9.58 -19.83 28.07
CA SER A 313 -9.35 -19.06 29.28
C SER A 313 -10.65 -18.81 30.00
N SER A 314 -10.69 -19.17 31.28
CA SER A 314 -11.88 -19.04 32.09
C SER A 314 -12.17 -17.61 32.52
N LEU A 315 -11.37 -16.65 32.09
CA LEU A 315 -11.68 -15.25 32.31
C LEU A 315 -12.38 -14.61 31.13
N ILE A 316 -12.23 -15.18 29.93
CA ILE A 316 -12.88 -14.66 28.74
C ILE A 316 -13.99 -15.58 28.26
N ALA A 317 -13.90 -16.87 28.56
CA ALA A 317 -14.98 -17.81 28.22
C ALA A 317 -16.07 -17.70 29.28
N MET A 318 -16.79 -16.58 29.24
CA MET A 318 -17.91 -16.36 30.13
C MET A 318 -19.16 -16.08 29.30
N PRO A 319 -20.30 -16.65 29.68
CA PRO A 319 -21.47 -16.56 28.82
C PRO A 319 -22.08 -15.17 28.75
N GLN A 320 -21.82 -14.32 29.73
CA GLN A 320 -22.29 -12.95 29.63
C GLN A 320 -21.49 -12.15 28.63
N TYR A 321 -20.30 -12.59 28.27
CA TYR A 321 -19.51 -11.93 27.25
C TYR A 321 -19.84 -12.41 25.85
N PHE A 322 -20.74 -13.39 25.71
CA PHE A 322 -20.89 -14.08 24.45
C PHE A 322 -21.51 -13.23 23.35
N HIS A 323 -22.07 -12.06 23.70
CA HIS A 323 -22.57 -11.16 22.68
C HIS A 323 -21.45 -10.65 21.81
N VAL A 324 -20.28 -10.35 22.40
CA VAL A 324 -19.14 -9.93 21.63
C VAL A 324 -18.16 -11.06 21.35
N VAL A 325 -17.80 -11.87 22.34
CA VAL A 325 -16.87 -12.95 22.04
C VAL A 325 -17.65 -14.22 21.74
N GLY A 326 -17.65 -14.60 20.48
CA GLY A 326 -18.34 -15.81 20.08
C GLY A 326 -17.82 -16.26 18.75
N GLY A 327 -17.67 -17.56 18.59
CA GLY A 327 -17.13 -18.07 17.36
C GLY A 327 -15.68 -17.73 17.13
N THR A 328 -14.93 -17.47 18.20
CA THR A 328 -13.53 -17.07 18.05
C THR A 328 -12.71 -18.30 17.73
N ILE A 329 -11.99 -18.23 16.63
CA ILE A 329 -11.10 -19.30 16.24
C ILE A 329 -9.85 -19.19 17.10
N GLY A 330 -9.51 -20.28 17.78
CA GLY A 330 -8.44 -20.25 18.73
C GLY A 330 -7.32 -21.21 18.38
N PHE A 331 -6.44 -21.41 19.34
CA PHE A 331 -5.37 -22.37 19.23
C PHE A 331 -5.21 -23.08 20.55
N ALA A 332 -4.82 -24.34 20.49
CA ALA A 332 -4.59 -25.07 21.71
C ALA A 332 -3.50 -26.07 21.45
N LEU A 333 -2.77 -26.42 22.50
CA LEU A 333 -1.74 -27.41 22.31
C LEU A 333 -2.35 -28.79 22.29
N LYS A 334 -1.54 -29.75 21.86
CA LYS A 334 -2.01 -31.13 21.73
C LYS A 334 -2.27 -31.72 23.10
N ALA A 335 -3.45 -32.32 23.26
CA ALA A 335 -3.85 -32.84 24.55
C ALA A 335 -3.01 -34.04 24.95
N GLY A 336 -2.81 -34.19 26.25
CA GLY A 336 -2.07 -35.30 26.81
C GLY A 336 -2.97 -36.19 27.62
N GLN A 337 -2.39 -37.31 28.06
CA GLN A 337 -3.13 -38.31 28.81
C GLN A 337 -2.30 -38.69 30.03
N ILE A 338 -2.83 -38.38 31.21
CA ILE A 338 -2.18 -38.75 32.46
C ILE A 338 -3.13 -39.64 33.24
N PRO A 339 -2.72 -40.84 33.61
CA PRO A 339 -3.65 -41.77 34.27
C PRO A 339 -3.67 -41.56 35.76
N GLY A 340 -4.86 -41.63 36.36
CA GLY A 340 -5.01 -41.51 37.80
C GLY A 340 -4.89 -40.11 38.33
N PHE A 341 -4.55 -39.14 37.48
CA PHE A 341 -4.39 -37.78 37.93
C PHE A 341 -5.74 -37.16 38.27
N ARG A 342 -6.79 -37.60 37.57
CA ARG A 342 -8.14 -37.15 37.86
C ARG A 342 -8.57 -37.53 39.27
N GLU A 343 -8.13 -38.69 39.75
CA GLU A 343 -8.46 -39.08 41.10
C GLU A 343 -7.49 -38.52 42.11
N PHE A 344 -6.24 -38.29 41.72
CA PHE A 344 -5.28 -37.61 42.59
C PHE A 344 -5.71 -36.20 42.90
N LEU A 345 -6.35 -35.54 41.94
CA LEU A 345 -6.95 -34.24 42.22
C LEU A 345 -8.05 -34.33 43.26
N LYS A 346 -8.76 -35.45 43.29
CA LYS A 346 -9.87 -35.58 44.23
C LYS A 346 -9.42 -35.85 45.65
N LYS A 347 -8.20 -36.31 45.86
CA LYS A 347 -7.71 -36.67 47.18
C LYS A 347 -7.17 -35.47 47.95
N VAL A 348 -7.53 -34.27 47.59
CA VAL A 348 -6.95 -33.08 48.19
C VAL A 348 -7.75 -32.76 49.46
N HIS A 349 -7.07 -32.18 50.45
CA HIS A 349 -7.66 -31.81 51.72
C HIS A 349 -6.76 -30.77 52.36
N PRO A 350 -7.32 -29.76 53.03
CA PRO A 350 -6.47 -28.77 53.69
C PRO A 350 -5.72 -29.32 54.89
N ARG A 351 -6.26 -30.34 55.55
CA ARG A 351 -5.63 -30.91 56.72
C ARG A 351 -4.78 -32.13 56.41
N LYS A 352 -5.22 -32.98 55.48
CA LYS A 352 -4.48 -34.17 55.17
C LYS A 352 -3.21 -33.89 54.37
N SER A 353 -3.14 -32.78 53.66
CA SER A 353 -1.96 -32.41 52.89
C SER A 353 -1.05 -31.60 53.81
N VAL A 354 -0.01 -32.26 54.32
CA VAL A 354 0.96 -31.57 55.15
C VAL A 354 2.03 -30.87 54.31
N HIS A 355 2.27 -31.34 53.09
CA HIS A 355 3.30 -30.79 52.22
C HIS A 355 2.71 -29.88 51.16
N ASN A 356 1.72 -29.07 51.52
CA ASN A 356 1.04 -28.22 50.55
C ASN A 356 0.47 -27.02 51.30
N GLY A 357 1.16 -25.89 51.22
CA GLY A 357 0.64 -24.71 51.87
C GLY A 357 -0.53 -24.04 51.17
N PHE A 358 -0.82 -24.43 49.94
CA PHE A 358 -1.85 -23.75 49.17
C PHE A 358 -3.20 -24.42 49.29
N ALA A 359 -3.26 -25.60 49.89
CA ALA A 359 -4.50 -26.36 49.95
C ALA A 359 -5.53 -25.65 50.80
N LYS A 360 -5.09 -24.98 51.87
CA LYS A 360 -5.99 -24.30 52.77
C LYS A 360 -6.68 -23.12 52.10
N GLU A 361 -5.89 -22.26 51.47
CA GLU A 361 -6.45 -21.07 50.83
C GLU A 361 -7.24 -21.47 49.60
N PHE A 362 -6.86 -22.58 48.98
CA PHE A 362 -7.68 -23.16 47.93
C PHE A 362 -9.04 -23.58 48.44
N TRP A 363 -9.07 -24.26 49.59
CA TRP A 363 -10.31 -24.79 50.15
C TRP A 363 -11.25 -23.67 50.54
N GLU A 364 -10.72 -22.66 51.22
CA GLU A 364 -11.55 -21.56 51.64
C GLU A 364 -11.92 -20.66 50.47
N GLU A 365 -11.21 -20.77 49.36
CA GLU A 365 -11.66 -20.04 48.18
C GLU A 365 -12.75 -20.80 47.43
N THR A 366 -12.61 -22.11 47.29
CA THR A 366 -13.60 -22.85 46.54
C THR A 366 -14.88 -23.11 47.32
N PHE A 367 -14.87 -22.92 48.63
CA PHE A 367 -16.05 -23.16 49.43
C PHE A 367 -16.56 -21.92 50.15
N ASN A 368 -15.86 -20.79 50.01
CA ASN A 368 -16.17 -19.51 50.68
C ASN A 368 -16.22 -19.66 52.20
N CYS A 369 -15.42 -20.58 52.71
CA CYS A 369 -15.38 -20.89 54.11
C CYS A 369 -14.55 -19.86 54.87
N HIS A 370 -14.22 -20.20 56.10
CA HIS A 370 -13.09 -19.59 56.78
C HIS A 370 -12.50 -20.68 57.65
N LEU A 371 -11.32 -21.16 57.27
CA LEU A 371 -10.70 -22.26 58.00
C LEU A 371 -10.18 -21.74 59.33
N GLN A 372 -10.40 -22.51 60.38
CA GLN A 372 -9.85 -22.21 61.69
C GLN A 372 -8.84 -23.27 62.05
N GLU A 373 -7.96 -22.95 62.99
CA GLU A 373 -6.91 -23.85 63.40
C GLU A 373 -6.82 -23.89 64.92
N PHE A 402 -20.09 -12.86 57.82
CA PHE A 402 -19.50 -12.81 56.50
C PHE A 402 -19.17 -14.21 56.01
N ARG A 403 -17.97 -14.68 56.35
CA ARG A 403 -17.53 -16.00 55.94
C ARG A 403 -17.84 -16.99 57.05
N PRO A 404 -18.59 -18.05 56.77
CA PRO A 404 -18.83 -19.06 57.80
C PRO A 404 -17.58 -19.87 58.07
N LEU A 405 -17.51 -20.44 59.26
CA LEU A 405 -16.43 -21.35 59.59
C LEU A 405 -16.62 -22.63 58.79
N CYS A 406 -15.52 -23.30 58.48
CA CYS A 406 -15.58 -24.43 57.57
C CYS A 406 -15.50 -25.73 58.35
N THR A 407 -16.33 -26.69 57.94
CA THR A 407 -16.37 -27.98 58.59
C THR A 407 -15.17 -28.85 58.23
N GLY A 408 -14.75 -28.81 56.97
CA GLY A 408 -13.63 -29.62 56.55
C GLY A 408 -14.00 -31.03 56.17
N ASP A 409 -15.18 -31.24 55.58
CA ASP A 409 -15.60 -32.55 55.13
C ASP A 409 -16.35 -32.45 53.81
N GLU A 410 -16.17 -31.34 53.12
CA GLU A 410 -16.99 -31.01 51.96
C GLU A 410 -16.54 -31.81 50.76
N ASN A 411 -17.42 -31.94 49.77
CA ASN A 411 -17.09 -32.63 48.53
C ASN A 411 -16.69 -31.59 47.49
N ILE A 412 -15.52 -31.79 46.88
CA ILE A 412 -15.01 -30.81 45.93
C ILE A 412 -15.70 -30.92 44.58
N SER A 413 -16.20 -32.11 44.25
CA SER A 413 -16.87 -32.29 42.97
C SER A 413 -18.27 -31.70 42.95
N SER A 414 -18.78 -31.27 44.10
CA SER A 414 -20.06 -30.59 44.18
C SER A 414 -20.04 -29.25 43.45
N VAL A 415 -19.13 -28.37 43.87
CA VAL A 415 -19.05 -27.04 43.29
C VAL A 415 -18.39 -27.12 41.91
N GLU A 416 -18.65 -26.11 41.09
CA GLU A 416 -18.08 -26.02 39.75
C GLU A 416 -16.93 -25.04 39.79
N THR A 417 -15.76 -25.49 39.33
CA THR A 417 -14.56 -24.66 39.32
C THR A 417 -13.60 -25.24 38.28
N PRO A 418 -12.76 -24.41 37.65
CA PRO A 418 -11.84 -24.94 36.64
C PRO A 418 -10.74 -25.84 37.17
N TYR A 419 -10.67 -26.06 38.49
CA TYR A 419 -9.77 -27.05 39.03
C TYR A 419 -10.12 -28.45 38.56
N ILE A 420 -11.40 -28.76 38.45
CA ILE A 420 -11.79 -30.13 38.16
C ILE A 420 -12.74 -30.16 36.96
N ASP A 421 -13.32 -29.02 36.61
CA ASP A 421 -14.18 -28.97 35.44
C ASP A 421 -13.30 -28.71 34.24
N TYR A 422 -12.88 -29.78 33.58
CA TYR A 422 -11.99 -29.67 32.44
C TYR A 422 -12.17 -30.87 31.55
N THR A 423 -11.73 -30.73 30.30
CA THR A 423 -11.84 -31.78 29.31
C THR A 423 -10.50 -32.37 28.91
N HIS A 424 -9.52 -31.52 28.62
CA HIS A 424 -8.26 -31.96 28.06
C HIS A 424 -7.12 -31.40 28.87
N LEU A 425 -6.15 -32.24 29.20
CA LEU A 425 -4.93 -31.78 29.82
C LEU A 425 -4.02 -31.23 28.75
N ARG A 426 -3.75 -29.93 28.79
CA ARG A 426 -2.83 -29.33 27.84
C ARG A 426 -1.57 -28.81 28.50
N ILE A 427 -1.69 -27.87 29.44
CA ILE A 427 -0.50 -27.34 30.08
C ILE A 427 -0.06 -28.23 31.23
N SER A 428 -1.02 -28.91 31.85
CA SER A 428 -0.70 -29.88 32.89
C SER A 428 0.13 -31.02 32.35
N TYR A 429 -0.12 -31.41 31.10
CA TYR A 429 0.72 -32.38 30.45
C TYR A 429 2.13 -31.85 30.24
N ASN A 430 2.28 -30.56 29.97
CA ASN A 430 3.61 -30.01 29.78
C ASN A 430 4.39 -29.96 31.08
N VAL A 431 3.70 -29.66 32.18
CA VAL A 431 4.32 -29.72 33.50
C VAL A 431 4.80 -31.13 33.79
N TYR A 432 3.94 -32.10 33.50
CA TYR A 432 4.22 -33.50 33.67
C TYR A 432 5.43 -33.94 32.85
N LEU A 433 5.48 -33.48 31.60
CA LEU A 433 6.59 -33.82 30.74
C LEU A 433 7.88 -33.17 31.22
N ALA A 434 7.80 -31.96 31.77
CA ALA A 434 8.98 -31.27 32.24
C ALA A 434 9.61 -32.00 33.42
N VAL A 435 8.78 -32.42 34.37
CA VAL A 435 9.37 -33.08 35.54
C VAL A 435 9.82 -34.50 35.19
N TYR A 436 9.14 -35.18 34.26
CA TYR A 436 9.70 -36.45 33.79
C TYR A 436 10.99 -36.28 33.05
N SER A 437 11.16 -35.17 32.33
CA SER A 437 12.40 -34.98 31.61
C SER A 437 13.55 -34.72 32.55
N ILE A 438 13.29 -33.97 33.63
CA ILE A 438 14.30 -33.79 34.67
C ILE A 438 14.67 -35.13 35.29
N ALA A 439 13.66 -35.97 35.54
CA ALA A 439 13.91 -37.29 36.12
C ALA A 439 14.71 -38.18 35.19
N HIS A 440 14.39 -38.17 33.92
CA HIS A 440 15.12 -39.01 33.00
C HIS A 440 16.53 -38.53 32.73
N ALA A 441 16.79 -37.23 32.83
CA ALA A 441 18.18 -36.80 32.76
C ALA A 441 18.95 -37.22 34.00
N LEU A 442 18.30 -37.18 35.17
CA LEU A 442 18.93 -37.71 36.37
C LEU A 442 19.18 -39.21 36.28
N GLN A 443 18.28 -39.93 35.63
CA GLN A 443 18.42 -41.36 35.46
C GLN A 443 19.60 -41.70 34.56
N ASP A 444 19.76 -40.95 33.48
CA ASP A 444 20.88 -41.20 32.59
C ASP A 444 22.18 -40.69 33.17
N ILE A 445 22.14 -39.84 34.19
CA ILE A 445 23.34 -39.67 35.00
C ILE A 445 23.55 -40.91 35.87
N TYR A 446 22.46 -41.48 36.40
CA TYR A 446 22.56 -42.55 37.37
C TYR A 446 23.04 -43.86 36.75
N THR A 447 22.75 -44.08 35.48
CA THR A 447 23.14 -45.31 34.80
C THR A 447 24.25 -45.06 33.79
N CYS A 448 25.25 -44.28 34.16
CA CYS A 448 26.42 -44.09 33.32
C CYS A 448 27.58 -44.91 33.86
N LEU A 449 28.33 -45.53 32.94
CA LEU A 449 29.55 -46.26 33.27
C LEU A 449 30.76 -45.39 32.99
N PRO A 450 31.86 -45.59 33.70
CA PRO A 450 33.08 -44.80 33.43
C PRO A 450 33.66 -45.14 32.07
N GLY A 451 34.38 -44.16 31.52
CA GLY A 451 34.84 -44.28 30.15
C GLY A 451 33.74 -44.16 29.12
N ARG A 452 32.58 -43.65 29.52
CA ARG A 452 31.43 -43.58 28.64
C ARG A 452 30.68 -42.26 28.72
N GLY A 453 30.94 -41.41 29.71
CA GLY A 453 30.13 -40.25 29.99
C GLY A 453 30.27 -39.14 28.97
N LEU A 454 29.51 -38.08 29.19
CA LEU A 454 29.43 -36.96 28.25
C LEU A 454 30.42 -35.87 28.56
N PHE A 455 31.05 -35.90 29.72
CA PHE A 455 31.94 -34.83 30.15
C PHE A 455 33.32 -35.03 29.53
N THR A 456 34.32 -34.35 30.09
CA THR A 456 35.68 -34.46 29.58
C THR A 456 36.22 -35.86 29.82
N ASN A 457 36.92 -36.39 28.81
CA ASN A 457 37.55 -37.71 28.82
C ASN A 457 36.54 -38.84 29.05
N GLY A 458 35.29 -38.65 28.64
CA GLY A 458 34.24 -39.63 28.84
C GLY A 458 33.90 -39.92 30.27
N SER A 459 34.30 -39.07 31.22
CA SER A 459 34.21 -39.37 32.64
C SER A 459 32.93 -38.80 33.19
N CYS A 460 31.94 -39.66 33.43
CA CYS A 460 30.72 -39.13 34.03
C CYS A 460 30.88 -39.01 35.54
N ALA A 461 29.89 -38.41 36.17
CA ALA A 461 29.93 -38.08 37.58
C ALA A 461 28.87 -38.86 38.36
N ASP A 462 28.92 -38.71 39.67
CA ASP A 462 28.13 -39.53 40.58
C ASP A 462 26.71 -39.01 40.69
N ILE A 463 25.99 -39.52 41.69
CA ILE A 463 24.65 -39.07 41.99
C ILE A 463 24.60 -38.30 43.31
N LYS A 464 25.31 -38.78 44.33
CA LYS A 464 25.20 -38.22 45.66
C LYS A 464 25.80 -36.82 45.76
N LYS A 465 26.79 -36.50 44.93
CA LYS A 465 27.34 -35.15 44.87
C LYS A 465 27.18 -34.71 43.43
N VAL A 466 26.00 -34.23 43.08
CA VAL A 466 25.67 -33.86 41.71
C VAL A 466 25.53 -32.35 41.66
N GLU A 467 26.06 -31.74 40.61
CA GLU A 467 25.97 -30.31 40.41
C GLU A 467 25.04 -30.03 39.25
N ALA A 468 24.56 -28.78 39.18
CA ALA A 468 23.46 -28.45 38.30
C ALA A 468 23.88 -28.40 36.86
N TRP A 469 25.12 -28.00 36.58
CA TRP A 469 25.59 -27.91 35.21
C TRP A 469 25.71 -29.28 34.56
N GLN A 470 25.98 -30.31 35.35
CA GLN A 470 25.95 -31.67 34.82
C GLN A 470 24.54 -32.07 34.40
N VAL A 471 23.55 -31.68 35.19
CA VAL A 471 22.16 -31.97 34.85
C VAL A 471 21.77 -31.22 33.60
N LEU A 472 22.27 -30.01 33.44
CA LEU A 472 22.02 -29.25 32.22
C LEU A 472 22.67 -29.91 31.02
N LYS A 473 23.87 -30.45 31.22
CA LYS A 473 24.58 -31.13 30.14
C LYS A 473 23.84 -32.38 29.70
N HIS A 474 23.28 -33.11 30.65
CA HIS A 474 22.53 -34.29 30.26
C HIS A 474 21.15 -33.93 29.75
N LEU A 475 20.63 -32.78 30.14
CA LEU A 475 19.34 -32.35 29.63
C LEU A 475 19.43 -31.90 28.20
N ARG A 476 20.58 -31.36 27.79
CA ARG A 476 20.75 -30.97 26.40
C ARG A 476 20.71 -32.18 25.48
N HIS A 477 21.34 -33.27 25.89
CA HIS A 477 21.35 -34.51 25.11
C HIS A 477 20.32 -35.48 25.69
N LEU A 478 19.06 -35.16 25.50
CA LEU A 478 17.97 -35.98 26.01
C LEU A 478 17.27 -36.67 24.87
N ASN A 479 16.84 -37.91 25.12
CA ASN A 479 16.13 -38.71 24.14
C ASN A 479 15.38 -39.78 24.92
N PHE A 480 14.08 -39.57 25.13
CA PHE A 480 13.29 -40.53 25.87
C PHE A 480 11.86 -40.51 25.36
N THR A 481 11.04 -41.40 25.90
CA THR A 481 9.73 -41.71 25.37
C THR A 481 8.65 -41.45 26.41
N ASN A 482 7.48 -41.06 25.95
CA ASN A 482 6.35 -40.68 26.81
C ASN A 482 5.64 -41.91 27.34
N ASN A 483 4.52 -41.68 28.01
CA ASN A 483 3.50 -42.69 28.14
C ASN A 483 2.70 -42.84 26.87
N MET A 484 2.64 -41.79 26.06
CA MET A 484 1.99 -41.82 24.76
C MET A 484 2.96 -42.20 23.65
N GLY A 485 4.10 -42.79 24.00
CA GLY A 485 4.97 -43.44 23.05
C GLY A 485 5.68 -42.52 22.07
N GLU A 486 5.84 -41.24 22.38
CA GLU A 486 6.51 -40.34 21.46
C GLU A 486 7.88 -39.95 21.99
N GLN A 487 8.80 -39.71 21.07
CA GLN A 487 10.15 -39.30 21.43
C GLN A 487 10.15 -37.84 21.84
N VAL A 488 10.92 -37.53 22.88
CA VAL A 488 11.03 -36.18 23.40
C VAL A 488 12.49 -35.77 23.35
N THR A 489 12.81 -34.80 22.53
CA THR A 489 14.17 -34.31 22.40
C THR A 489 14.14 -32.80 22.41
N PHE A 490 15.14 -32.20 23.03
CA PHE A 490 15.28 -30.76 22.95
C PHE A 490 16.31 -30.42 21.90
N ASP A 491 16.07 -29.35 21.17
CA ASP A 491 16.93 -28.97 20.06
C ASP A 491 18.17 -28.27 20.57
N GLU A 492 18.91 -27.64 19.65
CA GLU A 492 20.05 -26.85 20.07
C GLU A 492 19.64 -25.57 20.76
N CYS A 493 18.39 -25.14 20.58
CA CYS A 493 17.81 -24.02 21.31
C CYS A 493 16.86 -24.48 22.40
N GLY A 494 16.79 -25.77 22.67
CA GLY A 494 16.09 -26.30 23.82
C GLY A 494 14.59 -26.12 23.85
N ASP A 495 13.87 -26.75 22.94
CA ASP A 495 12.43 -26.56 22.83
C ASP A 495 11.81 -27.69 22.05
N LEU A 496 10.65 -28.14 22.50
CA LEU A 496 9.88 -29.12 21.77
C LEU A 496 9.20 -28.48 20.58
N VAL A 497 8.67 -29.34 19.71
CA VAL A 497 7.83 -28.94 18.59
C VAL A 497 6.57 -29.79 18.64
N GLY A 498 5.41 -29.16 18.47
CA GLY A 498 4.15 -29.85 18.59
C GLY A 498 3.16 -29.34 17.56
N ASN A 499 1.99 -29.97 17.54
CA ASN A 499 0.97 -29.67 16.55
C ASN A 499 -0.24 -29.08 17.23
N TYR A 500 -0.55 -27.84 16.91
CA TYR A 500 -1.68 -27.12 17.49
C TYR A 500 -2.98 -27.74 17.02
N SER A 501 -4.01 -27.58 17.82
CA SER A 501 -5.34 -28.10 17.49
C SER A 501 -6.30 -26.93 17.56
N ILE A 502 -6.78 -26.50 16.40
CA ILE A 502 -7.58 -25.29 16.31
C ILE A 502 -8.97 -25.54 16.87
N ILE A 503 -9.42 -24.65 17.74
CA ILE A 503 -10.70 -24.81 18.40
C ILE A 503 -11.64 -23.70 17.97
N ASN A 504 -12.88 -23.79 18.42
CA ASN A 504 -13.89 -22.77 18.18
C ASN A 504 -14.85 -22.76 19.35
N TRP A 505 -15.26 -21.57 19.74
CA TRP A 505 -16.03 -21.36 20.97
C TRP A 505 -17.51 -21.53 20.64
N HIS A 506 -18.14 -22.51 21.27
CA HIS A 506 -19.56 -22.74 21.05
C HIS A 506 -20.32 -22.67 22.36
N LEU A 507 -21.54 -22.16 22.26
CA LEU A 507 -22.44 -22.01 23.39
C LEU A 507 -23.18 -23.32 23.60
N SER A 508 -22.80 -24.07 24.62
CA SER A 508 -23.44 -25.35 24.90
C SER A 508 -24.81 -25.09 25.51
N PRO A 509 -25.89 -25.33 24.79
CA PRO A 509 -27.18 -24.79 25.23
C PRO A 509 -27.94 -25.64 26.23
N GLU A 510 -27.26 -26.22 27.23
CA GLU A 510 -28.00 -26.77 28.37
C GLU A 510 -27.22 -26.43 29.64
N ASP A 511 -27.38 -25.17 30.08
CA ASP A 511 -26.65 -24.57 31.20
C ASP A 511 -25.12 -24.71 31.11
N GLY A 512 -24.59 -25.00 29.92
CA GLY A 512 -23.16 -25.03 29.75
C GLY A 512 -22.66 -23.67 29.36
N SER A 513 -21.50 -23.31 29.89
CA SER A 513 -21.02 -21.95 29.69
C SER A 513 -20.57 -21.74 28.25
N ILE A 514 -19.45 -22.35 27.88
CA ILE A 514 -18.92 -22.26 26.53
C ILE A 514 -18.16 -23.55 26.28
N VAL A 515 -18.49 -24.25 25.21
CA VAL A 515 -17.78 -25.47 24.86
C VAL A 515 -16.88 -25.15 23.67
N PHE A 516 -15.70 -25.75 23.69
CA PHE A 516 -14.66 -25.52 22.69
C PHE A 516 -14.70 -26.66 21.69
N LYS A 517 -15.21 -26.41 20.51
CA LYS A 517 -15.32 -27.44 19.48
C LYS A 517 -14.07 -27.41 18.62
N GLU A 518 -13.37 -28.54 18.58
CA GLU A 518 -12.17 -28.65 17.77
C GLU A 518 -12.54 -28.71 16.30
N VAL A 519 -11.94 -27.84 15.48
CA VAL A 519 -12.30 -27.72 14.08
C VAL A 519 -11.12 -27.99 13.16
N GLY A 520 -10.01 -28.48 13.68
CA GLY A 520 -8.93 -28.79 12.77
C GLY A 520 -7.62 -28.97 13.51
N TYR A 521 -6.53 -28.74 12.80
CA TYR A 521 -5.22 -28.75 13.43
C TYR A 521 -4.29 -27.80 12.69
N TYR A 522 -3.01 -27.96 12.94
CA TYR A 522 -1.96 -27.29 12.19
C TYR A 522 -0.73 -28.19 12.32
N ASN A 523 -0.51 -29.03 11.33
CA ASN A 523 0.61 -29.96 11.37
C ASN A 523 1.87 -29.23 10.98
N VAL A 524 2.73 -28.94 11.96
CA VAL A 524 3.96 -28.22 11.65
C VAL A 524 5.00 -29.11 10.98
N TYR A 525 4.81 -30.43 11.00
CA TYR A 525 5.78 -31.33 10.42
C TYR A 525 5.70 -31.39 8.91
N ALA A 526 4.61 -30.90 8.33
CA ALA A 526 4.39 -31.08 6.92
C ALA A 526 5.15 -30.04 6.11
N LYS A 527 4.89 -30.02 4.81
CA LYS A 527 5.54 -29.06 3.93
C LYS A 527 4.96 -27.68 4.15
N LYS A 528 5.75 -26.66 3.81
CA LYS A 528 5.27 -25.30 3.82
C LYS A 528 4.18 -25.14 2.77
N GLY A 529 3.15 -24.37 3.10
CA GLY A 529 2.06 -24.16 2.17
C GLY A 529 0.93 -25.12 2.41
N GLU A 530 1.25 -26.29 2.96
CA GLU A 530 0.27 -27.30 3.33
C GLU A 530 0.56 -27.74 4.76
N ARG A 531 0.07 -26.98 5.72
CA ARG A 531 0.16 -27.32 7.12
C ARG A 531 -1.17 -27.22 7.83
N LEU A 532 -2.16 -26.60 7.21
CA LEU A 532 -3.37 -26.14 7.86
C LEU A 532 -4.57 -26.88 7.31
N PHE A 533 -5.26 -27.60 8.18
CA PHE A 533 -6.44 -28.36 7.79
C PHE A 533 -7.59 -27.91 8.66
N ILE A 534 -8.58 -27.26 8.07
CA ILE A 534 -9.76 -26.80 8.78
C ILE A 534 -10.99 -27.46 8.18
N ASN A 535 -11.62 -28.33 8.95
CA ASN A 535 -12.93 -28.86 8.57
C ASN A 535 -13.96 -27.81 8.95
N GLU A 536 -14.26 -26.93 8.00
CA GLU A 536 -14.99 -25.70 8.33
C GLU A 536 -16.48 -25.87 8.30
N GLU A 537 -16.99 -27.08 8.47
CA GLU A 537 -18.43 -27.29 8.54
C GLU A 537 -18.98 -26.97 9.91
N LYS A 538 -18.12 -26.89 10.92
CA LYS A 538 -18.56 -26.73 12.30
C LYS A 538 -18.55 -25.29 12.77
N ILE A 539 -18.08 -24.37 11.95
CA ILE A 539 -17.72 -23.05 12.43
C ILE A 539 -18.93 -22.14 12.43
N LEU A 540 -19.28 -21.62 13.60
CA LEU A 540 -20.36 -20.66 13.73
C LEU A 540 -19.73 -19.28 13.90
N TRP A 541 -19.60 -18.56 12.80
CA TRP A 541 -19.07 -17.20 12.82
C TRP A 541 -19.98 -16.30 13.64
N SER A 542 -19.38 -15.57 14.58
CA SER A 542 -20.06 -14.72 15.55
C SER A 542 -21.09 -15.49 16.39
N GLY A 543 -20.90 -16.80 16.55
CA GLY A 543 -21.72 -17.56 17.46
C GLY A 543 -22.85 -18.34 16.83
N PHE A 544 -23.45 -17.82 15.77
CA PHE A 544 -24.67 -18.41 15.27
C PHE A 544 -24.64 -18.67 13.77
N SER A 545 -23.91 -17.84 13.03
CA SER A 545 -24.04 -17.83 11.58
C SER A 545 -23.34 -19.04 10.97
N ARG A 546 -23.41 -19.14 9.64
CA ARG A 546 -22.73 -20.21 8.93
C ARG A 546 -21.91 -19.71 7.76
N GLU A 547 -22.25 -18.58 7.16
CA GLU A 547 -21.46 -18.07 6.06
C GLU A 547 -20.26 -17.31 6.59
N VAL A 548 -19.16 -17.40 5.85
CA VAL A 548 -17.93 -16.68 6.20
C VAL A 548 -18.18 -15.19 6.06
N PRO A 549 -17.89 -14.40 7.09
CA PRO A 549 -18.12 -12.96 6.99
C PRO A 549 -17.09 -12.28 6.12
N PHE A 550 -17.55 -11.24 5.43
CA PHE A 550 -16.73 -10.43 4.57
C PHE A 550 -15.82 -9.57 5.44
N SER A 551 -14.54 -9.50 5.10
CA SER A 551 -13.63 -8.66 5.86
C SER A 551 -12.60 -8.00 4.98
N ASN A 552 -12.94 -7.72 3.73
CA ASN A 552 -12.03 -6.98 2.89
C ASN A 552 -12.23 -5.47 3.06
N CYS A 553 -11.26 -4.70 2.58
CA CYS A 553 -11.35 -3.26 2.73
C CYS A 553 -12.30 -2.65 1.72
N SER A 554 -12.10 -2.96 0.44
CA SER A 554 -13.02 -2.57 -0.63
C SER A 554 -13.59 -3.83 -1.24
N ARG A 555 -14.85 -3.78 -1.63
CA ARG A 555 -15.49 -4.94 -2.23
C ARG A 555 -14.95 -5.14 -3.64
N ASP A 556 -14.57 -6.38 -3.95
CA ASP A 556 -13.95 -6.68 -5.24
C ASP A 556 -14.98 -6.57 -6.34
N CYS A 557 -14.86 -5.53 -7.14
CA CYS A 557 -15.81 -5.25 -8.19
C CYS A 557 -15.40 -5.94 -9.50
N LEU A 558 -16.22 -5.78 -10.52
CA LEU A 558 -16.34 -6.79 -11.57
C LEU A 558 -15.40 -6.50 -12.73
N ALA A 559 -15.62 -7.20 -13.84
CA ALA A 559 -14.75 -7.15 -15.01
C ALA A 559 -15.15 -6.08 -16.00
N GLY A 560 -15.94 -5.10 -15.59
CA GLY A 560 -16.19 -3.96 -16.45
C GLY A 560 -15.19 -2.86 -16.16
N THR A 561 -14.51 -2.98 -15.01
CA THR A 561 -13.67 -1.93 -14.49
C THR A 561 -12.27 -2.41 -14.19
N ARG A 562 -11.36 -1.44 -14.11
CA ARG A 562 -10.00 -1.63 -13.60
C ARG A 562 -9.99 -1.15 -12.16
N LYS A 563 -8.80 -1.11 -11.55
CA LYS A 563 -8.68 -0.75 -10.14
C LYS A 563 -7.91 0.56 -10.01
N GLY A 564 -8.55 1.56 -9.42
CA GLY A 564 -7.91 2.85 -9.17
C GLY A 564 -7.75 3.05 -7.67
N ILE A 565 -6.87 3.95 -7.28
CA ILE A 565 -6.46 4.03 -5.90
C ILE A 565 -6.78 5.37 -5.29
N ILE A 566 -6.71 5.40 -3.96
CA ILE A 566 -6.88 6.61 -3.17
C ILE A 566 -5.50 6.99 -2.68
N GLU A 567 -5.18 8.28 -2.71
CA GLU A 567 -3.89 8.77 -2.27
C GLU A 567 -3.77 8.64 -0.76
N GLY A 568 -2.71 7.98 -0.32
CA GLY A 568 -2.45 7.85 1.10
C GLY A 568 -3.23 6.77 1.81
N GLU A 569 -3.57 5.69 1.13
CA GLU A 569 -4.34 4.60 1.70
C GLU A 569 -3.68 3.28 1.33
N PRO A 570 -3.90 2.21 2.12
CA PRO A 570 -3.32 0.91 1.78
C PRO A 570 -3.88 0.31 0.50
N THR A 571 -3.18 -0.66 -0.06
CA THR A 571 -3.57 -1.21 -1.34
C THR A 571 -4.77 -2.15 -1.22
N CYS A 572 -5.05 -2.67 -0.03
CA CYS A 572 -6.11 -3.64 0.12
C CYS A 572 -7.49 -3.03 -0.02
N CYS A 573 -7.60 -1.71 -0.04
CA CYS A 573 -8.81 -1.06 -0.51
C CYS A 573 -8.49 0.00 -1.54
N PHE A 574 -9.37 0.09 -2.52
CA PHE A 574 -9.17 0.84 -3.73
C PHE A 574 -10.48 1.50 -4.08
N GLU A 575 -10.54 1.99 -5.31
CA GLU A 575 -11.79 2.27 -5.99
C GLU A 575 -11.74 1.58 -7.35
N CYS A 576 -12.85 1.57 -8.05
CA CYS A 576 -12.83 0.97 -9.38
C CYS A 576 -13.66 1.78 -10.35
N VAL A 577 -13.02 2.19 -11.42
CA VAL A 577 -13.59 3.05 -12.44
C VAL A 577 -13.55 2.33 -13.77
N GLU A 578 -14.56 2.58 -14.58
CA GLU A 578 -14.71 1.88 -15.85
C GLU A 578 -13.70 2.42 -16.86
N CYS A 579 -13.20 1.53 -17.70
CA CYS A 579 -12.19 2.04 -18.60
C CYS A 579 -12.71 2.06 -20.04
N PRO A 580 -12.52 3.17 -20.74
CA PRO A 580 -13.26 3.38 -21.99
C PRO A 580 -12.52 2.93 -23.24
N ASP A 581 -13.27 2.74 -24.32
CA ASP A 581 -12.78 2.77 -25.70
C ASP A 581 -11.68 1.73 -25.96
N GLY A 582 -12.06 0.46 -25.85
CA GLY A 582 -11.05 -0.58 -25.93
C GLY A 582 -10.64 -1.11 -24.58
N GLU A 583 -11.61 -1.58 -23.82
CA GLU A 583 -11.31 -2.13 -22.51
C GLU A 583 -10.79 -3.57 -22.59
N TYR A 584 -11.66 -4.49 -23.00
CA TYR A 584 -11.41 -5.94 -22.96
C TYR A 584 -10.94 -6.40 -21.58
N SER A 585 -11.58 -5.85 -20.56
CA SER A 585 -11.20 -6.13 -19.17
C SER A 585 -11.62 -7.54 -18.77
N ASP A 586 -10.80 -8.53 -19.13
CA ASP A 586 -11.24 -9.91 -19.02
C ASP A 586 -11.20 -10.45 -17.61
N GLU A 587 -10.14 -10.14 -16.85
CA GLU A 587 -9.95 -10.71 -15.53
C GLU A 587 -10.90 -10.05 -14.54
N THR A 588 -11.07 -10.65 -13.36
CA THR A 588 -12.08 -10.21 -12.41
C THR A 588 -11.61 -9.07 -11.53
N ASP A 589 -10.32 -8.97 -11.28
CA ASP A 589 -9.76 -7.91 -10.44
C ASP A 589 -8.49 -7.38 -11.09
N ALA A 590 -8.60 -6.97 -12.35
CA ALA A 590 -7.46 -6.46 -13.07
C ALA A 590 -7.06 -5.09 -12.53
N SER A 591 -5.76 -4.84 -12.47
CA SER A 591 -5.25 -3.56 -12.03
C SER A 591 -5.23 -2.53 -13.15
N ALA A 592 -5.21 -2.98 -14.40
CA ALA A 592 -5.24 -2.10 -15.56
C ALA A 592 -5.79 -2.90 -16.72
N CYS A 593 -6.96 -2.51 -17.23
CA CYS A 593 -7.57 -3.22 -18.35
C CYS A 593 -6.77 -3.01 -19.61
N ASN A 594 -6.81 -4.00 -20.49
CA ASN A 594 -5.91 -4.06 -21.63
C ASN A 594 -6.36 -3.10 -22.73
N LYS A 595 -5.71 -3.17 -23.88
CA LYS A 595 -6.12 -2.43 -25.06
C LYS A 595 -6.57 -3.43 -26.10
N CYS A 596 -7.68 -3.12 -26.76
CA CYS A 596 -8.23 -4.02 -27.76
C CYS A 596 -7.35 -4.07 -28.99
N PRO A 597 -7.30 -5.21 -29.68
CA PRO A 597 -6.51 -5.29 -30.92
C PRO A 597 -7.16 -4.50 -32.04
N ASP A 598 -6.39 -4.29 -33.10
CA ASP A 598 -6.81 -3.42 -34.20
C ASP A 598 -7.94 -4.00 -35.03
N ASP A 599 -8.29 -5.27 -34.82
CA ASP A 599 -9.38 -5.90 -35.53
C ASP A 599 -10.71 -5.77 -34.80
N PHE A 600 -10.71 -5.29 -33.56
CA PHE A 600 -11.89 -5.41 -32.72
C PHE A 600 -12.20 -4.10 -32.03
N TRP A 601 -13.36 -4.05 -31.39
CA TRP A 601 -13.76 -2.93 -30.56
C TRP A 601 -14.52 -3.44 -29.35
N SER A 602 -14.38 -2.70 -28.25
CA SER A 602 -14.89 -3.11 -26.95
C SER A 602 -16.41 -3.16 -26.94
N ASN A 603 -16.94 -3.95 -26.03
CA ASN A 603 -18.36 -4.20 -25.97
C ASN A 603 -19.07 -3.01 -25.33
N GLU A 604 -20.38 -3.16 -25.12
CA GLU A 604 -21.14 -2.14 -24.41
C GLU A 604 -20.77 -2.12 -22.94
N ASN A 605 -20.78 -3.29 -22.30
CA ASN A 605 -20.35 -3.46 -20.92
C ASN A 605 -18.86 -3.66 -20.79
N HIS A 606 -18.09 -3.26 -21.79
CA HIS A 606 -16.64 -3.14 -21.78
C HIS A 606 -15.93 -4.44 -21.50
N THR A 607 -16.55 -5.56 -21.79
CA THR A 607 -15.98 -6.87 -21.54
C THR A 607 -15.00 -7.19 -22.68
N SER A 608 -14.59 -8.45 -22.82
CA SER A 608 -13.63 -8.87 -23.84
C SER A 608 -14.15 -8.60 -25.25
N CYS A 609 -13.37 -7.85 -26.02
CA CYS A 609 -13.82 -7.37 -27.31
C CYS A 609 -13.76 -8.50 -28.32
N ILE A 610 -14.92 -9.10 -28.56
CA ILE A 610 -15.11 -9.95 -29.74
C ILE A 610 -15.91 -9.23 -30.81
N ALA A 611 -16.47 -8.06 -30.50
CA ALA A 611 -17.05 -7.20 -31.51
C ALA A 611 -15.94 -6.68 -32.40
N LYS A 612 -15.99 -7.03 -33.69
CA LYS A 612 -14.93 -6.70 -34.61
C LYS A 612 -15.27 -5.45 -35.42
N GLU A 613 -14.37 -5.09 -36.33
CA GLU A 613 -14.52 -3.87 -37.09
C GLU A 613 -15.45 -4.12 -38.30
N ILE A 614 -15.53 -3.14 -39.19
CA ILE A 614 -16.48 -3.15 -40.30
C ILE A 614 -16.07 -4.12 -41.40
N GLU A 615 -16.96 -4.31 -42.36
CA GLU A 615 -16.68 -5.06 -43.58
C GLU A 615 -17.32 -4.35 -44.77
N PHE A 616 -17.09 -3.04 -44.87
CA PHE A 616 -17.77 -2.21 -45.86
C PHE A 616 -17.23 -2.45 -47.27
N LEU A 617 -17.91 -3.33 -48.02
CA LEU A 617 -17.53 -3.69 -49.37
C LEU A 617 -18.67 -3.55 -50.38
N SER A 618 -19.88 -3.98 -49.99
CA SER A 618 -21.10 -3.95 -50.83
C SER A 618 -20.91 -4.74 -52.12
N TRP A 619 -20.72 -6.05 -51.98
CA TRP A 619 -20.57 -6.93 -53.14
C TRP A 619 -21.90 -7.54 -53.55
N THR A 620 -22.52 -8.31 -52.66
CA THR A 620 -23.82 -8.93 -52.92
C THR A 620 -24.92 -8.33 -52.05
N GLU A 621 -24.75 -7.08 -51.63
CA GLU A 621 -25.75 -6.39 -50.83
C GLU A 621 -26.99 -6.11 -51.67
N PRO A 622 -28.17 -6.00 -51.04
CA PRO A 622 -29.39 -5.70 -51.82
C PRO A 622 -29.48 -4.26 -52.29
N PHE A 623 -28.61 -3.39 -51.79
CA PHE A 623 -28.51 -2.03 -52.27
C PHE A 623 -27.61 -1.89 -53.48
N GLY A 624 -26.85 -2.92 -53.83
CA GLY A 624 -26.02 -2.90 -55.01
C GLY A 624 -26.40 -3.98 -56.00
N ILE A 625 -27.18 -4.97 -55.54
CA ILE A 625 -27.63 -6.04 -56.43
C ILE A 625 -28.65 -5.52 -57.42
N ALA A 626 -29.48 -4.54 -57.02
CA ALA A 626 -30.40 -3.91 -57.95
C ALA A 626 -29.64 -3.09 -59.00
N LEU A 627 -28.54 -2.46 -58.59
CA LEU A 627 -27.74 -1.73 -59.57
C LEU A 627 -26.99 -2.68 -60.49
N THR A 628 -26.59 -3.86 -59.98
CA THR A 628 -26.01 -4.90 -60.84
C THR A 628 -27.03 -5.39 -61.87
N LEU A 629 -28.29 -5.55 -61.44
CA LEU A 629 -29.36 -5.91 -62.36
C LEU A 629 -29.60 -4.83 -63.39
N PHE A 630 -29.52 -3.56 -62.99
CA PHE A 630 -29.69 -2.45 -63.91
C PHE A 630 -28.55 -2.39 -64.93
N ALA A 631 -27.33 -2.72 -64.49
CA ALA A 631 -26.20 -2.75 -65.41
C ALA A 631 -26.30 -3.91 -66.39
N VAL A 632 -26.81 -5.06 -65.94
CA VAL A 632 -27.02 -6.19 -66.84
C VAL A 632 -28.12 -5.89 -67.86
N LEU A 633 -29.20 -5.22 -67.43
CA LEU A 633 -30.25 -4.84 -68.37
C LEU A 633 -29.77 -3.76 -69.33
N GLY A 634 -28.87 -2.88 -68.87
CA GLY A 634 -28.29 -1.90 -69.78
C GLY A 634 -27.40 -2.53 -70.83
N ILE A 635 -26.62 -3.54 -70.43
CA ILE A 635 -25.78 -4.26 -71.39
C ILE A 635 -26.65 -5.05 -72.37
N PHE A 636 -27.76 -5.63 -71.90
CA PHE A 636 -28.63 -6.39 -72.77
C PHE A 636 -29.42 -5.48 -73.72
N LEU A 637 -29.77 -4.28 -73.27
CA LEU A 637 -30.41 -3.31 -74.14
C LEU A 637 -29.42 -2.76 -75.16
N THR A 638 -28.13 -2.75 -74.83
CA THR A 638 -27.12 -2.45 -75.86
C THR A 638 -26.99 -3.61 -76.83
N ALA A 639 -27.09 -4.85 -76.35
CA ALA A 639 -26.88 -6.01 -77.20
C ALA A 639 -28.04 -6.24 -78.17
N PHE A 640 -29.27 -5.93 -77.77
CA PHE A 640 -30.39 -6.06 -78.70
C PHE A 640 -30.34 -5.01 -79.80
N VAL A 641 -29.92 -3.79 -79.47
CA VAL A 641 -29.68 -2.78 -80.49
C VAL A 641 -28.51 -3.17 -81.38
N LEU A 642 -27.52 -3.86 -80.83
CA LEU A 642 -26.43 -4.39 -81.65
C LEU A 642 -26.93 -5.46 -82.61
N GLY A 643 -27.84 -6.32 -82.15
CA GLY A 643 -28.40 -7.34 -83.02
C GLY A 643 -29.27 -6.76 -84.13
N VAL A 644 -30.04 -5.71 -83.81
CA VAL A 644 -30.83 -5.03 -84.83
C VAL A 644 -29.95 -4.30 -85.84
N PHE A 645 -28.91 -3.60 -85.38
CA PHE A 645 -28.00 -2.92 -86.29
C PHE A 645 -27.12 -3.89 -87.07
N ILE A 646 -26.96 -5.12 -86.60
CA ILE A 646 -26.27 -6.14 -87.38
C ILE A 646 -27.19 -6.74 -88.44
N LYS A 647 -28.43 -7.05 -88.07
CA LYS A 647 -29.36 -7.68 -89.00
C LYS A 647 -29.81 -6.72 -90.09
N PHE A 648 -30.52 -5.65 -89.70
CA PHE A 648 -31.06 -4.71 -90.68
C PHE A 648 -30.01 -3.63 -90.94
N GLU A 660 -18.02 2.57 -89.86
CA GLU A 660 -17.32 2.63 -88.58
C GLU A 660 -18.22 3.18 -87.47
N LEU A 661 -19.22 3.99 -87.80
CA LEU A 661 -20.14 4.50 -86.81
C LEU A 661 -21.14 3.44 -86.33
N SER A 662 -21.26 2.33 -87.05
CA SER A 662 -22.02 1.19 -86.57
C SER A 662 -21.16 0.13 -85.91
N TYR A 663 -19.83 0.28 -85.98
CA TYR A 663 -18.90 -0.67 -85.38
C TYR A 663 -18.30 -0.15 -84.07
N LEU A 664 -17.60 0.98 -84.13
CA LEU A 664 -16.90 1.50 -82.95
C LEU A 664 -17.87 2.11 -81.95
N LEU A 665 -18.83 2.90 -82.43
CA LEU A 665 -19.87 3.48 -81.59
C LEU A 665 -20.93 2.48 -81.16
N LEU A 666 -20.80 1.21 -81.57
CA LEU A 666 -21.54 0.11 -80.96
C LEU A 666 -20.70 -0.65 -79.95
N PHE A 667 -19.47 -1.02 -80.30
CA PHE A 667 -18.66 -1.86 -79.42
C PHE A 667 -18.18 -1.10 -78.20
N SER A 668 -17.69 0.14 -78.38
CA SER A 668 -17.24 0.92 -77.24
C SER A 668 -18.39 1.38 -76.37
N LEU A 669 -19.55 1.62 -76.98
CA LEU A 669 -20.74 1.98 -76.19
C LEU A 669 -21.28 0.77 -75.43
N LEU A 670 -21.04 -0.43 -75.94
CA LEU A 670 -21.36 -1.62 -75.14
C LEU A 670 -20.32 -1.85 -74.06
N CYS A 671 -19.05 -1.53 -74.33
CA CYS A 671 -17.99 -1.77 -73.36
C CYS A 671 -18.07 -0.82 -72.18
N CYS A 672 -18.40 0.45 -72.44
CA CYS A 672 -18.52 1.42 -71.36
C CYS A 672 -19.74 1.17 -70.49
N PHE A 673 -20.72 0.40 -70.97
CA PHE A 673 -21.87 0.00 -70.17
C PHE A 673 -21.70 -1.39 -69.56
N SER A 674 -20.78 -2.21 -70.08
CA SER A 674 -20.58 -3.55 -69.55
C SER A 674 -19.44 -3.64 -68.54
N SER A 675 -18.38 -2.85 -68.70
CA SER A 675 -17.27 -2.86 -67.76
C SER A 675 -17.52 -1.97 -66.55
N SER A 676 -18.67 -1.31 -66.48
CA SER A 676 -19.01 -0.48 -65.34
C SER A 676 -19.32 -1.31 -64.10
N LEU A 677 -19.69 -2.58 -64.27
CA LEU A 677 -19.92 -3.48 -63.15
C LEU A 677 -18.65 -4.10 -62.60
N PHE A 678 -17.48 -3.69 -63.08
CA PHE A 678 -16.20 -4.18 -62.59
C PHE A 678 -15.64 -3.31 -61.47
N PHE A 679 -16.50 -2.52 -60.81
CA PHE A 679 -16.05 -1.70 -59.69
C PHE A 679 -17.04 -1.74 -58.54
N ILE A 680 -17.74 -2.86 -58.33
CA ILE A 680 -18.68 -3.01 -57.24
C ILE A 680 -18.28 -4.23 -56.40
N GLY A 681 -18.00 -3.98 -55.12
CA GLY A 681 -17.61 -5.03 -54.21
C GLY A 681 -16.39 -4.67 -53.38
N GLU A 682 -15.67 -5.70 -52.97
CA GLU A 682 -14.48 -5.50 -52.16
C GLU A 682 -13.27 -5.25 -53.05
N PRO A 683 -12.66 -4.07 -53.00
CA PRO A 683 -11.58 -3.77 -53.96
C PRO A 683 -10.26 -4.41 -53.55
N GLN A 684 -9.34 -4.40 -54.50
CA GLN A 684 -7.99 -4.92 -54.36
C GLN A 684 -7.09 -4.09 -55.25
N ASP A 685 -5.90 -4.62 -55.54
CA ASP A 685 -4.97 -3.91 -56.43
C ASP A 685 -5.51 -3.85 -57.86
N TRP A 686 -5.93 -4.99 -58.40
CA TRP A 686 -6.45 -5.08 -59.75
C TRP A 686 -7.78 -4.34 -59.90
N THR A 687 -8.73 -4.58 -58.99
CA THR A 687 -10.02 -3.91 -59.03
C THR A 687 -9.94 -2.45 -58.60
N CYS A 688 -8.82 -2.02 -58.03
CA CYS A 688 -8.61 -0.61 -57.76
C CYS A 688 -7.89 0.10 -58.90
N ARG A 689 -7.08 -0.61 -59.67
CA ARG A 689 -6.50 -0.04 -60.89
C ARG A 689 -7.47 -0.06 -62.06
N LEU A 690 -8.56 -0.82 -61.98
CA LEU A 690 -9.50 -0.93 -63.10
C LEU A 690 -10.56 0.19 -63.12
N ARG A 691 -10.24 1.36 -62.57
CA ARG A 691 -11.15 2.49 -62.65
C ARG A 691 -10.73 3.51 -63.70
N GLN A 692 -9.53 3.37 -64.28
CA GLN A 692 -9.17 4.14 -65.46
C GLN A 692 -9.85 3.68 -66.76
N PRO A 693 -10.14 2.39 -66.99
CA PRO A 693 -11.03 2.04 -68.11
C PRO A 693 -12.42 2.63 -68.03
N ALA A 694 -12.89 3.03 -66.84
CA ALA A 694 -14.12 3.79 -66.72
C ALA A 694 -14.03 5.18 -67.33
N PHE A 695 -12.83 5.67 -67.61
CA PHE A 695 -12.63 6.83 -68.46
C PHE A 695 -12.29 6.45 -69.90
N GLY A 696 -11.49 5.40 -70.08
CA GLY A 696 -11.06 5.02 -71.42
C GLY A 696 -12.19 4.53 -72.33
N ILE A 697 -13.09 3.72 -71.81
CA ILE A 697 -14.18 3.18 -72.62
C ILE A 697 -15.19 4.28 -72.97
N SER A 698 -15.41 5.23 -72.06
CA SER A 698 -16.24 6.37 -72.38
C SER A 698 -15.58 7.26 -73.43
N PHE A 699 -14.25 7.37 -73.39
CA PHE A 699 -13.52 8.15 -74.38
C PHE A 699 -13.65 7.56 -75.79
N VAL A 700 -13.66 6.24 -75.89
CA VAL A 700 -13.84 5.59 -77.19
C VAL A 700 -15.29 5.61 -77.63
N LEU A 701 -16.24 5.48 -76.69
CA LEU A 701 -17.65 5.54 -77.05
C LEU A 701 -18.12 6.95 -77.38
N CYS A 702 -17.41 7.98 -76.94
CA CYS A 702 -17.78 9.35 -77.26
C CYS A 702 -17.22 9.83 -78.60
N ILE A 703 -16.64 8.92 -79.40
CA ILE A 703 -16.15 9.30 -80.72
C ILE A 703 -17.27 9.43 -81.73
N SER A 704 -18.48 9.01 -81.38
CA SER A 704 -19.63 9.17 -82.27
C SER A 704 -19.95 10.64 -82.52
N CYS A 705 -19.72 11.49 -81.51
CA CYS A 705 -19.98 12.92 -81.61
C CYS A 705 -19.08 13.64 -82.62
N ILE A 706 -17.94 13.05 -82.99
CA ILE A 706 -17.10 13.59 -84.03
C ILE A 706 -17.03 12.70 -85.26
N LEU A 707 -17.60 11.49 -85.22
CA LEU A 707 -17.57 10.59 -86.36
C LEU A 707 -18.86 10.55 -87.16
N VAL A 708 -20.02 10.73 -86.52
CA VAL A 708 -21.29 10.55 -87.20
C VAL A 708 -21.93 11.87 -87.59
N LYS A 709 -21.20 12.97 -87.52
CA LYS A 709 -21.73 14.27 -87.90
C LYS A 709 -21.86 14.36 -89.42
N THR A 710 -22.76 15.24 -89.87
CA THR A 710 -22.98 15.48 -91.28
C THR A 710 -21.79 16.15 -91.95
N ASN A 711 -20.94 16.84 -91.19
CA ASN A 711 -19.77 17.50 -91.72
C ASN A 711 -18.53 16.63 -91.68
N ARG A 712 -18.68 15.30 -91.65
CA ARG A 712 -17.52 14.44 -91.79
C ARG A 712 -16.96 14.49 -93.20
N GLN A 735 -9.75 8.54 -93.01
CA GLN A 735 -9.88 9.78 -92.25
C GLN A 735 -10.79 9.65 -91.04
N PHE A 736 -11.89 8.89 -91.16
CA PHE A 736 -12.83 8.71 -90.05
C PHE A 736 -12.32 7.77 -88.97
N LEU A 737 -11.29 6.98 -89.24
CA LEU A 737 -10.67 6.15 -88.22
C LEU A 737 -9.54 6.85 -87.49
N LEU A 738 -9.58 8.19 -87.40
CA LEU A 738 -8.57 8.97 -86.69
C LEU A 738 -8.94 9.23 -85.24
N VAL A 739 -9.70 8.32 -84.61
CA VAL A 739 -10.10 8.48 -83.21
C VAL A 739 -8.92 8.26 -82.27
N PHE A 740 -7.84 7.65 -82.74
CA PHE A 740 -6.61 7.50 -81.98
C PHE A 740 -5.86 8.81 -81.78
N LEU A 741 -6.32 9.92 -82.37
CA LEU A 741 -5.79 11.23 -82.05
C LEU A 741 -6.13 11.66 -80.62
N CYS A 742 -7.17 11.10 -80.03
CA CYS A 742 -7.55 11.42 -78.66
C CYS A 742 -7.67 10.20 -77.77
N THR A 743 -8.10 9.05 -78.31
CA THR A 743 -8.22 7.84 -77.49
C THR A 743 -6.85 7.33 -77.05
N PHE A 744 -5.86 7.35 -77.96
CA PHE A 744 -4.51 6.97 -77.58
C PHE A 744 -3.87 8.00 -76.66
N MET A 745 -4.27 9.27 -76.78
CA MET A 745 -3.80 10.29 -75.85
C MET A 745 -4.33 10.04 -74.45
N GLN A 746 -5.61 9.66 -74.35
CA GLN A 746 -6.19 9.28 -73.06
C GLN A 746 -5.52 8.03 -72.50
N ILE A 747 -5.19 7.07 -73.37
CA ILE A 747 -4.50 5.86 -72.91
C ILE A 747 -3.10 6.18 -72.42
N VAL A 748 -2.42 7.13 -73.07
CA VAL A 748 -1.09 7.55 -72.63
C VAL A 748 -1.18 8.30 -71.31
N ILE A 749 -2.22 9.12 -71.13
CA ILE A 749 -2.43 9.82 -69.86
C ILE A 749 -2.75 8.83 -68.75
N CYS A 750 -3.50 7.78 -69.06
CA CYS A 750 -3.79 6.74 -68.08
C CYS A 750 -2.54 5.93 -67.73
N VAL A 751 -1.67 5.70 -68.71
CA VAL A 751 -0.41 5.01 -68.44
C VAL A 751 0.51 5.89 -67.60
N ILE A 752 0.47 7.21 -67.79
CA ILE A 752 1.26 8.11 -66.97
C ILE A 752 0.67 8.22 -65.57
N TRP A 753 -0.65 8.11 -65.44
CA TRP A 753 -1.32 8.17 -64.15
C TRP A 753 -1.27 6.85 -63.39
N LEU A 754 -0.98 5.74 -64.07
CA LEU A 754 -0.79 4.46 -63.40
C LEU A 754 0.43 4.47 -62.49
N TYR A 755 1.40 5.35 -62.73
CA TYR A 755 2.48 5.56 -61.78
C TYR A 755 2.15 6.65 -60.76
N THR A 756 1.37 7.66 -61.15
CA THR A 756 1.04 8.75 -60.24
C THR A 756 0.06 8.31 -59.16
N ALA A 757 -1.16 7.96 -59.56
CA ALA A 757 -2.15 7.43 -58.64
C ALA A 757 -1.95 5.93 -58.54
N PRO A 758 -2.20 5.33 -57.39
CA PRO A 758 -1.73 3.96 -57.15
C PRO A 758 -2.67 2.93 -57.73
N PRO A 759 -2.16 1.75 -58.04
CA PRO A 759 -3.01 0.56 -58.21
C PRO A 759 -3.21 -0.18 -56.89
N SER A 760 -3.71 0.54 -55.89
CA SER A 760 -3.78 0.03 -54.51
C SER A 760 -4.97 0.63 -53.80
N SER A 761 -5.77 -0.23 -53.18
CA SER A 761 -6.86 0.23 -52.33
C SER A 761 -6.35 0.50 -50.92
N TYR A 762 -6.72 1.66 -50.38
CA TYR A 762 -6.24 2.10 -49.07
C TYR A 762 -7.40 2.14 -48.08
N ARG A 763 -7.13 1.67 -46.86
CA ARG A 763 -8.13 1.74 -45.80
C ARG A 763 -7.99 3.04 -45.02
N ASN A 764 -9.09 3.48 -44.45
CA ASN A 764 -9.08 4.56 -43.47
C ASN A 764 -9.89 4.13 -42.24
N GLN A 765 -9.65 4.82 -41.13
CA GLN A 765 -10.38 4.60 -39.88
C GLN A 765 -10.91 5.96 -39.43
N GLU A 766 -12.11 6.30 -39.89
CA GLU A 766 -12.71 7.61 -39.67
C GLU A 766 -13.78 7.57 -38.60
N LEU A 767 -14.54 6.49 -38.52
CA LEU A 767 -15.42 6.24 -37.39
C LEU A 767 -14.61 5.49 -36.32
N GLU A 768 -15.29 4.95 -35.31
CA GLU A 768 -14.58 4.26 -34.24
C GLU A 768 -14.85 2.77 -34.24
N ASP A 769 -16.11 2.35 -34.13
CA ASP A 769 -16.40 0.93 -33.94
C ASP A 769 -16.26 0.15 -35.24
N GLU A 770 -17.11 0.44 -36.21
CA GLU A 770 -17.12 -0.23 -37.50
C GLU A 770 -16.60 0.79 -38.52
N ILE A 771 -15.29 0.86 -38.68
CA ILE A 771 -14.68 1.88 -39.51
C ILE A 771 -13.69 1.24 -40.47
N ILE A 772 -13.76 -0.07 -40.64
CA ILE A 772 -12.92 -0.74 -41.62
C ILE A 772 -13.46 -0.41 -43.01
N PHE A 773 -12.68 0.32 -43.80
CA PHE A 773 -13.08 0.77 -45.12
C PHE A 773 -12.04 0.33 -46.15
N ILE A 774 -12.33 0.66 -47.42
CA ILE A 774 -11.36 0.59 -48.50
C ILE A 774 -11.76 1.63 -49.55
N THR A 775 -10.85 2.56 -49.85
CA THR A 775 -11.24 3.76 -50.60
C THR A 775 -10.32 4.13 -51.75
N CYS A 776 -9.26 3.37 -52.01
CA CYS A 776 -8.49 3.42 -53.25
C CYS A 776 -7.66 4.67 -53.54
N HIS A 777 -7.78 5.71 -52.72
CA HIS A 777 -6.76 6.77 -52.49
C HIS A 777 -6.15 7.34 -53.78
N GLU A 778 -6.99 8.00 -54.57
CA GLU A 778 -6.52 8.64 -55.80
C GLU A 778 -5.49 9.71 -55.46
N GLY A 779 -4.38 9.70 -56.20
CA GLY A 779 -3.16 10.32 -55.70
C GLY A 779 -3.15 11.83 -55.58
N SER A 780 -3.06 12.57 -56.69
CA SER A 780 -3.21 14.01 -56.57
C SER A 780 -4.34 14.54 -57.45
N LEU A 781 -4.21 14.35 -58.76
CA LEU A 781 -5.18 14.89 -59.69
C LEU A 781 -5.42 13.99 -60.90
N MET A 782 -5.11 12.69 -60.82
CA MET A 782 -5.04 11.85 -62.01
C MET A 782 -6.42 11.61 -62.62
N ALA A 783 -7.38 11.19 -61.80
CA ALA A 783 -8.74 10.98 -62.30
C ALA A 783 -9.41 12.28 -62.69
N LEU A 784 -9.10 13.37 -61.98
CA LEU A 784 -9.66 14.68 -62.32
C LEU A 784 -9.15 15.15 -63.67
N GLY A 785 -7.85 14.98 -63.92
CA GLY A 785 -7.29 15.35 -65.20
C GLY A 785 -7.79 14.48 -66.34
N PHE A 786 -7.97 13.18 -66.07
CA PHE A 786 -8.49 12.28 -67.09
C PHE A 786 -9.93 12.61 -67.44
N LEU A 787 -10.75 12.92 -66.43
CA LEU A 787 -12.14 13.28 -66.68
C LEU A 787 -12.25 14.61 -67.42
N ILE A 788 -11.45 15.61 -67.01
CA ILE A 788 -11.48 16.91 -67.67
C ILE A 788 -10.86 16.85 -69.06
N GLY A 789 -9.99 15.88 -69.33
CA GLY A 789 -9.41 15.76 -70.64
C GLY A 789 -10.22 14.92 -71.60
N TYR A 790 -11.11 14.07 -71.09
CA TYR A 790 -11.94 13.28 -71.98
C TYR A 790 -13.40 13.72 -71.98
N THR A 791 -14.09 13.63 -70.85
CA THR A 791 -15.54 13.72 -70.88
C THR A 791 -16.06 15.14 -70.77
N CYS A 792 -15.34 16.01 -70.08
CA CYS A 792 -15.67 17.44 -70.06
C CYS A 792 -15.16 18.16 -71.29
N LEU A 793 -14.40 17.49 -72.15
CA LEU A 793 -13.90 18.07 -73.39
C LEU A 793 -14.67 17.61 -74.61
N LEU A 794 -15.03 16.32 -74.69
CA LEU A 794 -15.67 15.79 -75.90
C LEU A 794 -17.06 16.37 -76.09
N ALA A 795 -17.87 16.41 -75.03
CA ALA A 795 -19.20 17.00 -75.12
C ALA A 795 -19.18 18.49 -75.41
N ALA A 796 -18.25 19.24 -74.80
CA ALA A 796 -18.13 20.66 -75.06
C ALA A 796 -17.60 20.97 -76.45
N ILE A 797 -16.78 20.07 -77.02
CA ILE A 797 -16.34 20.26 -78.40
C ILE A 797 -17.47 19.94 -79.36
N CYS A 798 -18.25 18.89 -79.07
CA CYS A 798 -19.38 18.53 -79.92
C CYS A 798 -20.49 19.55 -79.87
N PHE A 799 -20.69 20.22 -78.72
CA PHE A 799 -21.66 21.31 -78.65
C PHE A 799 -21.21 22.49 -79.49
N PHE A 800 -19.90 22.75 -79.54
CA PHE A 800 -19.37 23.83 -80.36
C PHE A 800 -19.55 23.58 -81.85
N PHE A 801 -19.65 22.32 -82.27
CA PHE A 801 -19.90 22.02 -83.67
C PHE A 801 -21.38 21.82 -83.98
N ALA A 802 -22.17 21.41 -82.99
CA ALA A 802 -23.60 21.21 -83.18
C ALA A 802 -24.44 22.38 -82.68
N PHE A 803 -23.81 23.50 -82.28
CA PHE A 803 -24.57 24.72 -82.03
C PHE A 803 -25.20 25.26 -83.32
N LYS A 804 -24.57 24.97 -84.46
CA LYS A 804 -25.17 25.26 -85.75
C LYS A 804 -26.01 24.10 -86.28
N SER A 805 -26.01 22.94 -85.61
CA SER A 805 -26.75 21.78 -86.08
C SER A 805 -27.99 21.47 -85.26
N ARG A 806 -28.11 22.01 -84.06
CA ARG A 806 -29.28 21.76 -83.22
C ARG A 806 -30.53 22.38 -83.82
N LYS A 807 -30.37 23.53 -84.48
CA LYS A 807 -31.44 24.09 -85.30
C LYS A 807 -31.28 23.67 -86.76
N LEU A 808 -31.07 22.37 -86.98
CA LEU A 808 -30.89 21.84 -88.32
C LEU A 808 -31.26 20.36 -88.34
N PRO A 809 -32.32 19.97 -89.05
CA PRO A 809 -32.66 18.55 -89.15
C PRO A 809 -31.83 17.85 -90.22
N GLU A 810 -31.27 16.69 -89.87
CA GLU A 810 -30.47 15.91 -90.79
C GLU A 810 -30.50 14.46 -90.35
N ASN A 811 -30.79 13.56 -91.30
CA ASN A 811 -30.84 12.11 -91.11
C ASN A 811 -31.82 11.74 -89.99
N PHE A 812 -33.07 12.17 -90.17
CA PHE A 812 -34.18 12.01 -89.21
C PHE A 812 -33.82 12.62 -87.85
N ASN A 813 -33.39 13.89 -87.90
CA ASN A 813 -33.12 14.74 -86.73
C ASN A 813 -32.05 14.13 -85.81
N GLU A 814 -31.04 13.52 -86.44
CA GLU A 814 -29.94 12.92 -85.66
C GLU A 814 -29.11 13.99 -84.99
N ALA A 815 -29.04 15.19 -85.58
CA ALA A 815 -28.31 16.29 -84.96
C ALA A 815 -28.98 16.74 -83.68
N LYS A 816 -30.31 16.89 -83.70
CA LYS A 816 -31.04 17.26 -82.49
C LYS A 816 -31.01 16.14 -81.46
N PHE A 817 -31.07 14.89 -81.90
CA PHE A 817 -30.97 13.76 -80.97
C PHE A 817 -29.59 13.68 -80.32
N ILE A 818 -28.53 13.96 -81.08
CA ILE A 818 -27.18 13.93 -80.53
C ILE A 818 -26.96 15.11 -79.60
N THR A 819 -27.56 16.27 -79.91
CA THR A 819 -27.50 17.40 -78.99
C THR A 819 -28.23 17.11 -77.68
N PHE A 820 -29.38 16.44 -77.76
CA PHE A 820 -30.09 16.03 -76.55
C PHE A 820 -29.28 15.02 -75.73
N SER A 821 -28.60 14.08 -76.41
CA SER A 821 -27.76 13.12 -75.72
C SER A 821 -26.56 13.79 -75.04
N MET A 822 -25.94 14.77 -75.72
CA MET A 822 -24.83 15.49 -75.14
C MET A 822 -25.27 16.32 -73.94
N LEU A 823 -26.47 16.92 -74.01
CA LEU A 823 -27.00 17.65 -72.87
C LEU A 823 -27.33 16.72 -71.71
N ILE A 824 -27.81 15.51 -71.99
CA ILE A 824 -28.11 14.55 -70.92
C ILE A 824 -26.84 14.07 -70.26
N PHE A 825 -25.78 13.86 -71.04
CA PHE A 825 -24.50 13.47 -70.45
C PHE A 825 -23.89 14.61 -69.63
N PHE A 826 -24.07 15.85 -70.08
CA PHE A 826 -23.61 16.99 -69.30
C PHE A 826 -24.40 17.13 -68.00
N ILE A 827 -25.69 16.81 -68.04
CA ILE A 827 -26.50 16.83 -66.82
C ILE A 827 -26.06 15.74 -65.84
N VAL A 828 -25.73 14.56 -66.37
CA VAL A 828 -25.26 13.46 -65.52
C VAL A 828 -23.93 13.82 -64.87
N TRP A 829 -23.01 14.38 -65.63
CA TRP A 829 -21.73 14.79 -65.05
C TRP A 829 -21.83 16.01 -64.16
N ILE A 830 -22.87 16.83 -64.31
CA ILE A 830 -23.08 17.90 -63.36
C ILE A 830 -23.67 17.37 -62.05
N SER A 831 -24.53 16.35 -62.13
CA SER A 831 -25.07 15.73 -60.93
C SER A 831 -24.04 14.87 -60.20
N PHE A 832 -23.00 14.42 -60.91
CA PHE A 832 -22.04 13.49 -60.31
C PHE A 832 -21.14 14.18 -59.28
N ILE A 833 -20.64 15.38 -59.59
CA ILE A 833 -19.39 15.85 -59.00
C ILE A 833 -19.45 16.17 -57.50
N PRO A 834 -20.35 17.04 -56.98
CA PRO A 834 -20.25 17.35 -55.54
C PRO A 834 -20.77 16.22 -54.66
N ALA A 835 -21.74 15.45 -55.15
CA ALA A 835 -22.21 14.28 -54.43
C ALA A 835 -21.14 13.20 -54.38
N TYR A 836 -20.22 13.20 -55.33
CA TYR A 836 -19.05 12.33 -55.23
C TYR A 836 -18.04 12.88 -54.25
N ALA A 837 -17.80 14.19 -54.29
CA ALA A 837 -16.72 14.77 -53.49
C ALA A 837 -17.07 14.83 -52.01
N SER A 838 -18.36 14.74 -51.67
CA SER A 838 -18.78 14.92 -50.28
C SER A 838 -19.18 13.61 -49.59
N THR A 839 -18.86 12.45 -50.15
CA THR A 839 -19.32 11.22 -49.51
C THR A 839 -18.13 10.27 -49.41
N TYR A 840 -18.32 9.05 -48.89
CA TYR A 840 -17.21 8.22 -48.44
C TYR A 840 -17.57 6.75 -48.57
N GLY A 841 -16.53 5.91 -48.60
CA GLY A 841 -16.64 4.47 -48.38
C GLY A 841 -17.53 3.68 -49.31
N LYS A 842 -18.58 3.09 -48.74
CA LYS A 842 -19.56 2.37 -49.55
C LYS A 842 -20.35 3.34 -50.43
N PHE A 843 -20.59 4.55 -49.94
CA PHE A 843 -21.35 5.53 -50.67
C PHE A 843 -20.47 6.50 -51.45
N VAL A 844 -19.28 6.07 -51.89
CA VAL A 844 -18.52 6.91 -52.79
C VAL A 844 -18.25 6.21 -54.11
N SER A 845 -18.37 4.88 -54.15
CA SER A 845 -18.37 4.14 -55.40
C SER A 845 -19.74 4.09 -56.03
N ALA A 846 -20.79 4.11 -55.22
CA ALA A 846 -22.16 4.03 -55.69
C ALA A 846 -22.55 5.24 -56.52
N VAL A 847 -22.02 6.43 -56.21
CA VAL A 847 -22.31 7.61 -57.01
C VAL A 847 -21.57 7.56 -58.35
N GLU A 848 -20.33 7.07 -58.37
CA GLU A 848 -19.58 6.99 -59.61
C GLU A 848 -20.19 5.97 -60.55
N VAL A 849 -20.58 4.81 -60.02
CA VAL A 849 -21.16 3.78 -60.86
C VAL A 849 -22.56 4.19 -61.34
N ILE A 850 -23.27 5.01 -60.56
CA ILE A 850 -24.58 5.50 -61.00
C ILE A 850 -24.42 6.53 -62.10
N ALA A 851 -23.41 7.41 -61.99
CA ALA A 851 -23.16 8.39 -63.04
C ALA A 851 -22.73 7.73 -64.34
N ILE A 852 -21.91 6.68 -64.24
CA ILE A 852 -21.46 5.98 -65.44
C ILE A 852 -22.63 5.22 -66.08
N LEU A 853 -23.49 4.60 -65.27
CA LEU A 853 -24.68 3.94 -65.82
C LEU A 853 -25.64 4.95 -66.43
N ALA A 854 -25.76 6.14 -65.84
CA ALA A 854 -26.62 7.18 -66.39
C ALA A 854 -26.13 7.69 -67.73
N ALA A 855 -24.81 7.88 -67.87
CA ALA A 855 -24.25 8.31 -69.15
C ALA A 855 -24.38 7.22 -70.20
N SER A 856 -24.04 5.98 -69.85
CA SER A 856 -24.06 4.89 -70.81
C SER A 856 -25.48 4.47 -71.20
N PHE A 857 -26.46 4.69 -70.33
CA PHE A 857 -27.84 4.41 -70.72
C PHE A 857 -28.41 5.54 -71.58
N GLY A 858 -28.03 6.78 -71.27
CA GLY A 858 -28.56 7.91 -72.01
C GLY A 858 -28.02 8.00 -73.43
N LEU A 859 -26.71 7.79 -73.59
CA LEU A 859 -26.10 7.83 -74.91
C LEU A 859 -26.57 6.70 -75.81
N LEU A 860 -27.02 5.58 -75.25
CA LEU A 860 -27.62 4.51 -76.02
C LEU A 860 -29.09 4.74 -76.32
N ALA A 861 -29.86 5.25 -75.35
CA ALA A 861 -31.29 5.43 -75.56
C ALA A 861 -31.58 6.59 -76.52
N CYS A 862 -30.78 7.66 -76.49
CA CYS A 862 -31.04 8.78 -77.39
C CYS A 862 -30.58 8.51 -78.81
N ILE A 863 -29.86 7.42 -79.06
CA ILE A 863 -29.31 7.11 -80.37
C ILE A 863 -30.03 5.93 -81.00
N PHE A 864 -30.04 4.76 -80.33
CA PHE A 864 -30.39 3.50 -80.98
C PHE A 864 -31.89 3.42 -81.27
N PHE A 865 -32.74 3.92 -80.38
CA PHE A 865 -34.19 3.85 -80.60
C PHE A 865 -34.60 4.76 -81.77
N ASN A 866 -34.03 5.96 -81.84
CA ASN A 866 -34.33 6.86 -82.95
C ASN A 866 -33.76 6.34 -84.26
N LYS A 867 -32.63 5.62 -84.22
CA LYS A 867 -32.09 5.06 -85.44
C LYS A 867 -32.83 3.79 -85.87
N ILE A 868 -33.49 3.10 -84.95
CA ILE A 868 -34.19 1.86 -85.29
C ILE A 868 -35.61 2.15 -85.74
N TYR A 869 -36.38 2.88 -84.93
CA TYR A 869 -37.81 3.02 -85.14
C TYR A 869 -38.18 3.89 -86.33
N ILE A 870 -37.23 4.64 -86.89
CA ILE A 870 -37.52 5.50 -88.02
C ILE A 870 -37.52 4.67 -89.31
N TYR B 31 33.51 -7.56 46.79
CA TYR B 31 33.59 -8.98 46.52
C TYR B 31 33.11 -9.30 45.11
N GLY B 32 32.70 -10.54 44.89
CA GLY B 32 32.25 -10.98 43.60
C GLY B 32 33.39 -11.01 42.60
N PRO B 33 33.37 -10.08 41.65
CA PRO B 33 34.53 -9.89 40.77
C PRO B 33 35.67 -9.21 41.51
N ASP B 34 36.88 -9.41 40.99
CA ASP B 34 38.08 -8.89 41.63
C ASP B 34 38.64 -7.67 40.89
N GLN B 35 37.83 -7.04 40.05
CA GLN B 35 38.22 -5.80 39.39
C GLN B 35 37.19 -4.76 39.77
N ARG B 36 37.39 -4.12 40.90
CA ARG B 36 36.50 -3.12 41.41
C ARG B 36 37.13 -1.74 41.26
N ALA B 37 36.46 -0.75 41.78
CA ALA B 37 37.06 0.55 42.04
C ALA B 37 36.45 1.01 43.36
N GLN B 38 37.11 0.68 44.45
CA GLN B 38 36.49 0.72 45.77
C GLN B 38 37.10 1.83 46.59
N LYS B 39 36.24 2.52 47.34
CA LYS B 39 36.68 3.57 48.23
C LYS B 39 35.62 3.71 49.31
N LYS B 40 36.06 3.80 50.57
CA LYS B 40 35.12 3.80 51.67
C LYS B 40 34.39 5.14 51.78
N GLY B 41 33.49 5.20 52.75
CA GLY B 41 32.70 6.39 52.95
C GLY B 41 31.60 6.08 53.94
N ASP B 42 30.97 7.15 54.40
CA ASP B 42 29.82 6.97 55.31
C ASP B 42 28.64 6.38 54.57
N ILE B 43 28.49 6.76 53.30
CA ILE B 43 27.41 6.26 52.46
C ILE B 43 28.04 5.89 51.13
N ILE B 44 27.77 4.68 50.67
CA ILE B 44 28.43 4.12 49.50
C ILE B 44 27.43 4.04 48.36
N LEU B 45 27.85 4.51 47.18
CA LEU B 45 26.96 4.53 46.02
C LEU B 45 26.93 3.23 45.22
N GLY B 46 28.03 2.90 44.57
CA GLY B 46 28.04 1.79 43.63
C GLY B 46 27.53 2.19 42.25
N GLY B 47 28.08 1.53 41.25
CA GLY B 47 27.75 1.86 39.87
C GLY B 47 28.29 0.82 38.92
N LEU B 48 27.79 0.86 37.69
CA LEU B 48 28.09 -0.16 36.70
C LEU B 48 28.52 0.53 35.42
N PHE B 49 29.49 -0.04 34.71
CA PHE B 49 30.09 0.65 33.59
C PHE B 49 30.60 -0.37 32.58
N PRO B 50 30.59 -0.05 31.29
CA PRO B 50 31.09 -0.96 30.27
C PRO B 50 32.57 -0.80 29.92
N ILE B 51 33.45 -1.29 30.80
CA ILE B 51 34.88 -1.10 30.54
C ILE B 51 35.32 -1.95 29.37
N HIS B 52 34.75 -3.12 29.20
CA HIS B 52 34.99 -3.91 28.01
C HIS B 52 33.83 -3.77 27.06
N PHE B 53 33.87 -4.52 25.97
CA PHE B 53 32.82 -4.42 24.96
C PHE B 53 31.99 -5.67 24.86
N GLY B 54 32.34 -6.72 25.57
CA GLY B 54 31.63 -7.98 25.43
C GLY B 54 32.54 -9.08 25.91
N VAL B 55 31.97 -10.27 26.01
CA VAL B 55 32.69 -11.39 26.60
C VAL B 55 33.36 -12.20 25.51
N ALA B 56 34.25 -13.10 25.90
CA ALA B 56 34.93 -13.98 24.96
C ALA B 56 33.93 -14.88 24.23
N ALA B 57 34.19 -15.06 22.95
CA ALA B 57 33.27 -15.76 22.06
C ALA B 57 33.31 -17.28 22.21
N LYS B 58 34.12 -17.81 23.12
CA LYS B 58 34.18 -19.24 23.34
C LYS B 58 32.90 -19.72 24.00
N ASP B 59 32.51 -20.95 23.71
CA ASP B 59 31.28 -21.51 24.24
C ASP B 59 31.62 -22.65 25.20
N GLN B 60 30.81 -22.79 26.24
CA GLN B 60 30.92 -23.95 27.11
C GLN B 60 30.23 -25.14 26.48
N ASP B 61 31.01 -26.19 26.27
CA ASP B 61 30.48 -27.49 25.94
C ASP B 61 29.96 -28.22 27.18
N LEU B 62 30.22 -27.66 28.36
CA LEU B 62 29.84 -28.20 29.67
C LEU B 62 30.40 -29.59 29.90
N LYS B 63 31.60 -29.85 29.38
CA LYS B 63 32.31 -31.05 29.79
C LYS B 63 32.87 -30.88 31.19
N SER B 64 33.58 -29.78 31.43
CA SER B 64 34.09 -29.52 32.76
C SER B 64 33.10 -28.66 33.54
N ARG B 65 33.50 -28.36 34.77
CA ARG B 65 32.76 -27.41 35.60
C ARG B 65 32.88 -26.03 34.98
N PRO B 66 31.78 -25.34 34.72
CA PRO B 66 31.84 -24.10 33.95
C PRO B 66 32.38 -22.95 34.78
N GLU B 67 33.33 -22.24 34.21
CA GLU B 67 34.06 -21.21 34.93
C GLU B 67 33.74 -19.85 34.36
N SER B 68 34.29 -18.81 34.99
CA SER B 68 33.92 -17.44 34.67
C SER B 68 34.47 -17.03 33.32
N VAL B 69 33.60 -16.47 32.48
CA VAL B 69 34.01 -16.07 31.15
C VAL B 69 34.78 -14.76 31.23
N GLU B 70 35.77 -14.62 30.35
CA GLU B 70 36.58 -13.42 30.28
C GLU B 70 36.09 -12.47 29.21
N CYS B 71 36.09 -11.18 29.52
CA CYS B 71 35.64 -10.21 28.55
C CYS B 71 36.84 -9.91 27.68
N ILE B 72 36.58 -9.23 26.56
CA ILE B 72 37.59 -9.32 25.52
C ILE B 72 38.07 -7.95 25.03
N ARG B 73 37.20 -7.13 24.44
CA ARG B 73 37.69 -5.90 23.85
C ARG B 73 37.78 -4.85 24.95
N TYR B 74 38.25 -3.65 24.63
CA TYR B 74 38.43 -2.61 25.63
C TYR B 74 37.76 -1.33 25.18
N ASN B 75 37.14 -0.62 26.12
CA ASN B 75 36.31 0.54 25.81
C ASN B 75 36.82 1.76 26.57
N PHE B 76 37.63 2.58 25.90
CA PHE B 76 38.22 3.75 26.52
C PHE B 76 37.17 4.80 26.87
N ARG B 77 36.12 4.88 26.07
CA ARG B 77 35.04 5.80 26.38
C ARG B 77 34.31 5.36 27.64
N GLY B 78 34.18 4.06 27.84
CA GLY B 78 33.59 3.56 29.07
C GLY B 78 34.47 3.86 30.27
N PHE B 79 35.78 3.78 30.09
CA PHE B 79 36.66 4.15 31.19
C PHE B 79 36.60 5.64 31.50
N ARG B 80 36.42 6.47 30.47
CA ARG B 80 36.24 7.89 30.69
C ARG B 80 34.95 8.18 31.46
N TRP B 81 33.90 7.42 31.19
CA TRP B 81 32.66 7.57 31.93
C TRP B 81 32.84 7.20 33.39
N LEU B 82 33.63 6.17 33.64
CA LEU B 82 33.96 5.81 35.02
C LEU B 82 34.72 6.91 35.72
N GLN B 83 35.66 7.52 35.01
CA GLN B 83 36.39 8.66 35.57
C GLN B 83 35.46 9.83 35.83
N ALA B 84 34.43 9.99 35.01
CA ALA B 84 33.48 11.07 35.24
C ALA B 84 32.65 10.83 36.49
N MET B 85 32.35 9.58 36.80
CA MET B 85 31.67 9.32 38.07
C MET B 85 32.58 9.60 39.25
N ILE B 86 33.82 9.11 39.15
CA ILE B 86 34.79 9.28 40.23
C ILE B 86 35.08 10.75 40.48
N PHE B 87 35.17 11.54 39.41
CA PHE B 87 35.50 12.96 39.49
C PHE B 87 34.47 13.72 40.29
N ALA B 88 33.20 13.50 40.00
CA ALA B 88 32.18 14.22 40.73
C ALA B 88 32.07 13.73 42.16
N ILE B 89 32.42 12.46 42.41
CA ILE B 89 32.44 12.01 43.80
C ILE B 89 33.53 12.72 44.58
N GLU B 90 34.71 12.90 43.98
CA GLU B 90 35.78 13.63 44.66
C GLU B 90 35.45 15.10 44.82
N GLU B 91 34.76 15.69 43.85
CA GLU B 91 34.39 17.09 43.94
C GLU B 91 33.37 17.34 45.04
N ILE B 92 32.40 16.43 45.19
CA ILE B 92 31.44 16.54 46.27
C ILE B 92 32.13 16.33 47.61
N ASN B 93 33.04 15.36 47.68
CA ASN B 93 33.75 15.13 48.93
C ASN B 93 34.70 16.26 49.30
N SER B 94 35.15 17.04 48.31
CA SER B 94 36.00 18.19 48.64
C SER B 94 35.16 19.42 49.01
N SER B 95 34.03 19.62 48.36
CA SER B 95 33.24 20.81 48.63
C SER B 95 32.49 20.69 49.94
N PRO B 96 32.68 21.61 50.89
CA PRO B 96 31.91 21.59 52.14
C PRO B 96 30.54 22.22 52.01
N ALA B 97 30.26 22.91 50.91
CA ALA B 97 28.96 23.53 50.66
C ALA B 97 27.90 22.52 50.26
N LEU B 98 28.28 21.28 50.01
CA LEU B 98 27.34 20.21 49.71
C LEU B 98 27.74 18.98 50.52
N LEU B 99 26.82 18.52 51.35
CA LEU B 99 27.04 17.41 52.29
C LEU B 99 28.28 17.59 53.16
N PRO B 100 28.26 18.51 54.12
CA PRO B 100 29.42 18.68 54.99
C PRO B 100 29.42 17.64 56.09
N ASN B 101 30.63 17.36 56.61
CA ASN B 101 30.87 16.42 57.72
C ASN B 101 30.43 15.00 57.38
N LEU B 102 30.38 14.67 56.08
CA LEU B 102 29.85 13.41 55.59
C LEU B 102 30.49 13.13 54.25
N THR B 103 31.27 12.05 54.17
CA THR B 103 31.92 11.68 52.91
C THR B 103 31.11 10.60 52.21
N LEU B 104 31.38 10.41 50.93
CA LEU B 104 30.67 9.42 50.12
C LEU B 104 31.66 8.38 49.60
N GLY B 105 31.21 7.13 49.53
CA GLY B 105 32.00 6.05 48.98
C GLY B 105 31.37 5.46 47.74
N TYR B 106 32.10 4.52 47.13
CA TYR B 106 31.63 3.91 45.90
C TYR B 106 32.29 2.56 45.70
N ARG B 107 31.50 1.57 45.30
CA ARG B 107 32.02 0.30 44.81
C ARG B 107 31.59 0.20 43.36
N ILE B 108 32.42 0.67 42.48
CA ILE B 108 32.12 0.63 41.06
C ILE B 108 32.58 -0.70 40.50
N PHE B 109 31.69 -1.42 39.90
CA PHE B 109 32.01 -2.65 39.23
C PHE B 109 32.11 -2.42 37.74
N ASP B 110 32.24 -3.51 36.99
CA ASP B 110 32.29 -3.45 35.55
C ASP B 110 31.45 -4.57 34.95
N THR B 111 30.38 -4.18 34.29
CA THR B 111 29.65 -5.08 33.42
C THR B 111 30.42 -5.08 32.12
N CYS B 112 30.76 -6.25 31.61
CA CYS B 112 31.38 -6.31 30.29
C CYS B 112 30.29 -6.34 29.21
N ASN B 113 29.37 -5.37 29.33
CA ASN B 113 28.22 -5.18 28.46
C ASN B 113 27.31 -6.40 28.39
N THR B 114 27.24 -7.19 29.45
CA THR B 114 26.43 -8.39 29.44
C THR B 114 25.60 -8.51 30.70
N VAL B 115 24.47 -9.19 30.56
CA VAL B 115 23.52 -9.35 31.65
C VAL B 115 24.11 -10.20 32.76
N SER B 116 24.90 -11.20 32.41
CA SER B 116 25.50 -12.06 33.41
C SER B 116 26.53 -11.33 34.24
N LYS B 117 27.41 -10.58 33.58
CA LYS B 117 28.41 -9.81 34.31
C LYS B 117 27.77 -8.68 35.10
N ALA B 118 26.63 -8.17 34.65
CA ALA B 118 25.94 -7.19 35.46
C ALA B 118 25.29 -7.79 36.68
N LEU B 119 24.67 -8.95 36.53
CA LEU B 119 23.99 -9.57 37.65
C LEU B 119 24.94 -10.09 38.69
N GLU B 120 26.14 -10.50 38.27
CA GLU B 120 27.19 -10.86 39.24
C GLU B 120 27.53 -9.70 40.15
N ALA B 121 27.53 -8.48 39.62
CA ALA B 121 27.83 -7.34 40.45
C ALA B 121 26.65 -6.93 41.30
N THR B 122 25.49 -6.81 40.70
CA THR B 122 24.36 -6.33 41.48
C THR B 122 23.74 -7.39 42.34
N LEU B 123 24.29 -8.60 42.39
CA LEU B 123 24.00 -9.47 43.51
C LEU B 123 24.86 -9.15 44.70
N SER B 124 26.08 -8.69 44.48
CA SER B 124 26.94 -8.24 45.56
C SER B 124 26.54 -6.86 46.06
N PHE B 125 25.81 -6.10 45.26
CA PHE B 125 25.22 -4.86 45.77
C PHE B 125 24.22 -5.15 46.87
N VAL B 126 23.31 -6.08 46.64
CA VAL B 126 22.26 -6.38 47.60
C VAL B 126 22.73 -7.58 48.43
N ALA B 127 23.52 -7.29 49.43
CA ALA B 127 23.88 -8.34 50.37
C ALA B 127 23.38 -8.07 51.77
N GLN B 128 23.63 -6.87 52.29
CA GLN B 128 23.10 -6.50 53.59
C GLN B 128 21.60 -6.27 53.54
N ASN B 129 21.04 -6.04 52.36
CA ASN B 129 19.60 -5.93 52.18
C ASN B 129 18.92 -7.29 52.18
N LYS B 130 19.68 -8.37 52.11
CA LYS B 130 19.12 -9.71 52.00
C LYS B 130 18.81 -10.24 53.41
N ILE B 131 17.85 -9.59 54.04
CA ILE B 131 17.43 -9.88 55.40
C ILE B 131 15.93 -10.12 55.35
N ASP B 132 15.27 -9.47 54.38
CA ASP B 132 13.81 -9.45 54.35
C ASP B 132 13.23 -10.81 53.96
N SER B 133 13.52 -11.29 52.76
CA SER B 133 13.05 -12.61 52.36
C SER B 133 13.92 -13.71 52.94
N LEU B 134 15.19 -13.76 52.58
CA LEU B 134 16.13 -14.71 53.15
C LEU B 134 16.61 -14.11 54.46
N ASN B 135 15.90 -14.44 55.54
CA ASN B 135 16.39 -14.09 56.87
C ASN B 135 17.50 -15.02 57.34
N LEU B 136 17.85 -16.02 56.53
CA LEU B 136 18.92 -16.97 56.80
C LEU B 136 20.27 -16.46 56.38
N ASP B 137 20.46 -15.14 56.39
CA ASP B 137 21.74 -14.55 56.02
C ASP B 137 22.78 -14.84 57.11
N GLU B 138 22.39 -14.58 58.36
CA GLU B 138 23.26 -14.81 59.51
C GLU B 138 24.50 -13.91 59.51
N PHE B 139 24.90 -13.44 58.33
CA PHE B 139 26.06 -12.59 58.21
C PHE B 139 27.35 -13.40 58.37
N CYS B 140 27.86 -13.46 59.60
CA CYS B 140 29.08 -14.23 59.88
C CYS B 140 30.22 -13.92 58.90
N ASN B 141 30.25 -12.73 58.33
CA ASN B 141 31.30 -12.41 57.37
C ASN B 141 31.93 -11.05 57.58
N CYS B 142 31.25 -10.10 58.21
CA CYS B 142 31.80 -8.76 58.43
C CYS B 142 30.99 -8.07 59.52
N SER B 143 31.68 -7.23 60.28
CA SER B 143 31.05 -6.52 61.39
C SER B 143 30.07 -5.47 60.89
N GLU B 144 30.52 -4.62 59.97
CA GLU B 144 29.60 -3.72 59.30
C GLU B 144 28.78 -4.44 58.23
N HIS B 145 29.14 -5.68 57.92
CA HIS B 145 28.38 -6.59 57.05
C HIS B 145 28.24 -6.04 55.64
N ILE B 146 29.34 -5.47 55.14
CA ILE B 146 29.45 -4.79 53.84
C ILE B 146 28.40 -3.70 53.76
N PRO B 147 28.68 -2.51 54.31
CA PRO B 147 27.67 -1.44 54.43
C PRO B 147 26.95 -1.12 53.13
N SER B 148 25.65 -0.91 53.26
CA SER B 148 24.73 -1.07 52.13
C SER B 148 24.89 0.06 51.14
N THR B 149 24.82 -0.29 49.87
CA THR B 149 24.75 0.73 48.83
C THR B 149 23.42 1.45 48.91
N ILE B 150 23.40 2.70 48.51
CA ILE B 150 22.19 3.47 48.66
C ILE B 150 21.55 3.77 47.31
N ALA B 151 22.32 3.75 46.23
CA ALA B 151 21.80 4.06 44.90
C ALA B 151 22.83 3.61 43.89
N VAL B 152 22.46 2.78 42.97
CA VAL B 152 23.41 2.39 41.94
C VAL B 152 23.31 3.40 40.82
N VAL B 153 24.33 3.44 39.99
CA VAL B 153 24.37 4.36 38.87
C VAL B 153 24.65 3.55 37.63
N GLY B 154 23.61 3.41 36.78
CA GLY B 154 23.95 3.16 35.40
C GLY B 154 23.31 1.96 34.78
N ALA B 155 24.18 1.04 34.35
CA ALA B 155 23.89 0.01 33.36
C ALA B 155 23.44 0.65 32.06
N THR B 156 24.41 1.18 31.33
CA THR B 156 24.21 1.79 30.02
C THR B 156 23.39 0.98 29.02
N GLY B 157 23.53 -0.33 29.00
CA GLY B 157 22.76 -1.11 28.05
C GLY B 157 21.32 -1.20 28.48
N SER B 158 20.42 -1.11 27.52
CA SER B 158 19.03 -1.14 27.87
C SER B 158 18.53 -2.54 28.19
N GLY B 159 19.26 -3.56 27.78
CA GLY B 159 18.89 -4.90 28.15
C GLY B 159 19.58 -5.26 29.44
N VAL B 160 20.59 -4.49 29.77
CA VAL B 160 21.31 -4.64 31.03
C VAL B 160 20.55 -4.00 32.17
N SER B 161 20.06 -2.79 31.94
CA SER B 161 19.28 -2.10 32.96
C SER B 161 17.97 -2.79 33.23
N THR B 162 17.37 -3.39 32.21
CA THR B 162 16.14 -4.13 32.41
C THR B 162 16.35 -5.34 33.29
N ALA B 163 17.52 -5.94 33.22
CA ALA B 163 17.83 -7.06 34.09
C ALA B 163 18.20 -6.62 35.49
N VAL B 164 18.90 -5.51 35.64
CA VAL B 164 19.29 -5.05 36.96
C VAL B 164 18.10 -4.44 37.72
N ALA B 165 17.29 -3.62 37.06
CA ALA B 165 16.18 -2.96 37.71
C ALA B 165 15.10 -3.92 38.17
N ASN B 166 15.02 -5.11 37.60
CA ASN B 166 14.14 -6.11 38.14
C ASN B 166 14.60 -6.57 39.50
N LEU B 167 15.90 -6.58 39.71
CA LEU B 167 16.46 -7.01 40.98
C LEU B 167 16.44 -5.91 42.02
N LEU B 168 16.68 -4.68 41.62
CA LEU B 168 16.74 -3.56 42.57
C LEU B 168 15.38 -2.91 42.74
N GLY B 169 14.32 -3.63 42.52
CA GLY B 169 13.01 -3.07 42.73
C GLY B 169 12.40 -3.82 43.90
N LEU B 170 13.03 -4.94 44.24
CA LEU B 170 12.64 -5.64 45.44
C LEU B 170 13.07 -4.86 46.67
N PHE B 171 14.27 -4.33 46.63
CA PHE B 171 14.85 -3.64 47.77
C PHE B 171 14.75 -2.14 47.64
N TYR B 172 14.09 -1.65 46.59
CA TYR B 172 13.73 -0.25 46.38
C TYR B 172 14.93 0.66 46.31
N ILE B 173 16.07 0.12 45.96
CA ILE B 173 17.25 0.96 45.75
C ILE B 173 17.06 1.76 44.48
N PRO B 174 17.26 3.07 44.50
CA PRO B 174 17.09 3.84 43.28
C PRO B 174 18.22 3.60 42.31
N GLN B 175 17.86 3.31 41.07
CA GLN B 175 18.82 3.14 40.00
C GLN B 175 18.72 4.35 39.10
N VAL B 176 19.82 5.05 38.91
CA VAL B 176 19.83 6.22 38.06
C VAL B 176 20.68 5.93 36.84
N SER B 177 20.07 5.45 35.77
CA SER B 177 20.83 5.16 34.56
C SER B 177 21.27 6.44 33.89
N TYR B 178 22.39 6.37 33.19
CA TYR B 178 22.86 7.53 32.47
C TYR B 178 22.69 7.42 30.98
N ALA B 179 22.62 6.22 30.44
CA ALA B 179 22.55 6.07 28.99
C ALA B 179 21.57 5.02 28.52
N SER B 180 20.92 4.28 29.39
CA SER B 180 19.91 3.35 28.92
C SER B 180 18.64 4.13 28.63
N SER B 181 18.13 4.02 27.42
CA SER B 181 17.14 4.98 26.97
C SER B 181 16.05 4.33 26.13
N SER B 182 15.45 3.26 26.63
CA SER B 182 14.31 2.70 25.92
C SER B 182 13.03 3.08 26.62
N ARG B 183 11.92 2.89 25.92
CA ARG B 183 10.63 3.25 26.47
C ARG B 183 10.04 2.16 27.35
N LEU B 184 10.66 0.99 27.41
CA LEU B 184 10.12 -0.04 28.28
C LEU B 184 10.43 0.26 29.73
N LEU B 185 11.53 0.95 29.98
CA LEU B 185 11.94 1.24 31.34
C LEU B 185 11.07 2.29 32.00
N SER B 186 10.35 3.09 31.22
CA SER B 186 9.38 4.02 31.78
C SER B 186 8.03 3.35 31.96
N ASN B 187 7.99 2.25 32.68
CA ASN B 187 6.75 1.54 32.99
C ASN B 187 6.82 1.26 34.48
N LYS B 188 6.23 2.14 35.26
CA LYS B 188 6.51 2.17 36.68
C LYS B 188 5.71 1.15 37.48
N ASN B 189 4.89 0.33 36.85
CA ASN B 189 4.31 -0.78 37.57
C ASN B 189 5.33 -1.89 37.80
N GLN B 190 6.32 -2.00 36.94
CA GLN B 190 7.31 -3.07 37.03
C GLN B 190 8.65 -2.56 37.51
N PHE B 191 9.16 -1.48 36.93
CA PHE B 191 10.42 -0.89 37.36
C PHE B 191 10.09 0.22 38.34
N LYS B 192 9.89 -0.17 39.60
CA LYS B 192 9.37 0.76 40.58
C LYS B 192 10.42 1.74 41.07
N SER B 193 11.69 1.45 40.88
CA SER B 193 12.75 2.36 41.31
C SER B 193 13.72 2.52 40.16
N PHE B 194 13.39 3.39 39.22
CA PHE B 194 14.28 3.58 38.08
C PHE B 194 14.13 5.01 37.59
N LEU B 195 15.23 5.74 37.56
CA LEU B 195 15.26 7.09 37.06
C LEU B 195 16.34 7.16 36.00
N ARG B 196 16.26 8.10 35.07
CA ARG B 196 17.35 8.22 34.14
C ARG B 196 17.53 9.65 33.69
N THR B 197 18.79 10.03 33.49
CA THR B 197 19.15 11.36 33.04
C THR B 197 19.48 11.35 31.56
N ILE B 198 18.74 10.56 30.80
CA ILE B 198 18.85 10.58 29.35
C ILE B 198 17.41 10.65 28.85
N PRO B 199 17.13 11.35 27.76
CA PRO B 199 15.78 11.34 27.19
C PRO B 199 15.32 9.95 26.81
N ASN B 200 14.01 9.78 26.79
CA ASN B 200 13.35 8.60 26.28
C ASN B 200 13.62 8.44 24.78
N ASP B 201 13.22 7.31 24.23
CA ASP B 201 13.33 7.12 22.79
C ASP B 201 11.99 7.16 22.09
N GLU B 202 11.01 7.83 22.67
CA GLU B 202 9.86 8.17 21.87
C GLU B 202 10.06 9.46 21.12
N HIS B 203 11.07 10.23 21.48
CA HIS B 203 11.39 11.44 20.75
C HIS B 203 12.31 11.20 19.58
N GLN B 204 13.26 10.29 19.73
CA GLN B 204 14.24 10.07 18.68
C GLN B 204 13.62 9.35 17.50
N ALA B 205 12.71 8.42 17.75
CA ALA B 205 12.05 7.75 16.65
C ALA B 205 11.07 8.67 15.95
N THR B 206 10.55 9.67 16.63
CA THR B 206 9.74 10.68 15.96
C THR B 206 10.62 11.58 15.12
N ALA B 207 11.80 11.91 15.63
CA ALA B 207 12.70 12.78 14.89
C ALA B 207 13.19 12.12 13.62
N MET B 208 13.41 10.81 13.66
CA MET B 208 13.83 10.17 12.42
C MET B 208 12.69 9.97 11.44
N ALA B 209 11.45 10.17 11.85
CA ALA B 209 10.37 10.27 10.87
C ALA B 209 10.27 11.68 10.33
N ASP B 210 10.50 12.67 11.18
CA ASP B 210 10.41 14.07 10.74
C ASP B 210 11.53 14.42 9.79
N ILE B 211 12.68 13.77 9.92
CA ILE B 211 13.79 14.02 9.00
C ILE B 211 13.44 13.56 7.59
N ILE B 212 12.88 12.36 7.48
CA ILE B 212 12.50 11.83 6.18
C ILE B 212 11.33 12.60 5.61
N GLU B 213 10.44 13.09 6.48
CA GLU B 213 9.36 13.94 6.01
C GLU B 213 9.89 15.28 5.53
N TYR B 214 10.97 15.75 6.13
CA TYR B 214 11.53 17.03 5.71
C TYR B 214 12.28 16.92 4.39
N PHE B 215 13.02 15.84 4.19
CA PHE B 215 13.73 15.68 2.94
C PHE B 215 12.92 15.01 1.86
N ARG B 216 11.70 14.57 2.19
CA ARG B 216 10.71 14.03 1.25
C ARG B 216 11.23 12.80 0.50
N TRP B 217 11.40 11.74 1.27
CA TRP B 217 11.54 10.39 0.72
C TRP B 217 10.31 9.59 1.12
N ASN B 218 10.08 8.48 0.45
CA ASN B 218 8.98 7.64 0.89
C ASN B 218 9.32 6.17 0.78
N TRP B 219 10.61 5.84 0.76
CA TRP B 219 10.98 4.45 0.53
C TRP B 219 12.30 4.23 1.27
N VAL B 220 12.19 3.71 2.50
CA VAL B 220 13.31 3.60 3.41
C VAL B 220 13.44 2.16 3.86
N GLY B 221 14.51 1.89 4.60
CA GLY B 221 14.71 0.57 5.16
C GLY B 221 15.15 0.68 6.60
N THR B 222 14.76 -0.31 7.40
CA THR B 222 15.04 -0.28 8.82
C THR B 222 15.85 -1.50 9.23
N ILE B 223 16.82 -1.26 10.10
CA ILE B 223 17.63 -2.32 10.68
C ILE B 223 17.80 -2.00 12.16
N ALA B 224 17.47 -2.96 13.01
CA ALA B 224 17.54 -2.69 14.44
C ALA B 224 18.31 -3.78 15.15
N ALA B 225 18.97 -3.42 16.24
CA ALA B 225 19.64 -4.41 17.06
C ALA B 225 18.61 -5.19 17.83
N ASP B 226 18.76 -6.51 17.88
CA ASP B 226 17.75 -7.35 18.49
C ASP B 226 17.97 -7.43 19.98
N ASP B 227 17.68 -6.33 20.67
CA ASP B 227 17.64 -6.29 22.12
C ASP B 227 16.63 -5.24 22.51
N ASP B 228 16.63 -4.83 23.75
CA ASP B 228 15.58 -3.90 24.12
C ASP B 228 15.88 -2.50 23.75
N TYR B 229 16.91 -2.17 23.00
CA TYR B 229 17.13 -0.80 22.56
C TYR B 229 16.59 -0.57 21.16
N GLY B 230 16.85 -1.50 20.24
CA GLY B 230 16.41 -1.30 18.89
C GLY B 230 15.03 -1.86 18.62
N ARG B 231 14.67 -2.94 19.31
CA ARG B 231 13.40 -3.60 19.01
C ARG B 231 12.17 -2.77 19.37
N PRO B 232 12.04 -2.18 20.55
CA PRO B 232 10.89 -1.30 20.75
C PRO B 232 11.10 0.11 20.23
N GLY B 233 12.30 0.43 19.77
CA GLY B 233 12.56 1.73 19.24
C GLY B 233 12.23 1.79 17.77
N ILE B 234 12.25 0.63 17.10
CA ILE B 234 11.85 0.63 15.70
C ILE B 234 10.36 0.41 15.55
N GLU B 235 9.68 -0.08 16.58
CA GLU B 235 8.23 -0.16 16.51
C GLU B 235 7.61 1.21 16.60
N LYS B 236 8.20 2.10 17.38
CA LYS B 236 7.76 3.48 17.41
C LYS B 236 8.00 4.16 16.07
N PHE B 237 9.10 3.85 15.40
CA PHE B 237 9.35 4.45 14.11
C PHE B 237 8.41 3.91 13.05
N ARG B 238 8.10 2.61 13.10
CA ARG B 238 7.15 2.07 12.14
C ARG B 238 5.77 2.64 12.37
N GLU B 239 5.39 2.84 13.63
CA GLU B 239 4.08 3.42 13.90
C GLU B 239 4.03 4.89 13.51
N GLU B 240 5.12 5.62 13.67
CA GLU B 240 5.12 7.05 13.38
C GLU B 240 5.68 7.40 12.04
N ALA B 241 5.92 6.43 11.18
CA ALA B 241 6.18 6.70 9.78
C ALA B 241 5.16 6.02 8.89
N GLU B 242 3.97 5.74 9.43
CA GLU B 242 2.84 5.43 8.59
C GLU B 242 1.78 6.50 8.62
N GLU B 243 1.81 7.39 9.61
CA GLU B 243 0.98 8.58 9.54
C GLU B 243 1.49 9.56 8.51
N ARG B 244 2.77 9.50 8.16
CA ARG B 244 3.31 10.32 7.10
C ARG B 244 3.45 9.55 5.79
N ASP B 245 2.97 8.31 5.77
CA ASP B 245 2.95 7.42 4.61
C ASP B 245 4.32 7.21 3.99
N ILE B 246 5.36 7.14 4.81
CA ILE B 246 6.66 6.66 4.40
C ILE B 246 6.65 5.15 4.51
N CYS B 247 6.31 4.46 3.44
CA CYS B 247 6.21 3.02 3.54
C CYS B 247 7.59 2.38 3.49
N ILE B 248 7.79 1.39 4.33
CA ILE B 248 9.09 0.83 4.67
C ILE B 248 9.35 -0.38 3.79
N ASP B 249 10.53 -0.45 3.21
CA ASP B 249 10.85 -1.55 2.32
C ASP B 249 11.05 -2.84 3.09
N PHE B 250 12.05 -2.88 3.95
CA PHE B 250 12.46 -4.09 4.64
C PHE B 250 12.69 -3.78 6.09
N SER B 251 12.70 -4.84 6.90
CA SER B 251 13.04 -4.69 8.30
C SER B 251 13.76 -5.95 8.72
N GLU B 252 15.02 -5.84 9.11
CA GLU B 252 15.78 -6.98 9.54
C GLU B 252 16.43 -6.68 10.87
N LEU B 253 16.60 -7.73 11.68
CA LEU B 253 17.16 -7.62 13.01
C LEU B 253 18.55 -8.21 13.04
N ILE B 254 19.49 -7.47 13.61
CA ILE B 254 20.85 -7.97 13.76
C ILE B 254 21.19 -8.07 15.23
N SER B 255 22.39 -8.53 15.51
CA SER B 255 22.88 -8.65 16.87
C SER B 255 24.38 -8.44 16.81
N GLN B 256 25.08 -8.86 17.86
CA GLN B 256 26.51 -8.99 17.77
C GLN B 256 26.96 -10.42 17.93
N TYR B 257 26.05 -11.33 18.24
CA TYR B 257 26.36 -12.75 18.25
C TYR B 257 25.59 -13.48 17.17
N SER B 258 25.41 -12.84 16.02
CA SER B 258 24.76 -13.52 14.92
C SER B 258 25.80 -14.20 14.06
N ASP B 259 25.35 -15.18 13.29
CA ASP B 259 26.24 -15.95 12.44
C ASP B 259 26.29 -15.42 11.02
N GLU B 260 27.14 -16.07 10.23
CA GLU B 260 27.44 -15.57 8.89
C GLU B 260 26.27 -15.76 7.94
N GLU B 261 25.44 -16.76 8.16
CA GLU B 261 24.23 -16.92 7.35
C GLU B 261 23.26 -15.78 7.61
N GLU B 262 23.19 -15.32 8.85
CA GLU B 262 22.29 -14.23 9.16
C GLU B 262 22.78 -12.92 8.58
N ILE B 263 24.08 -12.66 8.69
CA ILE B 263 24.63 -11.43 8.10
C ILE B 263 24.55 -11.49 6.58
N GLN B 264 24.71 -12.68 6.01
CA GLN B 264 24.55 -12.86 4.58
C GLN B 264 23.12 -12.55 4.14
N HIS B 265 22.14 -13.07 4.87
CA HIS B 265 20.74 -12.83 4.59
C HIS B 265 20.41 -11.35 4.65
N VAL B 266 20.99 -10.66 5.63
CA VAL B 266 20.71 -9.24 5.80
C VAL B 266 21.29 -8.43 4.65
N VAL B 267 22.54 -8.68 4.28
CA VAL B 267 23.09 -7.85 3.21
C VAL B 267 22.56 -8.25 1.84
N GLU B 268 22.06 -9.46 1.70
CA GLU B 268 21.36 -9.80 0.47
C GLU B 268 20.03 -9.06 0.40
N VAL B 269 19.36 -8.88 1.53
CA VAL B 269 18.17 -8.06 1.55
C VAL B 269 18.51 -6.60 1.24
N ILE B 270 19.67 -6.15 1.68
CA ILE B 270 20.07 -4.76 1.45
C ILE B 270 20.35 -4.52 -0.03
N GLN B 271 21.15 -5.40 -0.65
CA GLN B 271 21.47 -5.24 -2.07
C GLN B 271 20.25 -5.48 -2.94
N ASN B 272 19.46 -6.50 -2.64
CA ASN B 272 18.31 -6.92 -3.41
C ASN B 272 17.19 -5.89 -3.43
N SER B 273 17.26 -4.86 -2.60
CA SER B 273 16.29 -3.80 -2.65
C SER B 273 16.92 -2.53 -3.23
N THR B 274 16.06 -1.56 -3.47
CA THR B 274 16.46 -0.25 -3.95
C THR B 274 15.85 0.82 -3.05
N ALA B 275 16.50 1.06 -1.93
CA ALA B 275 16.13 2.12 -1.02
C ALA B 275 17.42 2.65 -0.44
N LYS B 276 17.74 3.90 -0.71
CA LYS B 276 19.05 4.40 -0.30
C LYS B 276 19.07 4.89 1.13
N VAL B 277 17.92 5.22 1.70
CA VAL B 277 17.87 5.68 3.08
C VAL B 277 17.65 4.48 3.97
N ILE B 278 18.61 4.20 4.84
CA ILE B 278 18.51 3.07 5.74
C ILE B 278 18.55 3.61 7.16
N VAL B 279 17.51 3.32 7.93
CA VAL B 279 17.40 3.82 9.29
C VAL B 279 17.91 2.71 10.21
N VAL B 280 19.07 2.93 10.81
CA VAL B 280 19.65 1.94 11.69
C VAL B 280 19.44 2.40 13.12
N PHE B 281 18.73 1.58 13.89
CA PHE B 281 18.42 1.85 15.28
C PHE B 281 19.16 0.80 16.09
N SER B 282 20.41 1.05 16.41
CA SER B 282 21.21 0.00 16.99
C SER B 282 22.30 0.58 17.85
N SER B 283 22.98 -0.30 18.56
CA SER B 283 24.03 0.07 19.49
C SER B 283 25.36 0.04 18.76
N GLY B 284 26.43 0.36 19.48
CA GLY B 284 27.74 0.49 18.91
C GLY B 284 28.33 -0.81 18.38
N PRO B 285 28.63 -1.77 19.26
CA PRO B 285 29.24 -3.01 18.82
C PRO B 285 28.29 -4.01 18.17
N ASP B 286 27.02 -3.71 18.00
CA ASP B 286 26.16 -4.64 17.28
C ASP B 286 26.10 -4.33 15.81
N LEU B 287 26.42 -3.11 15.43
CA LEU B 287 26.52 -2.77 14.03
C LEU B 287 27.86 -3.13 13.43
N GLU B 288 28.85 -3.40 14.27
CA GLU B 288 30.18 -3.77 13.80
C GLU B 288 30.22 -4.99 12.87
N PRO B 289 29.56 -6.13 13.14
CA PRO B 289 29.66 -7.24 12.18
C PRO B 289 28.95 -6.97 10.87
N LEU B 290 28.00 -6.06 10.85
CA LEU B 290 27.36 -5.74 9.58
C LEU B 290 28.21 -4.79 8.77
N ILE B 291 28.84 -3.83 9.43
CA ILE B 291 29.62 -2.83 8.70
C ILE B 291 30.89 -3.45 8.16
N LYS B 292 31.51 -4.35 8.94
CA LYS B 292 32.65 -5.13 8.45
C LYS B 292 32.32 -5.86 7.16
N GLU B 293 31.18 -6.53 7.15
CA GLU B 293 30.81 -7.35 6.01
C GLU B 293 30.42 -6.49 4.81
N ILE B 294 29.73 -5.37 5.04
CA ILE B 294 29.31 -4.51 3.94
C ILE B 294 30.51 -3.86 3.29
N VAL B 295 31.47 -3.36 4.08
CA VAL B 295 32.63 -2.76 3.47
C VAL B 295 33.53 -3.83 2.85
N ARG B 296 33.39 -5.08 3.30
CA ARG B 296 34.07 -6.16 2.62
C ARG B 296 33.41 -6.49 1.29
N ARG B 297 32.13 -6.21 1.13
CA ARG B 297 31.48 -6.41 -0.15
C ARG B 297 31.20 -5.14 -0.91
N ASN B 298 31.57 -3.98 -0.36
CA ASN B 298 31.71 -2.71 -1.08
C ASN B 298 30.38 -2.20 -1.65
N ILE B 299 29.32 -2.33 -0.86
CA ILE B 299 28.01 -1.89 -1.28
C ILE B 299 27.94 -0.40 -1.00
N THR B 300 28.39 0.40 -1.95
CA THR B 300 28.37 1.84 -1.82
C THR B 300 27.05 2.37 -2.35
N GLY B 301 26.53 3.43 -1.71
CA GLY B 301 25.40 4.17 -2.22
C GLY B 301 24.36 4.48 -1.16
N LYS B 302 24.16 3.58 -0.21
CA LYS B 302 23.15 3.78 0.80
C LYS B 302 23.57 4.86 1.78
N ILE B 303 22.63 5.74 2.12
CA ILE B 303 22.86 6.75 3.13
C ILE B 303 22.16 6.31 4.40
N TRP B 304 22.88 6.36 5.51
CA TRP B 304 22.42 5.81 6.76
C TRP B 304 21.91 6.94 7.62
N LEU B 305 20.66 6.85 8.05
CA LEU B 305 20.27 7.58 9.23
C LEU B 305 20.82 6.83 10.41
N ALA B 306 21.23 7.55 11.44
CA ALA B 306 21.89 6.92 12.57
C ALA B 306 21.06 7.12 13.82
N SER B 307 20.95 6.06 14.61
CA SER B 307 20.42 6.22 15.94
C SER B 307 21.43 6.92 16.83
N GLU B 308 20.99 7.30 18.01
CA GLU B 308 21.82 8.06 18.93
C GLU B 308 22.98 7.26 19.46
N ALA B 309 22.85 5.93 19.50
CA ALA B 309 23.89 5.13 20.10
C ALA B 309 25.15 5.10 19.25
N TRP B 310 25.03 4.81 17.97
CA TRP B 310 26.20 4.66 17.14
C TRP B 310 26.49 5.87 16.27
N ALA B 311 25.75 6.96 16.40
CA ALA B 311 26.05 8.14 15.60
C ALA B 311 27.37 8.77 15.97
N SER B 312 27.87 8.52 17.16
CA SER B 312 29.21 8.95 17.55
C SER B 312 29.84 7.74 18.20
N SER B 313 30.42 6.88 17.39
CA SER B 313 30.96 5.63 17.88
C SER B 313 32.29 5.34 17.24
N SER B 314 33.30 5.10 18.07
CA SER B 314 34.65 4.87 17.61
C SER B 314 34.86 3.47 17.03
N LEU B 315 33.81 2.67 16.94
CA LEU B 315 33.89 1.41 16.23
C LEU B 315 33.39 1.51 14.80
N ILE B 316 32.57 2.51 14.50
CA ILE B 316 32.04 2.70 13.16
C ILE B 316 32.64 3.93 12.50
N ALA B 317 33.07 4.91 13.29
CA ALA B 317 33.75 6.09 12.74
C ALA B 317 35.21 5.74 12.51
N MET B 318 35.44 4.93 11.48
CA MET B 318 36.77 4.54 11.08
C MET B 318 36.97 4.91 9.61
N PRO B 319 38.13 5.47 9.25
CA PRO B 319 38.29 6.00 7.90
C PRO B 319 38.37 4.94 6.83
N GLN B 320 38.71 3.71 7.18
CA GLN B 320 38.67 2.63 6.21
C GLN B 320 37.26 2.22 5.87
N TYR B 321 36.29 2.53 6.70
CA TYR B 321 34.90 2.25 6.42
C TYR B 321 34.23 3.36 5.63
N PHE B 322 34.93 4.44 5.34
CA PHE B 322 34.29 5.64 4.83
C PHE B 322 33.76 5.50 3.41
N HIS B 323 34.14 4.44 2.71
CA HIS B 323 33.57 4.19 1.39
C HIS B 323 32.08 3.90 1.49
N VAL B 324 31.66 3.17 2.52
CA VAL B 324 30.25 2.90 2.71
C VAL B 324 29.63 3.83 3.75
N VAL B 325 30.25 4.03 4.90
CA VAL B 325 29.63 4.93 5.88
C VAL B 325 30.21 6.32 5.71
N GLY B 326 29.40 7.22 5.19
CA GLY B 326 29.83 8.59 5.00
C GLY B 326 28.63 9.46 4.83
N GLY B 327 28.68 10.64 5.42
CA GLY B 327 27.55 11.53 5.35
C GLY B 327 26.35 11.05 6.11
N THR B 328 26.53 10.20 7.11
CA THR B 328 25.41 9.64 7.86
C THR B 328 24.88 10.70 8.80
N ILE B 329 23.60 10.98 8.67
CA ILE B 329 22.94 11.92 9.56
C ILE B 329 22.69 11.21 10.88
N GLY B 330 23.16 11.78 11.97
CA GLY B 330 23.11 11.14 13.25
C GLY B 330 22.30 11.91 14.27
N PHE B 331 22.44 11.50 15.51
CA PHE B 331 21.83 12.18 16.63
C PHE B 331 22.81 12.20 17.77
N ALA B 332 22.76 13.24 18.57
CA ALA B 332 23.63 13.30 19.72
C ALA B 332 22.90 14.08 20.79
N LEU B 333 23.23 13.78 22.03
CA LEU B 333 22.61 14.52 23.10
C LEU B 333 23.30 15.87 23.25
N LYS B 334 22.65 16.74 24.01
CA LYS B 334 23.14 18.09 24.20
C LYS B 334 24.42 18.06 25.03
N ALA B 335 25.45 18.74 24.54
CA ALA B 335 26.74 18.71 25.18
C ALA B 335 26.71 19.43 26.53
N GLY B 336 27.52 18.93 27.46
CA GLY B 336 27.64 19.52 28.77
C GLY B 336 29.03 20.12 28.97
N GLN B 337 29.17 20.80 30.10
CA GLN B 337 30.40 21.50 30.44
C GLN B 337 30.79 21.12 31.85
N ILE B 338 31.91 20.43 32.00
CA ILE B 338 32.44 20.07 33.31
C ILE B 338 33.82 20.71 33.44
N PRO B 339 34.05 21.51 34.46
CA PRO B 339 35.34 22.21 34.57
C PRO B 339 36.37 21.39 35.29
N GLY B 340 37.61 21.41 34.80
CA GLY B 340 38.70 20.70 35.44
C GLY B 340 38.71 19.21 35.21
N PHE B 341 37.68 18.67 34.56
CA PHE B 341 37.62 17.25 34.32
C PHE B 341 38.63 16.82 33.28
N ARG B 342 38.93 17.72 32.34
CA ARG B 342 39.96 17.46 31.35
C ARG B 342 41.33 17.25 31.98
N GLU B 343 41.61 17.96 33.06
CA GLU B 343 42.88 17.78 33.74
C GLU B 343 42.82 16.65 34.75
N PHE B 344 41.65 16.38 35.32
CA PHE B 344 41.48 15.22 36.18
C PHE B 344 41.69 13.92 35.43
N LEU B 345 41.32 13.90 34.15
CA LEU B 345 41.65 12.75 33.32
C LEU B 345 43.15 12.59 33.16
N LYS B 346 43.89 13.69 33.15
CA LYS B 346 45.32 13.62 32.94
C LYS B 346 46.08 13.13 34.16
N LYS B 347 45.49 13.21 35.35
CA LYS B 347 46.18 12.84 36.57
C LYS B 347 46.11 11.35 36.87
N VAL B 348 45.85 10.53 35.88
CA VAL B 348 45.65 9.10 36.10
C VAL B 348 47.01 8.42 36.10
N HIS B 349 47.13 7.34 36.88
CA HIS B 349 48.36 6.58 36.98
C HIS B 349 48.00 5.21 37.53
N PRO B 350 48.63 4.13 37.06
CA PRO B 350 48.32 2.81 37.61
C PRO B 350 48.79 2.62 39.04
N ARG B 351 49.82 3.33 39.46
CA ARG B 351 50.35 3.19 40.80
C ARG B 351 49.82 4.23 41.76
N LYS B 352 49.62 5.47 41.31
CA LYS B 352 49.14 6.51 42.18
C LYS B 352 47.67 6.37 42.53
N SER B 353 46.89 5.69 41.70
CA SER B 353 45.47 5.48 41.96
C SER B 353 45.34 4.19 42.75
N VAL B 354 45.14 4.34 44.06
CA VAL B 354 44.92 3.17 44.92
C VAL B 354 43.47 2.73 44.91
N HIS B 355 42.54 3.63 44.62
CA HIS B 355 41.11 3.32 44.62
C HIS B 355 40.57 3.10 43.23
N ASN B 356 41.33 2.43 42.37
CA ASN B 356 40.92 2.24 40.99
C ASN B 356 41.59 0.98 40.47
N GLY B 357 40.84 -0.11 40.41
CA GLY B 357 41.40 -1.32 39.89
C GLY B 357 41.56 -1.38 38.39
N PHE B 358 40.96 -0.45 37.67
CA PHE B 358 40.97 -0.50 36.22
C PHE B 358 42.10 0.30 35.61
N ALA B 359 42.81 1.09 36.42
CA ALA B 359 43.85 1.97 35.90
C ALA B 359 45.01 1.17 35.31
N LYS B 360 45.31 0.03 35.93
CA LYS B 360 46.44 -0.79 35.49
C LYS B 360 46.17 -1.40 34.12
N GLU B 361 45.01 -2.03 33.96
CA GLU B 361 44.70 -2.68 32.69
C GLU B 361 44.44 -1.63 31.62
N PHE B 362 43.97 -0.46 32.03
CA PHE B 362 43.90 0.68 31.12
C PHE B 362 45.28 1.07 30.62
N TRP B 363 46.25 1.17 31.52
CA TRP B 363 47.58 1.63 31.19
C TRP B 363 48.26 0.66 30.24
N GLU B 364 48.18 -0.62 30.56
CA GLU B 364 48.80 -1.62 29.72
C GLU B 364 48.05 -1.82 28.42
N GLU B 365 46.80 -1.37 28.36
CA GLU B 365 46.12 -1.39 27.07
C GLU B 365 46.47 -0.19 26.22
N THR B 366 46.56 0.99 26.81
CA THR B 366 46.85 2.17 26.01
C THR B 366 48.31 2.29 25.64
N PHE B 367 49.19 1.55 26.30
CA PHE B 367 50.61 1.64 25.99
C PHE B 367 51.20 0.34 25.49
N ASN B 368 50.41 -0.74 25.41
CA ASN B 368 50.83 -2.08 25.00
C ASN B 368 51.97 -2.61 25.87
N CYS B 369 51.97 -2.18 27.12
CA CYS B 369 53.01 -2.54 28.05
C CYS B 369 52.77 -3.94 28.61
N HIS B 370 53.49 -4.25 29.68
CA HIS B 370 53.08 -5.31 30.59
C HIS B 370 53.53 -4.84 31.97
N LEU B 371 52.57 -4.48 32.81
CA LEU B 371 52.89 -3.97 34.13
C LEU B 371 53.38 -5.11 35.01
N GLN B 372 54.43 -4.86 35.75
CA GLN B 372 54.93 -5.80 36.74
C GLN B 372 54.72 -5.22 38.13
N GLU B 373 54.73 -6.10 39.13
CA GLU B 373 54.49 -5.69 40.50
C GLU B 373 55.51 -6.35 41.41
N PHE B 402 57.16 -10.29 23.25
CA PHE B 402 55.81 -9.88 22.92
C PHE B 402 55.54 -8.49 23.49
N ARG B 403 55.06 -8.46 24.73
CA ARG B 403 54.74 -7.22 25.41
C ARG B 403 55.94 -6.78 26.23
N PRO B 404 56.47 -5.58 26.01
CA PRO B 404 57.57 -5.10 26.83
C PRO B 404 57.08 -4.75 28.22
N LEU B 405 58.00 -4.79 29.17
CA LEU B 405 57.70 -4.34 30.52
C LEU B 405 57.52 -2.83 30.50
N CYS B 406 56.69 -2.33 31.41
CA CYS B 406 56.32 -0.92 31.36
C CYS B 406 57.09 -0.14 32.41
N THR B 407 57.55 1.04 32.02
CA THR B 407 58.32 1.90 32.91
C THR B 407 57.43 2.58 33.93
N GLY B 408 56.24 3.01 33.53
CA GLY B 408 55.36 3.70 34.44
C GLY B 408 55.63 5.17 34.59
N ASP B 409 56.05 5.84 33.52
CA ASP B 409 56.29 7.27 33.54
C ASP B 409 55.83 7.91 32.23
N GLU B 410 54.99 7.21 31.50
CA GLU B 410 54.66 7.59 30.13
C GLU B 410 53.67 8.73 30.14
N ASN B 411 53.59 9.45 29.03
CA ASN B 411 52.63 10.54 28.88
C ASN B 411 51.40 10.01 28.13
N ILE B 412 50.23 10.23 28.72
CA ILE B 412 49.01 9.69 28.13
C ILE B 412 48.55 10.51 26.96
N SER B 413 48.89 11.80 26.93
CA SER B 413 48.46 12.65 25.82
C SER B 413 49.27 12.42 24.55
N SER B 414 50.34 11.63 24.64
CA SER B 414 51.12 11.26 23.47
C SER B 414 50.32 10.39 22.51
N VAL B 415 49.82 9.26 23.00
CA VAL B 415 49.08 8.33 22.16
C VAL B 415 47.67 8.88 21.91
N GLU B 416 47.06 8.41 20.83
CA GLU B 416 45.71 8.81 20.47
C GLU B 416 44.75 7.71 20.88
N THR B 417 43.73 8.07 21.65
CA THR B 417 42.75 7.13 22.14
C THR B 417 41.49 7.90 22.49
N PRO B 418 40.30 7.29 22.39
CA PRO B 418 39.06 8.02 22.71
C PRO B 418 38.89 8.35 24.19
N TYR B 419 39.81 7.95 25.06
CA TYR B 419 39.80 8.40 26.44
C TYR B 419 39.99 9.91 26.53
N ILE B 420 40.85 10.48 25.70
CA ILE B 420 41.19 11.89 25.85
C ILE B 420 40.98 12.63 24.53
N ASP B 421 40.90 11.90 23.43
CA ASP B 421 40.64 12.54 22.14
C ASP B 421 39.13 12.66 22.00
N TYR B 422 38.60 13.81 22.40
CA TYR B 422 37.17 14.04 22.36
C TYR B 422 36.89 15.54 22.26
N THR B 423 35.70 15.86 21.83
CA THR B 423 35.28 17.25 21.67
C THR B 423 34.21 17.67 22.65
N HIS B 424 33.18 16.86 22.82
CA HIS B 424 32.03 17.26 23.61
C HIS B 424 31.72 16.17 24.62
N LEU B 425 31.47 16.59 25.85
CA LEU B 425 30.99 15.67 26.86
C LEU B 425 29.50 15.48 26.68
N ARG B 426 29.07 14.27 26.33
CA ARG B 426 27.65 13.98 26.19
C ARG B 426 27.18 12.98 27.24
N ILE B 427 27.72 11.78 27.26
CA ILE B 427 27.26 10.80 28.23
C ILE B 427 27.96 11.00 29.56
N SER B 428 29.20 11.50 29.52
CA SER B 428 29.92 11.82 30.73
C SER B 428 29.21 12.90 31.53
N TYR B 429 28.58 13.84 30.83
CA TYR B 429 27.75 14.82 31.50
C TYR B 429 26.54 14.17 32.15
N ASN B 430 25.98 13.12 31.55
CA ASN B 430 24.83 12.47 32.16
C ASN B 430 25.22 11.71 33.40
N VAL B 431 26.40 11.09 33.38
CA VAL B 431 26.94 10.44 34.58
C VAL B 431 27.10 11.45 35.70
N TYR B 432 27.68 12.59 35.34
CA TYR B 432 27.90 13.70 36.26
C TYR B 432 26.60 14.21 36.85
N LEU B 433 25.58 14.35 36.00
CA LEU B 433 24.29 14.80 36.46
C LEU B 433 23.63 13.78 37.36
N ALA B 434 23.84 12.49 37.08
CA ALA B 434 23.22 11.44 37.88
C ALA B 434 23.78 11.43 39.29
N VAL B 435 25.10 11.55 39.42
CA VAL B 435 25.66 11.50 40.75
C VAL B 435 25.41 12.81 41.52
N TYR B 436 25.35 13.95 40.81
CA TYR B 436 24.90 15.17 41.49
C TYR B 436 23.46 15.08 41.94
N SER B 437 22.62 14.40 41.19
CA SER B 437 21.23 14.30 41.57
C SER B 437 21.06 13.44 42.81
N ILE B 438 21.85 12.35 42.89
CA ILE B 438 21.87 11.55 44.11
C ILE B 438 22.34 12.38 45.30
N ALA B 439 23.37 13.20 45.08
CA ALA B 439 23.89 14.05 46.15
C ALA B 439 22.88 15.08 46.60
N HIS B 440 22.18 15.70 45.67
CA HIS B 440 21.21 16.71 46.04
C HIS B 440 19.97 16.12 46.68
N ALA B 441 19.61 14.89 46.36
CA ALA B 441 18.53 14.27 47.12
C ALA B 441 18.97 13.95 48.54
N LEU B 442 20.23 13.52 48.70
CA LEU B 442 20.77 13.32 50.04
C LEU B 442 20.83 14.63 50.82
N GLN B 443 21.14 15.73 50.14
CA GLN B 443 21.22 17.03 50.78
C GLN B 443 19.86 17.50 51.26
N ASP B 444 18.82 17.27 50.45
CA ASP B 444 17.50 17.67 50.87
C ASP B 444 16.92 16.71 51.90
N ILE B 445 17.50 15.53 52.05
CA ILE B 445 17.23 14.79 53.28
C ILE B 445 17.95 15.45 54.45
N TYR B 446 19.17 15.92 54.21
CA TYR B 446 20.04 16.42 55.29
C TYR B 446 19.53 17.74 55.86
N THR B 447 18.87 18.55 55.05
CA THR B 447 18.38 19.86 55.49
C THR B 447 16.87 19.87 55.60
N CYS B 448 16.30 18.84 56.20
CA CYS B 448 14.87 18.81 56.48
C CYS B 448 14.64 19.06 57.95
N LEU B 449 13.61 19.85 58.26
CA LEU B 449 13.17 20.13 59.62
C LEU B 449 11.98 19.25 59.96
N PRO B 450 11.78 18.89 61.23
CA PRO B 450 10.61 18.08 61.58
C PRO B 450 9.32 18.87 61.40
N GLY B 451 8.24 18.11 61.19
CA GLY B 451 6.98 18.73 60.81
C GLY B 451 6.96 19.29 59.41
N ARG B 452 7.93 18.89 58.57
CA ARG B 452 8.06 19.44 57.24
C ARG B 452 8.35 18.39 56.17
N GLY B 453 8.70 17.17 56.55
CA GLY B 453 9.21 16.17 55.61
C GLY B 453 8.17 15.63 54.67
N LEU B 454 8.62 14.75 53.78
CA LEU B 454 7.78 14.21 52.72
C LEU B 454 7.09 12.91 53.12
N PHE B 455 7.50 12.30 54.23
CA PHE B 455 6.98 11.01 54.63
C PHE B 455 5.66 11.19 55.37
N THR B 456 5.24 10.15 56.07
CA THR B 456 3.99 10.21 56.82
C THR B 456 4.09 11.23 57.95
N ASN B 457 3.00 11.99 58.12
CA ASN B 457 2.86 13.03 59.15
C ASN B 457 3.93 14.11 59.05
N GLY B 458 4.44 14.37 57.84
CA GLY B 458 5.50 15.35 57.63
C GLY B 458 6.81 15.03 58.31
N SER B 459 7.03 13.80 58.74
CA SER B 459 8.15 13.46 59.61
C SER B 459 9.30 12.95 58.74
N CYS B 460 10.31 13.79 58.54
CA CYS B 460 11.44 13.30 57.76
C CYS B 460 12.38 12.51 58.67
N ALA B 461 13.38 11.89 58.03
CA ALA B 461 14.28 10.97 58.71
C ALA B 461 15.70 11.52 58.72
N ASP B 462 16.58 10.80 59.42
CA ASP B 462 17.92 11.28 59.71
C ASP B 462 18.85 11.05 58.53
N ILE B 463 20.15 11.18 58.78
CA ILE B 463 21.17 10.92 57.81
C ILE B 463 21.98 9.68 58.16
N LYS B 464 22.33 9.52 59.43
CA LYS B 464 23.23 8.45 59.84
C LYS B 464 22.60 7.07 59.72
N LYS B 465 21.28 6.96 59.83
CA LYS B 465 20.58 5.70 59.60
C LYS B 465 19.58 5.99 58.49
N VAL B 466 20.03 5.95 57.25
CA VAL B 466 19.20 6.28 56.11
C VAL B 466 18.95 5.01 55.31
N GLU B 467 17.72 4.85 54.85
CA GLU B 467 17.35 3.70 54.06
C GLU B 467 17.10 4.14 52.63
N ALA B 468 17.12 3.17 51.72
CA ALA B 468 17.17 3.48 50.30
C ALA B 468 15.84 4.00 49.78
N TRP B 469 14.74 3.52 50.34
CA TRP B 469 13.44 3.96 49.88
C TRP B 469 13.18 5.42 50.20
N GLN B 470 13.76 5.92 51.28
CA GLN B 470 13.69 7.35 51.56
C GLN B 470 14.42 8.16 50.50
N VAL B 471 15.57 7.66 50.06
CA VAL B 471 16.32 8.34 49.01
C VAL B 471 15.55 8.31 47.71
N LEU B 472 14.84 7.21 47.46
CA LEU B 472 14.00 7.14 46.27
C LEU B 472 12.84 8.12 46.36
N LYS B 473 12.29 8.28 47.57
CA LYS B 473 11.18 9.20 47.77
C LYS B 473 11.62 10.64 47.55
N HIS B 474 12.83 10.97 47.99
CA HIS B 474 13.30 12.33 47.76
C HIS B 474 13.80 12.51 46.34
N LEU B 475 14.18 11.41 45.68
CA LEU B 475 14.61 11.52 44.29
C LEU B 475 13.43 11.74 43.36
N ARG B 476 12.26 11.22 43.73
CA ARG B 476 11.08 11.46 42.91
C ARG B 476 10.70 12.94 42.91
N HIS B 477 10.80 13.59 44.06
CA HIS B 477 10.49 15.02 44.17
C HIS B 477 11.80 15.82 44.19
N LEU B 478 12.45 15.86 43.04
CA LEU B 478 13.72 16.56 42.91
C LEU B 478 13.53 17.81 42.08
N ASN B 479 14.24 18.87 42.45
CA ASN B 479 14.18 20.15 41.75
C ASN B 479 15.47 20.87 42.10
N PHE B 480 16.45 20.86 41.20
CA PHE B 480 17.71 21.52 41.48
C PHE B 480 18.31 22.01 40.16
N THR B 481 19.43 22.71 40.27
CA THR B 481 19.99 23.48 39.18
C THR B 481 21.42 23.01 38.88
N ASN B 482 21.79 23.08 37.61
CA ASN B 482 23.08 22.60 37.12
C ASN B 482 24.20 23.58 37.44
N ASN B 483 25.38 23.29 36.91
CA ASN B 483 26.37 24.33 36.69
C ASN B 483 26.03 25.18 35.48
N MET B 484 25.29 24.62 34.54
CA MET B 484 24.81 25.36 33.37
C MET B 484 23.45 25.99 33.62
N GLY B 485 23.05 26.13 34.89
CA GLY B 485 21.91 26.94 35.26
C GLY B 485 20.56 26.44 34.84
N GLU B 486 20.40 25.14 34.56
CA GLU B 486 19.12 24.63 34.14
C GLU B 486 18.49 23.79 35.23
N GLN B 487 17.17 23.80 35.28
CA GLN B 487 16.43 23.02 36.26
C GLN B 487 16.42 21.56 35.85
N VAL B 488 16.56 20.68 36.84
CA VAL B 488 16.58 19.24 36.61
C VAL B 488 15.48 18.63 37.45
N THR B 489 14.49 18.07 36.79
CA THR B 489 13.37 17.44 37.48
C THR B 489 13.08 16.10 36.81
N PHE B 490 12.72 15.12 37.59
CA PHE B 490 12.28 13.86 37.03
C PHE B 490 10.77 13.83 37.04
N ASP B 491 10.19 13.26 36.00
CA ASP B 491 8.75 13.25 35.82
C ASP B 491 8.12 12.17 36.69
N GLU B 492 6.85 11.88 36.44
CA GLU B 492 6.20 10.78 37.14
C GLU B 492 6.71 9.43 36.66
N CYS B 493 7.35 9.39 35.49
CA CYS B 493 8.02 8.20 34.99
C CYS B 493 9.52 8.29 35.12
N GLY B 494 10.03 9.32 35.78
CA GLY B 494 11.43 9.42 36.15
C GLY B 494 12.42 9.54 35.02
N ASP B 495 12.39 10.63 34.27
CA ASP B 495 13.25 10.79 33.10
C ASP B 495 13.35 12.25 32.73
N LEU B 496 14.54 12.66 32.34
CA LEU B 496 14.75 14.00 31.82
C LEU B 496 14.24 14.11 30.40
N VAL B 497 14.15 15.34 29.92
CA VAL B 497 13.84 15.64 28.53
C VAL B 497 14.90 16.61 28.03
N GLY B 498 15.42 16.36 26.84
CA GLY B 498 16.50 17.16 26.30
C GLY B 498 16.34 17.36 24.81
N ASN B 499 17.23 18.14 24.24
CA ASN B 499 17.16 18.53 22.84
C ASN B 499 18.36 17.94 22.10
N TYR B 500 18.07 17.05 21.15
CA TYR B 500 19.10 16.40 20.37
C TYR B 500 19.76 17.40 19.44
N SER B 501 21.00 17.10 19.08
CA SER B 501 21.77 17.96 18.18
C SER B 501 22.22 17.09 17.02
N ILE B 502 21.63 17.32 15.86
CA ILE B 502 21.86 16.46 14.71
C ILE B 502 23.24 16.70 14.14
N ILE B 503 23.98 15.63 13.91
CA ILE B 503 25.35 15.72 13.43
C ILE B 503 25.44 15.11 12.04
N ASN B 504 26.62 15.25 11.45
CA ASN B 504 26.92 14.65 10.15
C ASN B 504 28.39 14.31 10.10
N TRP B 505 28.71 13.17 9.50
CA TRP B 505 30.05 12.61 9.55
C TRP B 505 30.84 13.18 8.40
N HIS B 506 31.92 13.89 8.71
CA HIS B 506 32.78 14.47 7.68
C HIS B 506 34.20 13.97 7.83
N LEU B 507 34.84 13.81 6.69
CA LEU B 507 36.22 13.35 6.61
C LEU B 507 37.14 14.55 6.75
N SER B 508 37.76 14.69 7.92
CA SER B 508 38.66 15.80 8.18
C SER B 508 39.96 15.58 7.43
N PRO B 509 40.23 16.32 6.36
CA PRO B 509 41.30 15.91 5.44
C PRO B 509 42.70 16.37 5.83
N GLU B 510 43.06 16.29 7.11
CA GLU B 510 44.48 16.42 7.45
C GLU B 510 44.79 15.41 8.56
N ASP B 511 44.95 14.14 8.14
CA ASP B 511 45.13 12.98 9.02
C ASP B 511 44.07 12.84 10.11
N GLY B 512 42.92 13.52 9.98
CA GLY B 512 41.84 13.35 10.90
C GLY B 512 40.95 12.22 10.45
N SER B 513 40.46 11.45 11.42
CA SER B 513 39.72 10.24 11.05
C SER B 513 38.35 10.61 10.49
N ILE B 514 37.45 11.10 11.34
CA ILE B 514 36.12 11.51 10.94
C ILE B 514 35.70 12.59 11.91
N VAL B 515 35.31 13.75 11.38
CA VAL B 515 34.83 14.83 12.23
C VAL B 515 33.33 14.90 12.08
N PHE B 516 32.66 15.19 13.20
CA PHE B 516 31.21 15.22 13.28
C PHE B 516 30.76 16.67 13.21
N LYS B 517 30.22 17.08 12.07
CA LYS B 517 29.77 18.44 11.89
C LYS B 517 28.32 18.55 12.29
N GLU B 518 28.04 19.43 13.24
CA GLU B 518 26.68 19.65 13.70
C GLU B 518 25.89 20.42 12.66
N VAL B 519 24.74 19.90 12.26
CA VAL B 519 23.97 20.48 11.18
C VAL B 519 22.57 20.90 11.63
N GLY B 520 22.30 20.88 12.92
CA GLY B 520 20.98 21.35 13.33
C GLY B 520 20.66 20.92 14.74
N TYR B 521 19.37 20.81 15.03
CA TYR B 521 18.94 20.29 16.31
C TYR B 521 17.60 19.60 16.15
N TYR B 522 16.94 19.39 17.28
CA TYR B 522 15.56 18.93 17.31
C TYR B 522 15.01 19.42 18.65
N ASN B 523 14.32 20.54 18.63
CA ASN B 523 13.80 21.14 19.85
C ASN B 523 12.52 20.41 20.23
N VAL B 524 12.57 19.56 21.25
CA VAL B 524 11.37 18.83 21.64
C VAL B 524 10.38 19.70 22.40
N TYR B 525 10.80 20.88 22.85
CA TYR B 525 9.92 21.73 23.62
C TYR B 525 8.92 22.47 22.75
N ALA B 526 9.14 22.50 21.44
CA ALA B 526 8.32 23.33 20.58
C ALA B 526 7.02 22.63 20.22
N LYS B 527 6.27 23.24 19.32
CA LYS B 527 5.02 22.66 18.88
C LYS B 527 5.27 21.46 17.98
N LYS B 528 4.29 20.57 17.92
CA LYS B 528 4.34 19.46 16.98
C LYS B 528 4.30 20.00 15.56
N GLY B 529 5.07 19.39 14.67
CA GLY B 529 5.10 19.82 13.30
C GLY B 529 6.22 20.78 13.04
N GLU B 530 6.64 21.49 14.09
CA GLU B 530 7.79 22.40 14.03
C GLU B 530 8.68 22.11 15.22
N ARG B 531 9.54 21.10 15.05
CA ARG B 531 10.55 20.78 16.05
C ARG B 531 11.92 20.63 15.44
N LEU B 532 12.01 20.56 14.13
CA LEU B 532 13.20 20.10 13.43
C LEU B 532 13.77 21.24 12.59
N PHE B 533 15.01 21.61 12.90
CA PHE B 533 15.68 22.67 12.16
C PHE B 533 16.99 22.12 11.63
N ILE B 534 17.11 22.01 10.31
CA ILE B 534 18.31 21.51 9.66
C ILE B 534 18.85 22.61 8.75
N ASN B 535 20.00 23.15 9.10
CA ASN B 535 20.72 24.04 8.19
C ASN B 535 21.46 23.15 7.21
N GLU B 536 20.81 22.84 6.10
CA GLU B 536 21.29 21.78 5.22
C GLU B 536 22.31 22.22 4.21
N GLU B 537 23.02 23.31 4.47
CA GLU B 537 24.07 23.74 3.58
C GLU B 537 25.36 22.97 3.80
N LYS B 538 25.48 22.28 4.92
CA LYS B 538 26.72 21.63 5.31
C LYS B 538 26.75 20.16 4.95
N ILE B 539 25.67 19.61 4.43
CA ILE B 539 25.49 18.17 4.38
C ILE B 539 26.11 17.61 3.12
N LEU B 540 27.07 16.72 3.29
CA LEU B 540 27.69 16.02 2.17
C LEU B 540 27.11 14.61 2.12
N TRP B 541 26.09 14.44 1.29
CA TRP B 541 25.47 13.14 1.08
C TRP B 541 26.47 12.18 0.49
N SER B 542 26.58 11.01 1.12
CA SER B 542 27.56 9.97 0.81
C SER B 542 29.00 10.47 0.86
N GLY B 543 29.26 11.50 1.66
CA GLY B 543 30.61 11.93 1.91
C GLY B 543 31.09 13.11 1.10
N PHE B 544 30.63 13.24 -0.14
CA PHE B 544 31.23 14.21 -1.04
C PHE B 544 30.20 15.09 -1.73
N SER B 545 29.01 14.57 -1.97
CA SER B 545 28.06 15.22 -2.86
C SER B 545 27.41 16.41 -2.18
N ARG B 546 26.54 17.09 -2.91
CA ARG B 546 25.80 18.20 -2.36
C ARG B 546 24.31 18.12 -2.63
N GLU B 547 23.88 17.47 -3.69
CA GLU B 547 22.46 17.35 -3.95
C GLU B 547 21.87 16.22 -3.15
N VAL B 548 20.62 16.41 -2.73
CA VAL B 548 19.90 15.38 -1.98
C VAL B 548 19.66 14.18 -2.87
N PRO B 549 20.04 12.98 -2.45
CA PRO B 549 19.82 11.81 -3.30
C PRO B 549 18.36 11.40 -3.34
N PHE B 550 17.97 10.89 -4.50
CA PHE B 550 16.64 10.39 -4.73
C PHE B 550 16.46 9.08 -3.99
N SER B 551 15.35 8.92 -3.29
CA SER B 551 15.10 7.66 -2.60
C SER B 551 13.64 7.28 -2.63
N ASN B 552 12.93 7.64 -3.69
CA ASN B 552 11.56 7.19 -3.82
C ASN B 552 11.52 5.84 -4.52
N CYS B 553 10.36 5.19 -4.44
CA CYS B 553 10.23 3.86 -5.04
C CYS B 553 10.03 3.97 -6.54
N SER B 554 9.05 4.76 -6.97
CA SER B 554 8.83 5.07 -8.38
C SER B 554 9.03 6.56 -8.58
N ARG B 555 9.61 6.93 -9.71
CA ARG B 555 9.84 8.34 -10.00
C ARG B 555 8.53 9.03 -10.30
N ASP B 556 8.30 10.17 -9.66
CA ASP B 556 7.04 10.88 -9.79
C ASP B 556 6.93 11.47 -11.19
N CYS B 557 6.06 10.89 -12.00
CA CYS B 557 5.90 11.30 -13.37
C CYS B 557 4.84 12.40 -13.49
N LEU B 558 4.64 12.86 -14.72
CA LEU B 558 4.18 14.23 -14.94
C LEU B 558 2.67 14.30 -15.03
N ALA B 559 2.17 15.45 -15.49
CA ALA B 559 0.75 15.77 -15.54
C ALA B 559 0.09 15.34 -16.84
N GLY B 560 0.72 14.45 -17.60
CA GLY B 560 0.04 13.88 -18.74
C GLY B 560 -0.66 12.60 -18.34
N THR B 561 -0.27 12.07 -17.19
CA THR B 561 -0.68 10.74 -16.76
C THR B 561 -1.32 10.76 -15.38
N ARG B 562 -2.08 9.71 -15.11
CA ARG B 562 -2.59 9.37 -13.80
C ARG B 562 -1.68 8.32 -13.19
N LYS B 563 -2.06 7.78 -12.03
CA LYS B 563 -1.22 6.82 -11.32
C LYS B 563 -1.92 5.46 -11.28
N GLY B 564 -1.27 4.46 -11.83
CA GLY B 564 -1.79 3.09 -11.81
C GLY B 564 -0.88 2.23 -10.95
N ILE B 565 -1.38 1.09 -10.52
CA ILE B 565 -0.69 0.34 -9.49
C ILE B 565 -0.33 -1.06 -9.96
N ILE B 566 0.56 -1.67 -9.20
CA ILE B 566 0.98 -3.05 -9.41
C ILE B 566 0.33 -3.88 -8.31
N GLU B 567 -0.17 -5.05 -8.68
CA GLU B 567 -0.83 -5.92 -7.73
C GLU B 567 0.19 -6.49 -6.75
N GLY B 568 -0.08 -6.31 -5.46
CA GLY B 568 0.77 -6.88 -4.44
C GLY B 568 2.02 -6.10 -4.13
N GLU B 569 2.00 -4.78 -4.28
CA GLU B 569 3.15 -3.93 -4.04
C GLU B 569 2.72 -2.74 -3.20
N PRO B 570 3.65 -2.11 -2.46
CA PRO B 570 3.28 -0.93 -1.67
C PRO B 570 2.88 0.27 -2.51
N THR B 571 2.20 1.23 -1.89
CA THR B 571 1.67 2.36 -2.64
C THR B 571 2.76 3.36 -3.02
N CYS B 572 3.90 3.34 -2.33
CA CYS B 572 4.92 4.34 -2.59
C CYS B 572 5.63 4.12 -3.91
N CYS B 573 5.41 2.99 -4.58
CA CYS B 573 5.76 2.87 -5.97
C CYS B 573 4.59 2.34 -6.77
N PHE B 574 4.47 2.87 -7.98
CA PHE B 574 3.32 2.70 -8.83
C PHE B 574 3.82 2.53 -10.25
N GLU B 575 2.90 2.66 -11.19
CA GLU B 575 3.20 2.96 -12.57
C GLU B 575 2.34 4.14 -12.98
N CYS B 576 2.59 4.69 -14.15
CA CYS B 576 1.77 5.79 -14.61
C CYS B 576 1.47 5.67 -16.09
N VAL B 577 0.19 5.65 -16.40
CA VAL B 577 -0.32 5.46 -17.74
C VAL B 577 -1.13 6.68 -18.13
N GLU B 578 -1.09 7.01 -19.42
CA GLU B 578 -1.75 8.21 -19.91
C GLU B 578 -3.25 7.99 -19.98
N CYS B 579 -4.00 9.03 -19.69
CA CYS B 579 -5.42 8.79 -19.70
C CYS B 579 -6.09 9.50 -20.87
N PRO B 580 -6.95 8.81 -21.61
CA PRO B 580 -7.37 9.33 -22.91
C PRO B 580 -8.66 10.12 -22.87
N ASP B 581 -8.89 10.91 -23.93
CA ASP B 581 -10.22 11.40 -24.34
C ASP B 581 -10.93 12.21 -23.25
N GLY B 582 -10.32 13.33 -22.90
CA GLY B 582 -10.84 14.09 -21.79
C GLY B 582 -10.07 13.88 -20.51
N GLU B 583 -8.76 14.15 -20.58
CA GLU B 583 -7.92 14.00 -19.41
C GLU B 583 -8.03 15.19 -18.46
N TYR B 584 -7.55 16.35 -18.90
CA TYR B 584 -7.38 17.56 -18.07
C TYR B 584 -6.64 17.26 -16.77
N SER B 585 -5.58 16.45 -16.91
CA SER B 585 -4.81 16.00 -15.75
C SER B 585 -3.96 17.14 -15.22
N ASP B 586 -4.55 18.01 -14.40
CA ASP B 586 -3.90 19.27 -14.06
C ASP B 586 -2.81 19.10 -13.00
N GLU B 587 -3.05 18.29 -11.96
CA GLU B 587 -2.12 18.17 -10.86
C GLU B 587 -0.91 17.34 -11.28
N THR B 588 0.16 17.39 -10.49
CA THR B 588 1.42 16.77 -10.88
C THR B 588 1.50 15.29 -10.56
N ASP B 589 0.78 14.85 -9.54
CA ASP B 589 0.78 13.45 -9.14
C ASP B 589 -0.65 13.01 -8.83
N ALA B 590 -1.55 13.23 -9.78
CA ALA B 590 -2.94 12.88 -9.58
C ALA B 590 -3.10 11.36 -9.59
N SER B 591 -3.99 10.87 -8.75
CA SER B 591 -4.29 9.45 -8.70
C SER B 591 -5.31 9.03 -9.75
N ALA B 592 -6.12 9.98 -10.23
CA ALA B 592 -7.10 9.72 -11.28
C ALA B 592 -7.38 11.05 -11.96
N CYS B 593 -7.04 11.15 -13.24
CA CYS B 593 -7.26 12.39 -13.97
C CYS B 593 -8.76 12.61 -14.19
N ASN B 594 -9.14 13.86 -14.29
CA ASN B 594 -10.55 14.23 -14.23
C ASN B 594 -11.21 13.97 -15.58
N LYS B 595 -12.46 14.42 -15.72
CA LYS B 595 -13.17 14.36 -16.98
C LYS B 595 -13.40 15.80 -17.45
N CYS B 596 -13.18 16.03 -18.74
CA CYS B 596 -13.32 17.37 -19.28
C CYS B 596 -14.79 17.78 -19.31
N PRO B 597 -15.08 19.07 -19.15
CA PRO B 597 -16.47 19.53 -19.24
C PRO B 597 -16.99 19.46 -20.67
N ASP B 598 -18.31 19.61 -20.80
CA ASP B 598 -18.98 19.39 -22.07
C ASP B 598 -18.68 20.49 -23.09
N ASP B 599 -18.04 21.59 -22.67
CA ASP B 599 -17.67 22.66 -23.57
C ASP B 599 -16.29 22.49 -24.17
N PHE B 600 -15.51 21.52 -23.69
CA PHE B 600 -14.09 21.48 -24.02
C PHE B 600 -13.67 20.09 -24.43
N TRP B 601 -12.44 20.00 -24.93
CA TRP B 601 -11.82 18.73 -25.24
C TRP B 601 -10.34 18.78 -24.89
N SER B 602 -9.81 17.62 -24.51
CA SER B 602 -8.46 17.51 -23.98
C SER B 602 -7.42 17.84 -25.03
N ASN B 603 -6.25 18.24 -24.55
CA ASN B 603 -5.19 18.72 -25.44
C ASN B 603 -4.51 17.53 -26.10
N GLU B 604 -3.45 17.82 -26.86
CA GLU B 604 -2.64 16.76 -27.45
C GLU B 604 -1.85 16.01 -26.38
N ASN B 605 -1.16 16.76 -25.53
CA ASN B 605 -0.43 16.22 -24.40
C ASN B 605 -1.30 16.05 -23.17
N HIS B 606 -2.61 15.99 -23.36
CA HIS B 606 -3.61 15.60 -22.37
C HIS B 606 -3.62 16.48 -21.12
N THR B 607 -3.17 17.71 -21.25
CA THR B 607 -3.10 18.63 -20.13
C THR B 607 -4.50 19.23 -19.92
N SER B 608 -4.63 20.32 -19.16
CA SER B 608 -5.91 20.94 -18.86
C SER B 608 -6.62 21.42 -20.12
N CYS B 609 -7.84 20.95 -20.32
CA CYS B 609 -8.56 21.19 -21.56
C CYS B 609 -9.07 22.62 -21.57
N ILE B 610 -8.34 23.48 -22.28
CA ILE B 610 -8.87 24.77 -22.69
C ILE B 610 -9.24 24.77 -24.17
N ALA B 611 -8.89 23.73 -24.90
CA ALA B 611 -9.39 23.52 -26.25
C ALA B 611 -10.88 23.25 -26.17
N LYS B 612 -11.67 24.13 -26.76
CA LYS B 612 -13.12 24.03 -26.66
C LYS B 612 -13.71 23.35 -27.89
N GLU B 613 -15.03 23.28 -27.91
CA GLU B 613 -15.74 22.57 -28.96
C GLU B 613 -15.91 23.50 -30.18
N ILE B 614 -16.69 23.05 -31.16
CA ILE B 614 -16.83 23.74 -32.44
C ILE B 614 -17.69 24.99 -32.33
N GLU B 615 -17.73 25.76 -33.42
CA GLU B 615 -18.63 26.90 -33.56
C GLU B 615 -19.20 26.92 -34.98
N PHE B 616 -19.69 25.78 -35.44
CA PHE B 616 -20.11 25.62 -36.83
C PHE B 616 -21.41 26.35 -37.12
N LEU B 617 -21.30 27.58 -37.64
CA LEU B 617 -22.46 28.41 -37.95
C LEU B 617 -22.42 28.95 -39.37
N SER B 618 -21.25 29.39 -39.84
CA SER B 618 -21.02 29.97 -41.18
C SER B 618 -21.90 31.20 -41.42
N TRP B 619 -21.66 32.25 -40.64
CA TRP B 619 -22.40 33.50 -40.78
C TRP B 619 -21.67 34.48 -41.69
N THR B 620 -20.46 34.89 -41.31
CA THR B 620 -19.64 35.79 -42.10
C THR B 620 -18.40 35.10 -42.67
N GLU B 621 -18.48 33.79 -42.86
CA GLU B 621 -17.38 33.03 -43.43
C GLU B 621 -17.21 33.39 -44.90
N PRO B 622 -15.98 33.24 -45.45
CA PRO B 622 -15.77 33.58 -46.87
C PRO B 622 -16.34 32.53 -47.82
N PHE B 623 -16.76 31.38 -47.30
CA PHE B 623 -17.44 30.37 -48.10
C PHE B 623 -18.94 30.61 -48.18
N GLY B 624 -19.48 31.52 -47.38
CA GLY B 624 -20.88 31.86 -47.44
C GLY B 624 -21.10 33.33 -47.78
N ILE B 625 -20.05 34.14 -47.66
CA ILE B 625 -20.15 35.55 -48.01
C ILE B 625 -20.27 35.73 -49.51
N ALA B 626 -19.64 34.86 -50.29
CA ALA B 626 -19.82 34.89 -51.74
C ALA B 626 -21.23 34.48 -52.13
N LEU B 627 -21.82 33.54 -51.41
CA LEU B 627 -23.20 33.18 -51.69
C LEU B 627 -24.17 34.28 -51.25
N THR B 628 -23.82 35.01 -50.18
CA THR B 628 -24.61 36.17 -49.79
C THR B 628 -24.55 37.26 -50.86
N LEU B 629 -23.36 37.46 -51.45
CA LEU B 629 -23.22 38.40 -52.56
C LEU B 629 -24.02 37.95 -53.78
N PHE B 630 -24.04 36.64 -54.04
CA PHE B 630 -24.81 36.11 -55.16
C PHE B 630 -26.31 36.29 -54.93
N ALA B 631 -26.76 36.13 -53.68
CA ALA B 631 -28.18 36.35 -53.37
C ALA B 631 -28.55 37.83 -53.48
N VAL B 632 -27.65 38.72 -53.08
CA VAL B 632 -27.91 40.15 -53.24
C VAL B 632 -27.96 40.55 -54.71
N LEU B 633 -27.07 39.99 -55.53
CA LEU B 633 -27.10 40.27 -56.97
C LEU B 633 -28.33 39.66 -57.63
N GLY B 634 -28.79 38.51 -57.13
CA GLY B 634 -30.03 37.94 -57.64
C GLY B 634 -31.24 38.79 -57.30
N ILE B 635 -31.28 39.33 -56.08
CA ILE B 635 -32.38 40.23 -55.72
C ILE B 635 -32.32 41.53 -56.52
N PHE B 636 -31.12 42.03 -56.80
CA PHE B 636 -31.00 43.26 -57.57
C PHE B 636 -31.32 43.04 -59.04
N LEU B 637 -31.01 41.85 -59.57
CA LEU B 637 -31.41 41.50 -60.93
C LEU B 637 -32.91 41.28 -61.03
N THR B 638 -33.54 40.87 -59.93
CA THR B 638 -35.01 40.88 -59.91
C THR B 638 -35.56 42.29 -59.85
N ALA B 639 -34.89 43.18 -59.10
CA ALA B 639 -35.39 44.54 -58.93
C ALA B 639 -35.26 45.39 -60.19
N PHE B 640 -34.20 45.18 -60.98
CA PHE B 640 -34.07 45.93 -62.23
C PHE B 640 -35.11 45.48 -63.25
N VAL B 641 -35.41 44.18 -63.30
CA VAL B 641 -36.51 43.70 -64.14
C VAL B 641 -37.85 44.21 -63.63
N LEU B 642 -37.98 44.38 -62.31
CA LEU B 642 -39.19 44.98 -61.77
C LEU B 642 -39.31 46.45 -62.17
N GLY B 643 -38.19 47.17 -62.21
CA GLY B 643 -38.22 48.56 -62.64
C GLY B 643 -38.55 48.71 -64.11
N VAL B 644 -38.01 47.81 -64.94
CA VAL B 644 -38.34 47.81 -66.37
C VAL B 644 -39.80 47.45 -66.61
N PHE B 645 -40.32 46.43 -65.93
CA PHE B 645 -41.72 46.05 -66.08
C PHE B 645 -42.66 47.07 -65.46
N ILE B 646 -42.18 47.92 -64.55
CA ILE B 646 -42.99 49.02 -64.04
C ILE B 646 -42.99 50.19 -65.01
N LYS B 647 -41.84 50.54 -65.57
CA LYS B 647 -41.74 51.68 -66.46
C LYS B 647 -42.41 51.39 -67.80
N PHE B 648 -41.87 50.44 -68.55
CA PHE B 648 -42.39 50.15 -69.89
C PHE B 648 -43.51 49.12 -69.76
N GLU B 660 -52.12 40.87 -63.32
CA GLU B 660 -51.69 40.11 -62.15
C GLU B 660 -50.41 39.33 -62.41
N LEU B 661 -50.15 38.95 -63.66
CA LEU B 661 -48.91 38.25 -63.99
C LEU B 661 -47.69 39.16 -63.98
N SER B 662 -47.88 40.47 -63.97
CA SER B 662 -46.79 41.41 -63.76
C SER B 662 -46.70 41.87 -62.32
N TYR B 663 -47.67 41.51 -61.48
CA TYR B 663 -47.67 41.90 -60.07
C TYR B 663 -47.25 40.75 -59.16
N LEU B 664 -48.01 39.65 -59.17
CA LEU B 664 -47.76 38.54 -58.25
C LEU B 664 -46.52 37.76 -58.65
N LEU B 665 -46.37 37.47 -59.95
CA LEU B 665 -45.19 36.78 -60.48
C LEU B 665 -43.96 37.68 -60.56
N LEU B 666 -44.08 38.94 -60.15
CA LEU B 666 -42.93 39.78 -59.85
C LEU B 666 -42.61 39.84 -58.37
N PHE B 667 -43.61 40.08 -57.53
CA PHE B 667 -43.37 40.28 -56.10
C PHE B 667 -42.98 38.97 -55.42
N SER B 668 -43.70 37.87 -55.71
CA SER B 668 -43.35 36.60 -55.09
C SER B 668 -42.06 36.04 -55.64
N LEU B 669 -41.75 36.33 -56.90
CA LEU B 669 -40.47 35.89 -57.46
C LEU B 669 -39.32 36.72 -56.92
N LEU B 670 -39.58 37.96 -56.50
CA LEU B 670 -38.56 38.70 -55.78
C LEU B 670 -38.45 38.23 -54.34
N CYS B 671 -39.56 37.82 -53.73
CA CYS B 671 -39.55 37.40 -52.33
C CYS B 671 -38.85 36.06 -52.15
N CYS B 672 -39.07 35.12 -53.07
CA CYS B 672 -38.42 33.82 -53.00
C CYS B 672 -36.92 33.89 -53.27
N PHE B 673 -36.45 34.97 -53.90
CA PHE B 673 -35.03 35.20 -54.09
C PHE B 673 -34.41 36.11 -53.04
N SER B 674 -35.24 36.87 -52.32
CA SER B 674 -34.73 37.77 -51.29
C SER B 674 -34.76 37.19 -49.89
N SER B 675 -35.76 36.37 -49.57
CA SER B 675 -35.83 35.74 -48.25
C SER B 675 -34.99 34.48 -48.15
N SER B 676 -34.31 34.09 -49.23
CA SER B 676 -33.43 32.93 -49.20
C SER B 676 -32.17 33.17 -48.38
N LEU B 677 -31.79 34.43 -48.17
CA LEU B 677 -30.64 34.77 -47.34
C LEU B 677 -30.99 34.83 -45.86
N PHE B 678 -32.20 34.44 -45.47
CA PHE B 678 -32.62 34.41 -44.07
C PHE B 678 -32.37 33.04 -43.44
N PHE B 679 -31.50 32.24 -44.02
CA PHE B 679 -31.17 30.93 -43.45
C PHE B 679 -29.68 30.65 -43.50
N ILE B 680 -28.84 31.67 -43.40
CA ILE B 680 -27.39 31.50 -43.39
C ILE B 680 -26.82 32.13 -42.12
N GLY B 681 -26.15 31.30 -41.33
CA GLY B 681 -25.56 31.74 -40.09
C GLY B 681 -25.87 30.81 -38.93
N GLU B 682 -25.85 31.39 -37.74
CA GLU B 682 -26.11 30.64 -36.52
C GLU B 682 -27.60 30.58 -36.26
N PRO B 683 -28.24 29.40 -36.32
CA PRO B 683 -29.69 29.33 -36.20
C PRO B 683 -30.16 29.47 -34.76
N GLN B 684 -31.46 29.70 -34.64
CA GLN B 684 -32.16 29.83 -33.37
C GLN B 684 -33.58 29.32 -33.58
N ASP B 685 -34.48 29.68 -32.67
CA ASP B 685 -35.87 29.28 -32.80
C ASP B 685 -36.54 29.95 -34.00
N TRP B 686 -36.41 31.27 -34.09
CA TRP B 686 -36.99 32.05 -35.18
C TRP B 686 -36.35 31.71 -36.52
N THR B 687 -35.02 31.72 -36.60
CA THR B 687 -34.31 31.40 -37.83
C THR B 687 -34.37 29.92 -38.17
N CYS B 688 -34.81 29.07 -37.24
CA CYS B 688 -35.05 27.68 -37.55
C CYS B 688 -36.48 27.41 -37.98
N ARG B 689 -37.44 28.22 -37.53
CA ARG B 689 -38.80 28.15 -38.03
C ARG B 689 -38.98 28.85 -39.36
N LEU B 690 -38.03 29.71 -39.76
CA LEU B 690 -38.17 30.48 -40.99
C LEU B 690 -37.70 29.72 -42.24
N ARG B 691 -37.76 28.39 -42.23
CA ARG B 691 -37.44 27.60 -43.42
C ARG B 691 -38.69 27.10 -44.14
N GLN B 692 -39.87 27.24 -43.53
CA GLN B 692 -41.11 27.01 -44.27
C GLN B 692 -41.48 28.12 -45.27
N PRO B 693 -41.19 29.42 -45.04
CA PRO B 693 -41.31 30.38 -46.14
C PRO B 693 -40.42 30.10 -47.34
N ALA B 694 -39.35 29.32 -47.19
CA ALA B 694 -38.58 28.85 -48.33
C ALA B 694 -39.37 27.88 -49.21
N PHE B 695 -40.48 27.33 -48.72
CA PHE B 695 -41.46 26.66 -49.56
C PHE B 695 -42.63 27.55 -49.94
N GLY B 696 -43.08 28.41 -49.02
CA GLY B 696 -44.24 29.25 -49.28
C GLY B 696 -44.03 30.28 -50.36
N ILE B 697 -42.88 30.94 -50.37
CA ILE B 697 -42.61 31.99 -51.37
C ILE B 697 -42.41 31.38 -52.74
N SER B 698 -41.80 30.19 -52.82
CA SER B 698 -41.71 29.48 -54.09
C SER B 698 -43.09 29.04 -54.58
N PHE B 699 -43.98 28.67 -53.65
CA PHE B 699 -45.33 28.28 -54.03
C PHE B 699 -46.11 29.44 -54.64
N VAL B 700 -45.91 30.65 -54.12
CA VAL B 700 -46.58 31.82 -54.68
C VAL B 700 -45.91 32.29 -55.97
N LEU B 701 -44.59 32.17 -56.07
CA LEU B 701 -43.90 32.55 -57.30
C LEU B 701 -44.10 31.56 -58.43
N CYS B 702 -44.49 30.32 -58.14
CA CYS B 702 -44.75 29.34 -59.17
C CYS B 702 -46.17 29.39 -59.70
N ILE B 703 -46.94 30.42 -59.34
CA ILE B 703 -48.28 30.59 -59.88
C ILE B 703 -48.27 31.14 -61.30
N SER B 704 -47.11 31.58 -61.79
CA SER B 704 -47.01 32.05 -63.16
C SER B 704 -47.28 30.94 -64.16
N CYS B 705 -46.90 29.70 -63.82
CA CYS B 705 -47.08 28.55 -64.69
C CYS B 705 -48.56 28.18 -64.90
N ILE B 706 -49.45 28.65 -64.04
CA ILE B 706 -50.88 28.47 -64.26
C ILE B 706 -51.62 29.77 -64.50
N LEU B 707 -50.95 30.92 -64.36
CA LEU B 707 -51.60 32.21 -64.57
C LEU B 707 -51.29 32.85 -65.91
N VAL B 708 -50.08 32.64 -66.46
CA VAL B 708 -49.68 33.35 -67.67
C VAL B 708 -49.79 32.48 -68.91
N LYS B 709 -50.46 31.34 -68.83
CA LYS B 709 -50.64 30.48 -69.99
C LYS B 709 -51.65 31.10 -70.95
N THR B 710 -51.54 30.70 -72.22
CA THR B 710 -52.45 31.15 -73.26
C THR B 710 -53.86 30.62 -73.07
N ASN B 711 -54.03 29.52 -72.36
CA ASN B 711 -55.34 28.94 -72.09
C ASN B 711 -55.97 29.45 -70.81
N ARG B 712 -55.56 30.63 -70.32
CA ARG B 712 -56.27 31.22 -69.19
C ARG B 712 -57.67 31.69 -69.60
N GLN B 735 -61.15 35.41 -61.77
CA GLN B 735 -60.79 34.01 -61.98
C GLN B 735 -59.28 33.78 -61.91
N PHE B 736 -58.47 34.70 -62.42
CA PHE B 736 -57.02 34.56 -62.41
C PHE B 736 -56.40 34.80 -61.04
N LEU B 737 -57.12 35.42 -60.11
CA LEU B 737 -56.65 35.58 -58.75
C LEU B 737 -57.03 34.41 -57.84
N LEU B 738 -57.22 33.22 -58.41
CA LEU B 738 -57.56 32.03 -57.64
C LEU B 738 -56.33 31.23 -57.21
N VAL B 739 -55.19 31.90 -57.01
CA VAL B 739 -53.97 31.22 -56.59
C VAL B 739 -54.04 30.77 -55.14
N PHE B 740 -54.99 31.30 -54.36
CA PHE B 740 -55.24 30.85 -53.00
C PHE B 740 -55.88 29.47 -52.93
N LEU B 741 -56.21 28.86 -54.07
CA LEU B 741 -56.61 27.46 -54.08
C LEU B 741 -55.46 26.52 -53.72
N CYS B 742 -54.23 26.95 -53.89
CA CYS B 742 -53.06 26.14 -53.56
C CYS B 742 -52.10 26.84 -52.62
N THR B 743 -51.96 28.17 -52.72
CA THR B 743 -51.05 28.89 -51.82
C THR B 743 -51.56 28.87 -50.39
N PHE B 744 -52.86 29.06 -50.19
CA PHE B 744 -53.42 28.96 -48.85
C PHE B 744 -53.42 27.53 -48.34
N MET B 745 -53.50 26.55 -49.25
CA MET B 745 -53.37 25.16 -48.84
C MET B 745 -51.96 24.85 -48.35
N GLN B 746 -50.95 25.40 -49.03
CA GLN B 746 -49.57 25.28 -48.57
C GLN B 746 -49.36 26.00 -47.24
N ILE B 747 -50.01 27.15 -47.05
CA ILE B 747 -49.90 27.88 -45.79
C ILE B 747 -50.56 27.11 -44.67
N VAL B 748 -51.68 26.43 -44.95
CA VAL B 748 -52.34 25.61 -43.94
C VAL B 748 -51.50 24.38 -43.60
N ILE B 749 -50.84 23.81 -44.61
CA ILE B 749 -49.96 22.67 -44.36
C ILE B 749 -48.73 23.10 -43.55
N CYS B 750 -48.24 24.32 -43.80
CA CYS B 750 -47.14 24.85 -43.01
C CYS B 750 -47.57 25.15 -41.58
N VAL B 751 -48.80 25.62 -41.40
CA VAL B 751 -49.31 25.85 -40.05
C VAL B 751 -49.52 24.53 -39.31
N ILE B 752 -49.90 23.47 -40.03
CA ILE B 752 -50.03 22.16 -39.40
C ILE B 752 -48.67 21.57 -39.09
N TRP B 753 -47.66 21.86 -39.92
CA TRP B 753 -46.30 21.38 -39.71
C TRP B 753 -45.52 22.19 -38.68
N LEU B 754 -45.98 23.40 -38.38
CA LEU B 754 -45.37 24.19 -37.31
C LEU B 754 -45.54 23.55 -35.93
N TYR B 755 -46.56 22.69 -35.76
CA TYR B 755 -46.65 21.88 -34.56
C TYR B 755 -45.93 20.53 -34.72
N THR B 756 -45.88 19.98 -35.92
CA THR B 756 -45.25 18.68 -36.12
C THR B 756 -43.73 18.78 -36.04
N ALA B 757 -43.11 19.51 -36.98
CA ALA B 757 -41.69 19.76 -36.95
C ALA B 757 -41.45 20.99 -36.09
N PRO B 758 -40.33 21.06 -35.37
CA PRO B 758 -40.20 22.06 -34.31
C PRO B 758 -39.76 23.40 -34.86
N PRO B 759 -40.09 24.48 -34.14
CA PRO B 759 -39.38 25.76 -34.33
C PRO B 759 -38.17 25.85 -33.42
N SER B 760 -37.26 24.88 -33.54
CA SER B 760 -36.14 24.75 -32.61
C SER B 760 -34.95 24.13 -33.32
N SER B 761 -33.80 24.77 -33.18
CA SER B 761 -32.56 24.20 -33.69
C SER B 761 -31.95 23.25 -32.67
N TYR B 762 -31.56 22.06 -33.13
CA TYR B 762 -31.05 21.00 -32.27
C TYR B 762 -29.58 20.77 -32.55
N ARG B 763 -28.79 20.59 -31.50
CA ARG B 763 -27.38 20.25 -31.66
C ARG B 763 -27.19 18.75 -31.69
N ASN B 764 -26.13 18.31 -32.35
CA ASN B 764 -25.67 16.93 -32.27
C ASN B 764 -24.17 16.93 -31.98
N GLN B 765 -23.69 15.79 -31.51
CA GLN B 765 -22.26 15.58 -31.24
C GLN B 765 -21.86 14.29 -31.96
N GLU B 766 -21.46 14.43 -33.22
CA GLU B 766 -21.15 13.29 -34.09
C GLU B 766 -19.66 13.07 -34.25
N LEU B 767 -18.87 14.13 -34.27
CA LEU B 767 -17.43 14.03 -34.16
C LEU B 767 -17.06 14.04 -32.68
N GLU B 768 -15.78 14.20 -32.37
CA GLU B 768 -15.36 14.21 -30.98
C GLU B 768 -14.86 15.57 -30.52
N ASP B 769 -13.85 16.13 -31.18
CA ASP B 769 -13.23 17.34 -30.66
C ASP B 769 -14.08 18.57 -30.93
N GLU B 770 -14.26 18.91 -32.20
CA GLU B 770 -15.04 20.07 -32.63
C GLU B 770 -16.30 19.52 -33.27
N ILE B 771 -17.32 19.28 -32.45
CA ILE B 771 -18.53 18.62 -32.91
C ILE B 771 -19.75 19.41 -32.47
N ILE B 772 -19.55 20.66 -32.04
CA ILE B 772 -20.68 21.51 -31.68
C ILE B 772 -21.36 21.95 -32.97
N PHE B 773 -22.59 21.51 -33.18
CA PHE B 773 -23.36 21.77 -34.38
C PHE B 773 -24.70 22.40 -34.03
N ILE B 774 -25.46 22.73 -35.06
CA ILE B 774 -26.88 23.08 -34.94
C ILE B 774 -27.57 22.71 -36.25
N THR B 775 -28.59 21.85 -36.19
CA THR B 775 -29.10 21.20 -37.38
C THR B 775 -30.61 21.20 -37.53
N CYS B 776 -31.36 21.79 -36.58
CA CYS B 776 -32.77 22.13 -36.75
C CYS B 776 -33.79 21.00 -36.86
N HIS B 777 -33.34 19.74 -36.94
CA HIS B 777 -34.08 18.53 -36.56
C HIS B 777 -35.53 18.47 -37.07
N GLU B 778 -35.66 18.41 -38.40
CA GLU B 778 -36.97 18.29 -39.02
C GLU B 778 -37.65 17.00 -38.56
N GLY B 779 -38.92 17.12 -38.18
CA GLY B 779 -39.52 16.12 -37.31
C GLY B 779 -39.75 14.75 -37.89
N SER B 780 -40.75 14.58 -38.76
CA SER B 780 -40.87 13.30 -39.43
C SER B 780 -40.84 13.43 -40.94
N LEU B 781 -41.82 14.15 -41.49
CA LEU B 781 -41.92 14.27 -42.94
C LEU B 781 -42.44 15.63 -43.37
N MET B 782 -42.32 16.68 -42.55
CA MET B 782 -43.05 17.93 -42.79
C MET B 782 -42.50 18.68 -44.00
N ALA B 783 -41.18 18.87 -44.05
CA ALA B 783 -40.57 19.55 -45.19
C ALA B 783 -40.68 18.71 -46.45
N LEU B 784 -40.59 17.38 -46.32
CA LEU B 784 -40.73 16.50 -47.47
C LEU B 784 -42.13 16.57 -48.06
N GLY B 785 -43.16 16.58 -47.19
CA GLY B 785 -44.52 16.71 -47.66
C GLY B 785 -44.80 18.07 -48.27
N PHE B 786 -44.22 19.12 -47.69
CA PHE B 786 -44.42 20.47 -48.23
C PHE B 786 -43.75 20.62 -49.59
N LEU B 787 -42.54 20.06 -49.76
CA LEU B 787 -41.86 20.12 -51.04
C LEU B 787 -42.59 19.31 -52.10
N ILE B 788 -43.04 18.10 -51.74
CA ILE B 788 -43.75 17.25 -52.69
C ILE B 788 -45.15 17.79 -52.99
N GLY B 789 -45.71 18.59 -52.10
CA GLY B 789 -47.02 19.16 -52.35
C GLY B 789 -46.97 20.47 -53.09
N TYR B 790 -45.83 21.17 -53.07
CA TYR B 790 -45.75 22.42 -53.81
C TYR B 790 -44.86 22.33 -55.04
N THR B 791 -43.58 22.03 -54.88
CA THR B 791 -42.64 22.26 -55.96
C THR B 791 -42.50 21.06 -56.89
N CYS B 792 -42.68 19.84 -56.37
CA CYS B 792 -42.74 18.65 -57.21
C CYS B 792 -44.10 18.46 -57.85
N LEU B 793 -45.08 19.28 -57.49
CA LEU B 793 -46.42 19.22 -58.07
C LEU B 793 -46.68 20.32 -59.09
N LEU B 794 -46.22 21.55 -58.83
CA LEU B 794 -46.53 22.67 -59.72
C LEU B 794 -45.85 22.53 -61.07
N ALA B 795 -44.57 22.17 -61.08
CA ALA B 795 -43.84 21.97 -62.33
C ALA B 795 -44.38 20.78 -63.12
N ALA B 796 -44.72 19.67 -62.45
CA ALA B 796 -45.28 18.51 -63.13
C ALA B 796 -46.69 18.75 -63.64
N ILE B 797 -47.46 19.63 -63.00
CA ILE B 797 -48.77 19.99 -63.52
C ILE B 797 -48.62 20.92 -64.71
N CYS B 798 -47.68 21.86 -64.65
CA CYS B 798 -47.45 22.76 -65.77
C CYS B 798 -46.87 22.06 -66.98
N PHE B 799 -46.06 21.01 -66.78
CA PHE B 799 -45.59 20.22 -67.90
C PHE B 799 -46.72 19.46 -68.56
N PHE B 800 -47.70 19.00 -67.76
CA PHE B 800 -48.86 18.31 -68.31
C PHE B 800 -49.74 19.23 -69.14
N PHE B 801 -49.72 20.54 -68.91
CA PHE B 801 -50.47 21.47 -69.73
C PHE B 801 -49.66 22.06 -70.86
N ALA B 802 -48.33 22.14 -70.70
CA ALA B 802 -47.46 22.68 -71.74
C ALA B 802 -46.79 21.60 -72.57
N PHE B 803 -47.15 20.33 -72.39
CA PHE B 803 -46.71 19.29 -73.32
C PHE B 803 -47.32 19.51 -74.70
N LYS B 804 -48.49 20.14 -74.77
CA LYS B 804 -49.06 20.57 -76.04
C LYS B 804 -48.63 21.99 -76.42
N SER B 805 -47.92 22.70 -75.54
CA SER B 805 -47.52 24.06 -75.83
C SER B 805 -46.04 24.23 -76.13
N ARG B 806 -45.21 23.24 -75.78
CA ARG B 806 -43.78 23.33 -76.04
C ARG B 806 -43.49 23.29 -77.54
N LYS B 807 -44.29 22.54 -78.28
CA LYS B 807 -44.27 22.62 -79.74
C LYS B 807 -45.33 23.59 -80.24
N LEU B 808 -45.36 24.79 -79.65
CA LEU B 808 -46.32 25.81 -80.02
C LEU B 808 -45.78 27.19 -79.66
N PRO B 809 -45.49 28.05 -80.64
CA PRO B 809 -45.04 29.41 -80.32
C PRO B 809 -46.20 30.33 -80.01
N GLU B 810 -46.10 31.08 -78.91
CA GLU B 810 -47.13 32.02 -78.51
C GLU B 810 -46.50 33.10 -77.65
N ASN B 811 -46.79 34.36 -77.99
CA ASN B 811 -46.31 35.56 -77.29
C ASN B 811 -44.79 35.59 -77.22
N PHE B 812 -44.16 35.53 -78.40
CA PHE B 812 -42.70 35.46 -78.58
C PHE B 812 -42.11 34.26 -77.85
N ASN B 813 -42.70 33.09 -78.11
CA ASN B 813 -42.23 31.77 -77.65
C ASN B 813 -42.18 31.69 -76.12
N GLU B 814 -43.17 32.31 -75.47
CA GLU B 814 -43.22 32.28 -74.01
C GLU B 814 -43.54 30.88 -73.50
N ALA B 815 -44.26 30.08 -74.31
CA ALA B 815 -44.54 28.69 -73.93
C ALA B 815 -43.27 27.86 -73.90
N LYS B 816 -42.42 28.00 -74.92
CA LYS B 816 -41.14 27.28 -74.93
C LYS B 816 -40.20 27.80 -73.85
N PHE B 817 -40.21 29.11 -73.60
CA PHE B 817 -39.39 29.67 -72.52
C PHE B 817 -39.85 29.18 -71.15
N ILE B 818 -41.16 29.07 -70.93
CA ILE B 818 -41.66 28.59 -69.65
C ILE B 818 -41.40 27.10 -69.49
N THR B 819 -41.45 26.35 -70.60
CA THR B 819 -41.09 24.93 -70.54
C THR B 819 -39.61 24.75 -70.22
N PHE B 820 -38.74 25.60 -70.78
CA PHE B 820 -37.32 25.56 -70.45
C PHE B 820 -37.07 25.92 -68.99
N SER B 821 -37.81 26.92 -68.47
CA SER B 821 -37.69 27.29 -67.06
C SER B 821 -38.17 26.17 -66.14
N MET B 822 -39.26 25.50 -66.49
CA MET B 822 -39.75 24.39 -65.68
C MET B 822 -38.78 23.22 -65.71
N LEU B 823 -38.14 22.96 -66.86
CA LEU B 823 -37.13 21.92 -66.93
C LEU B 823 -35.89 22.28 -66.12
N ILE B 824 -35.52 23.56 -66.09
CA ILE B 824 -34.36 23.99 -65.30
C ILE B 824 -34.64 23.87 -63.81
N PHE B 825 -35.87 24.20 -63.40
CA PHE B 825 -36.24 24.02 -62.00
C PHE B 825 -36.30 22.55 -61.60
N PHE B 826 -36.76 21.69 -62.52
CA PHE B 826 -36.74 20.26 -62.27
C PHE B 826 -35.33 19.72 -62.17
N ILE B 827 -34.41 20.27 -62.97
CA ILE B 827 -33.00 19.87 -62.88
C ILE B 827 -32.38 20.31 -61.56
N VAL B 828 -32.74 21.52 -61.09
CA VAL B 828 -32.23 22.00 -59.82
C VAL B 828 -32.73 21.15 -58.66
N TRP B 829 -34.02 20.81 -58.68
CA TRP B 829 -34.55 19.95 -57.63
C TRP B 829 -34.10 18.51 -57.74
N ILE B 830 -33.67 18.06 -58.92
CA ILE B 830 -33.07 16.73 -59.01
C ILE B 830 -31.65 16.76 -58.47
N SER B 831 -30.91 17.84 -58.69
CA SER B 831 -29.57 17.97 -58.13
C SER B 831 -29.57 18.19 -56.63
N PHE B 832 -30.66 18.70 -56.09
CA PHE B 832 -30.71 19.05 -54.67
C PHE B 832 -30.73 17.82 -53.76
N ILE B 833 -31.53 16.82 -54.10
CA ILE B 833 -32.05 15.89 -53.08
C ILE B 833 -31.02 14.96 -52.44
N PRO B 834 -30.23 14.15 -53.18
CA PRO B 834 -29.34 13.23 -52.44
C PRO B 834 -28.13 13.93 -51.84
N ALA B 835 -27.66 15.01 -52.47
CA ALA B 835 -26.59 15.81 -51.89
C ALA B 835 -27.04 16.53 -50.63
N TYR B 836 -28.36 16.77 -50.50
CA TYR B 836 -28.89 17.26 -49.24
C TYR B 836 -28.99 16.14 -48.21
N ALA B 837 -29.45 14.97 -48.64
CA ALA B 837 -29.73 13.90 -47.69
C ALA B 837 -28.45 13.26 -47.15
N SER B 838 -27.32 13.45 -47.83
CA SER B 838 -26.10 12.75 -47.45
C SER B 838 -25.07 13.67 -46.79
N THR B 839 -25.44 14.88 -46.37
CA THR B 839 -24.42 15.76 -45.80
C THR B 839 -24.95 16.31 -44.46
N TYR B 840 -24.21 17.19 -43.79
CA TYR B 840 -24.46 17.50 -42.40
C TYR B 840 -24.02 18.93 -42.08
N GLY B 841 -24.56 19.47 -40.99
CA GLY B 841 -24.03 20.65 -40.33
C GLY B 841 -23.92 21.93 -41.12
N LYS B 842 -22.69 22.41 -41.30
CA LYS B 842 -22.45 23.58 -42.14
C LYS B 842 -22.75 23.27 -43.59
N PHE B 843 -22.48 22.04 -44.02
CA PHE B 843 -22.70 21.66 -45.41
C PHE B 843 -24.04 20.97 -45.62
N VAL B 844 -25.07 21.31 -44.83
CA VAL B 844 -26.40 20.82 -45.16
C VAL B 844 -27.37 21.97 -45.38
N SER B 845 -27.04 23.18 -44.91
CA SER B 845 -27.78 24.37 -45.28
C SER B 845 -27.29 24.97 -46.58
N ALA B 846 -26.01 24.79 -46.88
CA ALA B 846 -25.41 25.33 -48.09
C ALA B 846 -25.98 24.71 -49.35
N VAL B 847 -26.35 23.44 -49.33
CA VAL B 847 -26.98 22.82 -50.49
C VAL B 847 -28.41 23.30 -50.68
N GLU B 848 -29.16 23.50 -49.59
CA GLU B 848 -30.54 23.97 -49.70
C GLU B 848 -30.57 25.40 -50.20
N VAL B 849 -29.70 26.26 -49.69
CA VAL B 849 -29.70 27.65 -50.12
C VAL B 849 -29.18 27.76 -51.56
N ILE B 850 -28.30 26.84 -51.99
CA ILE B 850 -27.83 26.85 -53.37
C ILE B 850 -28.94 26.41 -54.32
N ALA B 851 -29.72 25.40 -53.91
CA ALA B 851 -30.83 24.95 -54.74
C ALA B 851 -31.92 26.01 -54.87
N ILE B 852 -32.18 26.73 -53.77
CA ILE B 852 -33.17 27.79 -53.81
C ILE B 852 -32.69 28.97 -54.66
N LEU B 853 -31.41 29.33 -54.55
CA LEU B 853 -30.87 30.37 -55.42
C LEU B 853 -30.86 29.95 -56.88
N ALA B 854 -30.60 28.66 -57.16
CA ALA B 854 -30.62 28.16 -58.54
C ALA B 854 -32.02 28.22 -59.13
N ALA B 855 -33.04 27.85 -58.36
CA ALA B 855 -34.42 27.92 -58.86
C ALA B 855 -34.85 29.37 -59.05
N SER B 856 -34.57 30.24 -58.08
CA SER B 856 -35.01 31.62 -58.15
C SER B 856 -34.25 32.43 -59.19
N PHE B 857 -33.01 32.05 -59.51
CA PHE B 857 -32.31 32.74 -60.58
C PHE B 857 -32.76 32.24 -61.94
N GLY B 858 -33.05 30.94 -62.05
CA GLY B 858 -33.45 30.38 -63.33
C GLY B 858 -34.84 30.82 -63.76
N LEU B 859 -35.80 30.82 -62.82
CA LEU B 859 -37.15 31.25 -63.14
C LEU B 859 -37.24 32.74 -63.47
N LEU B 860 -36.30 33.55 -62.99
CA LEU B 860 -36.23 34.94 -63.38
C LEU B 860 -35.49 35.16 -64.69
N ALA B 861 -34.40 34.43 -64.93
CA ALA B 861 -33.62 34.64 -66.15
C ALA B 861 -34.33 34.11 -67.38
N CYS B 862 -35.08 33.01 -67.27
CA CYS B 862 -35.77 32.47 -68.43
C CYS B 862 -37.04 33.24 -68.77
N ILE B 863 -37.47 34.17 -67.92
CA ILE B 863 -38.70 34.91 -68.11
C ILE B 863 -38.43 36.37 -68.46
N PHE B 864 -37.71 37.09 -67.58
CA PHE B 864 -37.66 38.54 -67.66
C PHE B 864 -36.86 39.04 -68.85
N PHE B 865 -35.75 38.38 -69.17
CA PHE B 865 -34.92 38.81 -70.30
C PHE B 865 -35.65 38.61 -71.62
N ASN B 866 -36.34 37.48 -71.79
CA ASN B 866 -37.10 37.24 -73.00
C ASN B 866 -38.32 38.17 -73.09
N LYS B 867 -38.89 38.55 -71.94
CA LYS B 867 -40.01 39.49 -71.99
C LYS B 867 -39.55 40.93 -72.20
N ILE B 868 -38.30 41.25 -71.86
CA ILE B 868 -37.82 42.62 -72.01
C ILE B 868 -37.24 42.85 -73.39
N TYR B 869 -36.30 41.99 -73.82
CA TYR B 869 -35.51 42.25 -75.02
C TYR B 869 -36.29 42.09 -76.31
N ILE B 870 -37.47 41.49 -76.28
CA ILE B 870 -38.27 41.30 -77.48
C ILE B 870 -39.01 42.58 -77.82
#